data_8SB9
#
_entry.id   8SB9
#
_cell.length_a   1.00
_cell.length_b   1.00
_cell.length_c   1.00
_cell.angle_alpha   90.00
_cell.angle_beta   90.00
_cell.angle_gamma   90.00
#
_symmetry.space_group_name_H-M   'P 1'
#
loop_
_entity.id
_entity.type
_entity.pdbx_description
1 polymer 'ATP-dependent translocase ABCB1'
2 non-polymer "ADENOSINE-5'-TRIPHOSPHATE"
3 non-polymer 'MAGNESIUM ION'
4 non-polymer "(2ALPHA,2'BETA,3BETA,4ALPHA,5BETA)-VINCALEUKOBLASTINE"
#
_entity_poly.entity_id   1
_entity_poly.type   'polypeptide(L)'
_entity_poly.pdbx_seq_one_letter_code
;MDLEGDRNGGAKKKNFFKLNNKSEKDKKEKKPTVSVFSMFRYSNWLDKLYMVVGTLAAIIHGAGLPLMMLVFGEMTDIFA
NAGNLEDLMSNITNRSDINDTGFFMNLEEDMTRYAYYYSGIGAGVLVAAYIQVSFWCLAAGRQIHKIRKQFFHAIMRQEI
GWFDVHDVGELNTRLTDDVSKINEGIGDKIGMFFQSMATFFTGFIVGFTRGWKLTLVILAISPVLGLSAAVWAKILSSFT
DKELLAYAKAGAVAEEVLAAIRTVIAFGGQKKELERYNKNLEEAKRIGIKKAITANISIGAAFLLIYASYALAFWYGTTL
VLSGEYSIGQVLTVFFSVLIGAFSVGQASPSIEAFANARGAAYEIFKIIDNKPSIDSYSKSGHKPDNIKGNLEFRNVHFS
YPSRKEVKILKGLNLKVQSGQTVALVGNSGCGKSTTVQLMQRLYDPTEGMVSVDGQDIRTINVRFLREIIGVVSQEPVLF
ATTIAENIRYGRENVTMDEIEKAVKEANAYDFIMKLPHKFDTLVGERGAQLSGGQKQRIAIARALVRNPKILLLDEATSA
LDTESEAVVQVALDKARKGRTTIVIAHRLSTVRNADVIAGFDDGVIVEKGNHDELMKEKGIYFKLVTMQTAGNEVELENA
ADESKSEIDALEMSSNDSRSSLIRKRSTRRSVRGSQAQDRKLSTKEALDESIPPVSFWRIMKLNLTEWPYFVVGVFCAII
NGGLQPAFAIIFSKIIGVFTRIDDPETKRQNSNLFSLLFLALGIISFITFFLQGFTFGKAGEILTKRLRYMVFRSMLRQD
VSWFDDPKNTTGALTTRLANDAAQVKGAIGSRLAVITQNIANLGTGIIISFIYGWQLTLLLLAIVPIIAIAGVVEMKMLS
GQALKDKKELEGSGKIATEAIENFRTVVSLTQEQKFEHMYAQSLQVPYRNSLRKAHIFGITFSFTQAMMYFSYAGCFRFG
AYLVAHKLMSFEDVLLVFSAVVFGAMAVGQVSSFAPDYAKAKISAAHIIMIIEKTPLIDSYSTEGLMPNTLEGNVTFGEV
VFNYPTRPDIPVLQGLSLEVKKGQTLALVGSSGCGKSTVVQLLERFYDPLAGKVLLDGKEIKRLNVQWLRAHLGIVSQEP
ILFDCSIAENIAYGDNSRVVSQEEIVRAAKEANIHAFIESLPNKYSTKVGDKGTQLSGGQKQRIAIARALVRQPHILLLD
EATSALDTESEKVVQEALDKAREGRTCIVIAHRLSTIQNADLIVVFQNGRVKEHGTHQQLLAQKGIYFSMVSVQAGTKRQ
;
_entity_poly.pdbx_strand_id   A
#
loop_
_chem_comp.id
_chem_comp.type
_chem_comp.name
_chem_comp.formula
ATP non-polymer ADENOSINE-5'-TRIPHOSPHATE 'C10 H16 N5 O13 P3'
MG non-polymer 'MAGNESIUM ION' 'Mg 2'
VLB non-polymer (2ALPHA,2'BETA,3BETA,4ALPHA,5BETA)-VINCALEUKOBLASTINE 'C46 H58 N4 O9'
#
# COMPACT_ATOMS: atom_id res chain seq x y z
N PHE A 37 -7.04 1.66 -27.63
CA PHE A 37 -8.15 1.34 -26.75
C PHE A 37 -8.88 2.61 -26.33
N SER A 38 -9.90 2.99 -27.12
CA SER A 38 -10.78 4.10 -26.79
C SER A 38 -12.22 3.68 -26.60
N MET A 39 -12.64 2.57 -27.17
CA MET A 39 -13.98 2.01 -26.95
C MET A 39 -13.79 0.61 -26.40
N PHE A 40 -13.66 0.51 -25.08
CA PHE A 40 -13.52 -0.78 -24.42
C PHE A 40 -14.79 -1.21 -23.69
N ARG A 41 -15.78 -0.33 -23.56
CA ARG A 41 -17.08 -0.76 -23.06
C ARG A 41 -17.64 -1.76 -24.06
N TYR A 42 -17.67 -3.04 -23.68
CA TYR A 42 -17.86 -4.10 -24.66
C TYR A 42 -18.83 -5.17 -24.19
N SER A 43 -19.80 -4.81 -23.35
CA SER A 43 -20.68 -5.82 -22.78
C SER A 43 -22.12 -5.35 -22.77
N ASN A 44 -23.04 -6.31 -22.88
CA ASN A 44 -24.47 -6.12 -22.65
C ASN A 44 -25.03 -5.02 -23.55
N TRP A 45 -24.99 -5.29 -24.86
CA TRP A 45 -25.46 -4.33 -25.86
C TRP A 45 -26.73 -3.62 -25.39
N LEU A 46 -27.65 -4.36 -24.76
CA LEU A 46 -28.86 -3.73 -24.25
C LEU A 46 -28.54 -2.69 -23.20
N ASP A 47 -27.53 -2.94 -22.37
CA ASP A 47 -27.16 -1.94 -21.37
C ASP A 47 -26.70 -0.64 -22.02
N LYS A 48 -26.34 -0.69 -23.30
CA LYS A 48 -25.99 0.54 -24.01
C LYS A 48 -27.14 1.53 -24.00
N LEU A 49 -28.37 1.05 -23.80
CA LEU A 49 -29.49 1.97 -23.67
C LEU A 49 -29.26 2.95 -22.52
N TYR A 50 -28.72 2.47 -21.40
CA TYR A 50 -28.32 3.36 -20.33
C TYR A 50 -27.27 4.35 -20.81
N MET A 51 -26.29 3.87 -21.57
CA MET A 51 -25.17 4.72 -21.97
C MET A 51 -25.66 5.94 -22.73
N VAL A 52 -26.47 5.72 -23.77
CA VAL A 52 -26.94 6.84 -24.58
C VAL A 52 -27.95 7.67 -23.80
N VAL A 53 -28.98 7.02 -23.26
CA VAL A 53 -30.07 7.76 -22.62
C VAL A 53 -29.51 8.64 -21.51
N GLY A 54 -28.72 8.05 -20.61
CA GLY A 54 -28.10 8.84 -19.58
C GLY A 54 -27.34 10.02 -20.17
N THR A 55 -26.50 9.75 -21.17
CA THR A 55 -25.78 10.82 -21.83
C THR A 55 -26.76 11.90 -22.28
N LEU A 56 -27.83 11.50 -22.96
CA LEU A 56 -28.83 12.47 -23.39
C LEU A 56 -29.29 13.30 -22.21
N ALA A 57 -29.69 12.64 -21.12
CA ALA A 57 -30.12 13.38 -19.95
C ALA A 57 -29.06 14.39 -19.55
N ALA A 58 -27.80 13.95 -19.46
CA ALA A 58 -26.73 14.86 -19.08
C ALA A 58 -26.79 16.11 -19.93
N ILE A 59 -26.87 15.95 -21.24
CA ILE A 59 -26.90 17.09 -22.14
C ILE A 59 -27.91 18.12 -21.63
N ILE A 60 -29.16 17.70 -21.47
CA ILE A 60 -30.18 18.68 -21.11
C ILE A 60 -29.86 19.29 -19.75
N HIS A 61 -29.44 18.47 -18.79
CA HIS A 61 -29.05 19.03 -17.51
C HIS A 61 -27.94 20.04 -17.69
N GLY A 62 -26.93 19.70 -18.51
CA GLY A 62 -25.87 20.65 -18.78
C GLY A 62 -26.42 21.95 -19.36
N ALA A 63 -27.41 21.83 -20.25
CA ALA A 63 -28.00 23.02 -20.85
C ALA A 63 -28.95 23.73 -19.90
N GLY A 64 -29.40 23.06 -18.85
CA GLY A 64 -30.42 23.64 -17.99
C GLY A 64 -29.97 24.94 -17.35
N LEU A 65 -28.75 24.98 -16.85
CA LEU A 65 -28.30 26.15 -16.10
C LEU A 65 -28.28 27.42 -16.95
N PRO A 66 -27.63 27.46 -18.11
CA PRO A 66 -27.68 28.70 -18.90
C PRO A 66 -29.09 29.15 -19.20
N LEU A 67 -29.99 28.22 -19.54
CA LEU A 67 -31.38 28.60 -19.76
C LEU A 67 -31.94 29.26 -18.51
N MET A 68 -31.69 28.68 -17.34
CA MET A 68 -32.14 29.29 -16.10
C MET A 68 -31.60 30.70 -15.98
N MET A 69 -30.35 30.94 -16.41
CA MET A 69 -29.82 32.29 -16.39
C MET A 69 -30.51 33.18 -17.42
N LEU A 70 -30.78 32.64 -18.62
CA LEU A 70 -31.46 33.42 -19.63
C LEU A 70 -32.67 34.11 -19.04
N VAL A 71 -33.63 33.33 -18.53
CA VAL A 71 -34.83 33.91 -17.94
C VAL A 71 -34.44 34.89 -16.85
N PHE A 72 -33.49 34.51 -15.99
CA PHE A 72 -33.06 35.42 -14.93
C PHE A 72 -32.72 36.79 -15.51
N GLY A 73 -31.92 36.81 -16.57
CA GLY A 73 -31.66 38.07 -17.24
C GLY A 73 -32.95 38.81 -17.47
N GLU A 74 -33.80 38.24 -18.32
CA GLU A 74 -35.08 38.87 -18.60
C GLU A 74 -35.81 39.20 -17.30
N MET A 75 -35.80 38.25 -16.35
CA MET A 75 -36.49 38.49 -15.09
C MET A 75 -36.02 39.79 -14.46
N THR A 76 -34.70 39.96 -14.35
CA THR A 76 -34.18 41.19 -13.76
C THR A 76 -34.74 42.41 -14.48
N ASP A 77 -34.74 42.38 -15.82
CA ASP A 77 -35.27 43.51 -16.57
C ASP A 77 -36.64 43.87 -16.06
N ILE A 78 -37.52 42.87 -15.90
CA ILE A 78 -38.87 43.13 -15.40
C ILE A 78 -38.78 44.00 -14.15
N PHE A 79 -38.09 43.49 -13.12
CA PHE A 79 -37.93 44.26 -11.90
C PHE A 79 -37.37 45.64 -12.21
N ALA A 80 -36.27 45.68 -12.95
CA ALA A 80 -35.65 46.96 -13.26
C ALA A 80 -36.64 47.88 -13.95
N ASN A 81 -37.45 47.33 -14.85
CA ASN A 81 -38.49 48.13 -15.47
C ASN A 81 -39.54 48.54 -14.44
N ALA A 82 -40.05 47.57 -13.68
CA ALA A 82 -41.16 47.86 -12.78
C ALA A 82 -40.76 48.87 -11.72
N GLY A 83 -39.58 48.71 -11.13
CA GLY A 83 -39.10 49.68 -10.17
C GLY A 83 -38.94 51.06 -10.78
N ASN A 84 -38.61 51.13 -12.08
CA ASN A 84 -38.37 52.43 -12.75
C ASN A 84 -39.65 53.27 -12.78
N LEU A 85 -40.83 52.67 -12.53
CA LEU A 85 -42.07 53.42 -12.44
C LEU A 85 -42.27 53.99 -11.05
N MET A 105 -49.65 48.83 -10.02
CA MET A 105 -48.55 48.09 -10.63
C MET A 105 -48.83 46.58 -10.56
N ASN A 106 -48.49 45.87 -11.64
CA ASN A 106 -48.75 44.44 -11.76
C ASN A 106 -47.43 43.75 -12.08
N LEU A 107 -46.70 43.38 -11.02
CA LEU A 107 -45.48 42.64 -10.73
C LEU A 107 -45.76 41.28 -10.13
N GLU A 108 -46.88 41.12 -9.44
CA GLU A 108 -47.20 39.82 -8.85
C GLU A 108 -47.38 38.76 -9.92
N GLU A 109 -48.16 39.07 -10.96
CA GLU A 109 -48.42 38.08 -12.00
C GLU A 109 -47.15 37.75 -12.77
N ASP A 110 -46.38 38.77 -13.15
CA ASP A 110 -45.15 38.53 -13.90
C ASP A 110 -44.16 37.73 -13.07
N MET A 111 -43.99 38.11 -11.80
CA MET A 111 -43.09 37.36 -10.93
C MET A 111 -43.57 35.94 -10.75
N THR A 112 -44.88 35.74 -10.62
CA THR A 112 -45.42 34.40 -10.44
C THR A 112 -45.17 33.53 -11.66
N ARG A 113 -45.35 34.07 -12.87
CA ARG A 113 -45.11 33.26 -14.06
C ARG A 113 -43.63 32.98 -14.25
N TYR A 114 -42.76 33.93 -13.90
CA TYR A 114 -41.34 33.65 -13.95
C TYR A 114 -40.95 32.58 -12.93
N ALA A 115 -41.56 32.62 -11.75
CA ALA A 115 -41.33 31.57 -10.76
C ALA A 115 -41.84 30.22 -11.27
N TYR A 116 -42.94 30.22 -12.02
CA TYR A 116 -43.40 28.99 -12.65
C TYR A 116 -42.38 28.47 -13.64
N TYR A 117 -41.80 29.37 -14.44
CA TYR A 117 -40.72 28.97 -15.34
C TYR A 117 -39.58 28.33 -14.57
N TYR A 118 -39.17 28.97 -13.47
CA TYR A 118 -38.08 28.45 -12.67
C TYR A 118 -38.41 27.08 -12.10
N SER A 119 -39.62 26.91 -11.58
CA SER A 119 -40.01 25.62 -11.03
C SER A 119 -40.02 24.55 -12.10
N GLY A 120 -40.49 24.90 -13.30
CA GLY A 120 -40.50 23.94 -14.39
C GLY A 120 -39.09 23.49 -14.76
N ILE A 121 -38.18 24.46 -14.91
CA ILE A 121 -36.80 24.08 -15.23
C ILE A 121 -36.20 23.28 -14.07
N GLY A 122 -36.57 23.61 -12.84
CA GLY A 122 -36.07 22.86 -11.71
C GLY A 122 -36.52 21.41 -11.73
N ALA A 123 -37.79 21.18 -12.05
CA ALA A 123 -38.27 19.81 -12.18
C ALA A 123 -37.58 19.09 -13.34
N GLY A 124 -37.38 19.79 -14.45
CA GLY A 124 -36.64 19.21 -15.55
C GLY A 124 -35.26 18.75 -15.12
N VAL A 125 -34.58 19.57 -14.32
CA VAL A 125 -33.28 19.16 -13.80
C VAL A 125 -33.44 17.99 -12.85
N LEU A 126 -34.45 18.04 -11.97
CA LEU A 126 -34.67 16.94 -11.04
C LEU A 126 -34.78 15.62 -11.77
N VAL A 127 -35.32 15.63 -12.97
CA VAL A 127 -35.39 14.40 -13.76
C VAL A 127 -34.06 14.13 -14.45
N ALA A 128 -33.48 15.15 -15.09
CA ALA A 128 -32.34 14.93 -15.96
C ALA A 128 -31.10 14.51 -15.19
N ALA A 129 -30.80 15.21 -14.10
CA ALA A 129 -29.62 14.85 -13.31
C ALA A 129 -29.73 13.44 -12.75
N TYR A 130 -30.90 13.10 -12.21
CA TYR A 130 -31.12 11.75 -11.72
C TYR A 130 -30.90 10.75 -12.83
N ILE A 131 -31.49 10.99 -14.00
CA ILE A 131 -31.36 10.03 -15.08
C ILE A 131 -29.89 9.84 -15.45
N GLN A 132 -29.16 10.95 -15.62
CA GLN A 132 -27.77 10.81 -16.03
C GLN A 132 -26.99 10.01 -15.00
N VAL A 133 -27.05 10.41 -13.74
CA VAL A 133 -26.21 9.78 -12.74
C VAL A 133 -26.60 8.32 -12.56
N SER A 134 -27.89 8.06 -12.38
CA SER A 134 -28.37 6.71 -12.20
C SER A 134 -27.99 5.82 -13.38
N PHE A 135 -28.43 6.16 -14.58
CA PHE A 135 -28.16 5.31 -15.73
C PHE A 135 -26.66 5.08 -15.91
N TRP A 136 -25.86 6.14 -15.79
CA TRP A 136 -24.44 5.96 -16.02
C TRP A 136 -23.81 5.04 -14.98
N CYS A 137 -24.16 5.22 -13.71
CA CYS A 137 -23.62 4.33 -12.69
C CYS A 137 -24.14 2.91 -12.86
N LEU A 138 -25.36 2.75 -13.36
CA LEU A 138 -25.87 1.41 -13.65
C LEU A 138 -25.02 0.73 -14.71
N ALA A 139 -24.76 1.44 -15.81
CA ALA A 139 -23.94 0.86 -16.87
C ALA A 139 -22.56 0.54 -16.34
N ALA A 140 -21.98 1.45 -15.55
CA ALA A 140 -20.64 1.22 -15.01
C ALA A 140 -20.62 -0.01 -14.12
N GLY A 141 -21.60 -0.13 -13.21
CA GLY A 141 -21.61 -1.27 -12.31
C GLY A 141 -21.80 -2.58 -13.04
N ARG A 142 -22.74 -2.62 -13.99
CA ARG A 142 -22.97 -3.85 -14.73
C ARG A 142 -21.74 -4.26 -15.52
N GLN A 143 -21.14 -3.31 -16.24
CA GLN A 143 -19.95 -3.63 -17.02
C GLN A 143 -18.80 -4.06 -16.12
N ILE A 144 -18.64 -3.42 -14.96
CA ILE A 144 -17.56 -3.77 -14.07
C ILE A 144 -17.77 -5.18 -13.52
N HIS A 145 -19.00 -5.52 -13.16
CA HIS A 145 -19.27 -6.88 -12.70
C HIS A 145 -18.93 -7.88 -13.78
N LYS A 146 -19.38 -7.63 -15.01
CA LYS A 146 -19.12 -8.55 -16.10
C LYS A 146 -17.63 -8.69 -16.33
N ILE A 147 -16.89 -7.58 -16.34
CA ILE A 147 -15.47 -7.64 -16.65
C ILE A 147 -14.70 -8.31 -15.53
N ARG A 148 -15.11 -8.09 -14.27
CA ARG A 148 -14.44 -8.78 -13.18
C ARG A 148 -14.65 -10.28 -13.26
N LYS A 149 -15.89 -10.71 -13.55
CA LYS A 149 -16.14 -12.14 -13.73
C LYS A 149 -15.27 -12.69 -14.85
N GLN A 150 -15.25 -12.01 -16.00
CA GLN A 150 -14.47 -12.50 -17.13
C GLN A 150 -12.98 -12.51 -16.80
N PHE A 151 -12.51 -11.51 -16.05
CA PHE A 151 -11.10 -11.43 -15.71
C PHE A 151 -10.69 -12.60 -14.84
N PHE A 152 -11.47 -12.90 -13.80
CA PHE A 152 -11.15 -14.04 -12.96
C PHE A 152 -11.24 -15.34 -13.77
N HIS A 153 -12.26 -15.46 -14.62
CA HIS A 153 -12.38 -16.66 -15.44
C HIS A 153 -11.15 -16.84 -16.33
N ALA A 154 -10.68 -15.75 -16.95
CA ALA A 154 -9.50 -15.84 -17.79
C ALA A 154 -8.28 -16.23 -16.97
N ILE A 155 -8.11 -15.62 -15.80
CA ILE A 155 -6.96 -15.95 -14.98
C ILE A 155 -6.94 -17.42 -14.63
N MET A 156 -8.09 -17.96 -14.23
CA MET A 156 -8.14 -19.36 -13.83
C MET A 156 -7.83 -20.29 -15.00
N ARG A 157 -7.98 -19.81 -16.23
CA ARG A 157 -7.74 -20.64 -17.41
C ARG A 157 -6.30 -20.58 -17.90
N GLN A 158 -5.46 -19.70 -17.34
CA GLN A 158 -4.11 -19.53 -17.86
C GLN A 158 -3.24 -20.75 -17.53
N GLU A 159 -2.13 -20.85 -18.25
CA GLU A 159 -1.21 -21.97 -18.11
C GLU A 159 -0.29 -21.77 -16.91
N ILE A 160 0.22 -22.90 -16.38
CA ILE A 160 1.01 -22.85 -15.16
C ILE A 160 2.28 -22.04 -15.37
N GLY A 161 2.93 -22.23 -16.52
CA GLY A 161 4.14 -21.47 -16.79
C GLY A 161 3.89 -19.98 -16.79
N TRP A 162 2.74 -19.57 -17.29
CA TRP A 162 2.39 -18.16 -17.28
C TRP A 162 2.30 -17.63 -15.85
N PHE A 163 1.73 -18.42 -14.94
CA PHE A 163 1.74 -18.04 -13.54
C PHE A 163 3.16 -17.98 -13.00
N ASP A 164 4.01 -18.92 -13.43
CA ASP A 164 5.40 -18.90 -12.97
C ASP A 164 6.09 -17.60 -13.37
N VAL A 165 5.86 -17.15 -14.61
CA VAL A 165 6.48 -15.92 -15.09
C VAL A 165 5.83 -14.71 -14.44
N HIS A 166 4.49 -14.69 -14.36
CA HIS A 166 3.76 -13.54 -13.87
C HIS A 166 3.61 -13.60 -12.35
N ASP A 167 3.98 -12.53 -11.67
CA ASP A 167 3.95 -12.50 -10.21
C ASP A 167 2.53 -12.73 -9.70
N VAL A 168 2.43 -13.53 -8.63
CA VAL A 168 1.12 -13.83 -8.05
C VAL A 168 0.53 -12.59 -7.40
N GLY A 169 1.33 -11.89 -6.58
CA GLY A 169 0.81 -10.73 -5.88
C GLY A 169 0.46 -9.60 -6.82
N GLU A 170 1.27 -9.40 -7.86
CA GLU A 170 0.96 -8.38 -8.85
C GLU A 170 -0.38 -8.65 -9.51
N LEU A 171 -0.64 -9.91 -9.88
CA LEU A 171 -1.90 -10.25 -10.52
C LEU A 171 -3.07 -10.09 -9.56
N ASN A 172 -2.90 -10.50 -8.30
CA ASN A 172 -3.98 -10.37 -7.33
C ASN A 172 -4.32 -8.91 -7.10
N THR A 173 -3.32 -8.07 -6.87
CA THR A 173 -3.60 -6.64 -6.68
C THR A 173 -4.12 -6.01 -7.95
N ARG A 174 -3.72 -6.51 -9.11
CA ARG A 174 -4.31 -6.07 -10.37
C ARG A 174 -5.82 -6.28 -10.35
N LEU A 175 -6.24 -7.51 -10.05
CA LEU A 175 -7.68 -7.78 -9.98
C LEU A 175 -8.35 -6.91 -8.93
N THR A 176 -7.68 -6.69 -7.79
CA THR A 176 -8.33 -5.99 -6.69
C THR A 176 -8.46 -4.49 -6.94
N ASP A 177 -7.54 -3.89 -7.69
CA ASP A 177 -7.49 -2.44 -7.83
C ASP A 177 -7.86 -1.93 -9.21
N ASP A 178 -7.41 -2.57 -10.29
CA ASP A 178 -7.64 -2.03 -11.62
C ASP A 178 -9.13 -2.03 -11.97
N VAL A 179 -9.88 -3.04 -11.53
CA VAL A 179 -11.32 -3.03 -11.78
C VAL A 179 -11.96 -1.84 -11.09
N SER A 180 -11.52 -1.52 -9.87
CA SER A 180 -12.01 -0.32 -9.20
C SER A 180 -11.62 0.92 -9.98
N LYS A 181 -10.42 0.93 -10.56
CA LYS A 181 -10.01 2.07 -11.38
C LYS A 181 -10.93 2.23 -12.58
N ILE A 182 -11.28 1.14 -13.24
CA ILE A 182 -12.20 1.21 -14.36
C ILE A 182 -13.55 1.73 -13.90
N ASN A 183 -14.04 1.23 -12.77
CA ASN A 183 -15.31 1.70 -12.25
C ASN A 183 -15.29 3.20 -12.01
N GLU A 184 -14.21 3.70 -11.40
CA GLU A 184 -14.07 5.13 -11.18
C GLU A 184 -13.90 5.89 -12.49
N GLY A 185 -13.46 5.22 -13.55
CA GLY A 185 -13.25 5.86 -14.82
C GLY A 185 -14.44 5.95 -15.72
N ILE A 186 -15.60 5.42 -15.30
CA ILE A 186 -16.82 5.51 -16.08
C ILE A 186 -18.00 5.72 -15.15
N GLY A 187 -19.15 6.03 -15.75
CA GLY A 187 -20.38 6.24 -15.03
C GLY A 187 -20.53 7.65 -14.47
N ASP A 188 -19.91 7.93 -13.33
CA ASP A 188 -20.07 9.27 -12.75
C ASP A 188 -19.28 10.29 -13.54
N LYS A 189 -18.00 10.00 -13.79
CA LYS A 189 -17.14 10.97 -14.45
C LYS A 189 -17.62 11.27 -15.85
N ILE A 190 -18.09 10.26 -16.58
CA ILE A 190 -18.54 10.49 -17.95
C ILE A 190 -19.76 11.39 -17.95
N GLY A 191 -20.72 11.13 -17.07
CA GLY A 191 -21.86 12.01 -16.96
C GLY A 191 -21.45 13.44 -16.66
N MET A 192 -20.52 13.60 -15.71
CA MET A 192 -20.07 14.95 -15.38
C MET A 192 -19.42 15.62 -16.57
N PHE A 193 -18.59 14.89 -17.31
CA PHE A 193 -17.92 15.46 -18.47
C PHE A 193 -18.94 15.91 -19.51
N PHE A 194 -19.91 15.05 -19.83
CA PHE A 194 -20.89 15.42 -20.83
C PHE A 194 -21.71 16.62 -20.38
N GLN A 195 -22.11 16.66 -19.11
CA GLN A 195 -22.91 17.79 -18.65
C GLN A 195 -22.08 19.08 -18.66
N SER A 196 -20.80 18.99 -18.30
CA SER A 196 -19.95 20.17 -18.33
C SER A 196 -19.79 20.69 -19.76
N MET A 197 -19.54 19.79 -20.70
CA MET A 197 -19.38 20.22 -22.09
C MET A 197 -20.68 20.81 -22.62
N ALA A 198 -21.81 20.21 -22.28
CA ALA A 198 -23.09 20.75 -22.70
C ALA A 198 -23.31 22.13 -22.12
N THR A 199 -22.97 22.32 -20.85
CA THR A 199 -23.10 23.64 -20.23
C THR A 199 -22.23 24.66 -20.93
N PHE A 200 -20.99 24.28 -21.26
CA PHE A 200 -20.10 25.19 -21.97
C PHE A 200 -20.69 25.61 -23.31
N PHE A 201 -21.09 24.63 -24.12
CA PHE A 201 -21.67 24.93 -25.42
C PHE A 201 -22.90 25.82 -25.28
N THR A 202 -23.83 25.42 -24.41
CA THR A 202 -25.07 26.18 -24.27
C THR A 202 -24.81 27.58 -23.76
N GLY A 203 -23.83 27.73 -22.86
CA GLY A 203 -23.52 29.06 -22.37
C GLY A 203 -23.02 29.96 -23.48
N PHE A 204 -22.12 29.45 -24.33
CA PHE A 204 -21.67 30.26 -25.44
C PHE A 204 -22.79 30.55 -26.43
N ILE A 205 -23.67 29.58 -26.66
CA ILE A 205 -24.79 29.80 -27.56
C ILE A 205 -25.66 30.93 -27.03
N VAL A 206 -26.00 30.87 -25.75
CA VAL A 206 -26.84 31.91 -25.14
C VAL A 206 -26.14 33.26 -25.20
N GLY A 207 -24.84 33.28 -24.89
CA GLY A 207 -24.11 34.53 -24.94
C GLY A 207 -24.16 35.17 -26.31
N PHE A 208 -23.90 34.38 -27.35
CA PHE A 208 -23.96 34.92 -28.70
C PHE A 208 -25.36 35.39 -29.05
N THR A 209 -26.38 34.59 -28.71
CA THR A 209 -27.74 34.93 -29.10
C THR A 209 -28.19 36.22 -28.43
N ARG A 210 -28.08 36.29 -27.10
CA ARG A 210 -28.50 37.48 -26.37
C ARG A 210 -27.40 38.53 -26.28
N GLY A 211 -26.18 38.21 -26.69
CA GLY A 211 -25.08 39.15 -26.65
C GLY A 211 -24.26 39.12 -27.91
N TRP A 212 -23.98 40.29 -28.48
CA TRP A 212 -23.24 40.40 -29.74
C TRP A 212 -21.83 40.93 -29.56
N LYS A 213 -21.64 41.94 -28.72
CA LYS A 213 -20.33 42.52 -28.48
C LYS A 213 -19.74 42.17 -27.13
N LEU A 214 -20.58 42.06 -26.09
CA LEU A 214 -20.06 41.71 -24.77
C LEU A 214 -19.54 40.29 -24.74
N THR A 215 -20.24 39.37 -25.42
CA THR A 215 -19.78 37.98 -25.45
C THR A 215 -18.39 37.88 -26.07
N LEU A 216 -18.13 38.66 -27.12
CA LEU A 216 -16.82 38.60 -27.76
C LEU A 216 -15.72 39.01 -26.79
N VAL A 217 -15.92 40.10 -26.05
CA VAL A 217 -14.89 40.55 -25.13
C VAL A 217 -14.71 39.54 -24.00
N ILE A 218 -15.81 38.96 -23.51
CA ILE A 218 -15.68 37.97 -22.44
C ILE A 218 -14.88 36.77 -22.93
N LEU A 219 -15.23 36.25 -24.10
CA LEU A 219 -14.52 35.10 -24.63
C LEU A 219 -13.11 35.44 -25.07
N ALA A 220 -12.80 36.73 -25.27
CA ALA A 220 -11.43 37.13 -25.52
C ALA A 220 -10.63 37.15 -24.23
N ILE A 221 -11.24 37.59 -23.14
CA ILE A 221 -10.57 37.56 -21.84
C ILE A 221 -10.34 36.12 -21.40
N SER A 222 -11.28 35.22 -21.71
CA SER A 222 -11.21 33.86 -21.18
C SER A 222 -9.89 33.16 -21.50
N PRO A 223 -9.40 33.14 -22.74
CA PRO A 223 -8.14 32.46 -23.01
C PRO A 223 -6.97 32.98 -22.22
N VAL A 224 -6.95 34.28 -21.89
CA VAL A 224 -5.90 34.79 -21.01
C VAL A 224 -5.97 34.10 -19.66
N LEU A 225 -7.18 33.97 -19.10
CA LEU A 225 -7.35 33.26 -17.85
C LEU A 225 -6.89 31.81 -17.98
N GLY A 226 -7.25 31.15 -19.08
CA GLY A 226 -6.83 29.77 -19.27
C GLY A 226 -5.33 29.62 -19.30
N LEU A 227 -4.66 30.50 -20.04
CA LEU A 227 -3.20 30.45 -20.12
C LEU A 227 -2.57 30.68 -18.76
N SER A 228 -3.06 31.68 -18.03
CA SER A 228 -2.50 31.97 -16.71
C SER A 228 -2.69 30.79 -15.77
N ALA A 229 -3.88 30.19 -15.78
CA ALA A 229 -4.14 29.06 -14.90
C ALA A 229 -3.27 27.86 -15.25
N ALA A 230 -3.09 27.60 -16.55
CA ALA A 230 -2.21 26.51 -16.96
C ALA A 230 -0.78 26.75 -16.52
N VAL A 231 -0.30 27.99 -16.67
CA VAL A 231 1.06 28.31 -16.23
C VAL A 231 1.19 28.08 -14.73
N TRP A 232 0.20 28.53 -13.95
CA TRP A 232 0.25 28.33 -12.51
C TRP A 232 0.27 26.85 -12.16
N ALA A 233 -0.55 26.05 -12.84
CA ALA A 233 -0.57 24.62 -12.56
C ALA A 233 0.77 23.97 -12.87
N LYS A 234 1.38 24.34 -14.01
CA LYS A 234 2.69 23.78 -14.35
C LYS A 234 3.73 24.16 -13.31
N ILE A 235 3.72 25.42 -12.87
CA ILE A 235 4.68 25.85 -11.86
C ILE A 235 4.49 25.06 -10.57
N LEU A 236 3.22 24.87 -10.17
CA LEU A 236 2.95 24.12 -8.95
C LEU A 236 3.45 22.68 -9.07
N SER A 237 3.21 22.04 -10.21
CA SER A 237 3.67 20.66 -10.38
C SER A 237 5.19 20.59 -10.33
N SER A 238 5.87 21.55 -10.96
CA SER A 238 7.33 21.56 -10.92
C SER A 238 7.84 21.71 -9.50
N PHE A 239 7.25 22.64 -8.74
CA PHE A 239 7.66 22.81 -7.35
C PHE A 239 7.42 21.55 -6.54
N THR A 240 6.28 20.89 -6.78
CA THR A 240 5.96 19.68 -6.04
C THR A 240 6.99 18.58 -6.32
N ASP A 241 7.35 18.39 -7.59
CA ASP A 241 8.35 17.37 -7.92
C ASP A 241 9.70 17.71 -7.30
N LYS A 242 10.10 18.97 -7.36
CA LYS A 242 11.38 19.37 -6.77
C LYS A 242 11.40 19.09 -5.27
N GLU A 243 10.31 19.42 -4.58
CA GLU A 243 10.23 19.12 -3.15
C GLU A 243 10.24 17.62 -2.91
N LEU A 244 9.60 16.85 -3.79
CA LEU A 244 9.61 15.40 -3.66
C LEU A 244 11.04 14.89 -3.66
N LEU A 245 11.86 15.34 -4.62
CA LEU A 245 13.26 14.92 -4.66
C LEU A 245 14.03 15.42 -3.44
N ALA A 246 13.80 16.67 -3.06
CA ALA A 246 14.53 17.25 -1.94
C ALA A 246 14.30 16.43 -0.68
N TYR A 247 13.05 16.05 -0.41
CA TYR A 247 12.81 15.20 0.74
C TYR A 247 13.22 13.75 0.50
N ALA A 248 13.24 13.30 -0.76
CA ALA A 248 13.70 11.95 -1.02
C ALA A 248 15.13 11.76 -0.57
N LYS A 249 15.94 12.82 -0.65
CA LYS A 249 17.28 12.76 -0.08
C LYS A 249 17.23 12.35 1.40
N ALA A 250 16.57 13.17 2.21
CA ALA A 250 16.45 12.87 3.64
C ALA A 250 15.81 11.52 3.87
N GLY A 251 14.90 11.11 2.99
CA GLY A 251 14.24 9.83 3.15
C GLY A 251 15.19 8.67 2.94
N ALA A 252 16.09 8.80 1.97
CA ALA A 252 17.14 7.80 1.80
C ALA A 252 18.02 7.75 3.04
N VAL A 253 18.35 8.90 3.60
CA VAL A 253 19.15 8.92 4.83
C VAL A 253 18.41 8.20 5.95
N ALA A 254 17.12 8.49 6.10
CA ALA A 254 16.33 7.88 7.16
C ALA A 254 16.24 6.38 6.98
N GLU A 255 16.03 5.93 5.74
CA GLU A 255 15.97 4.50 5.48
C GLU A 255 17.29 3.84 5.84
N GLU A 256 18.40 4.45 5.44
CA GLU A 256 19.71 3.87 5.74
C GLU A 256 19.94 3.75 7.24
N VAL A 257 19.58 4.78 8.01
CA VAL A 257 19.80 4.72 9.45
C VAL A 257 18.85 3.71 10.10
N LEU A 258 17.57 3.75 9.74
CA LEU A 258 16.59 2.89 10.40
C LEU A 258 16.85 1.42 10.10
N ALA A 259 17.12 1.09 8.83
CA ALA A 259 17.26 -0.31 8.45
C ALA A 259 18.39 -0.99 9.21
N ALA A 260 19.32 -0.23 9.76
CA ALA A 260 20.43 -0.77 10.57
C ALA A 260 20.31 -0.27 12.00
N ILE A 261 19.09 -0.27 12.54
CA ILE A 261 18.87 0.29 13.86
C ILE A 261 19.69 -0.45 14.91
N ARG A 262 19.82 -1.77 14.77
CA ARG A 262 20.59 -2.54 15.75
C ARG A 262 22.00 -1.99 15.90
N THR A 263 22.71 -1.83 14.78
CA THR A 263 24.08 -1.34 14.84
C THR A 263 24.12 0.08 15.40
N VAL A 264 23.23 0.95 14.95
CA VAL A 264 23.26 2.34 15.37
C VAL A 264 23.05 2.44 16.87
N ILE A 265 22.05 1.71 17.39
CA ILE A 265 21.77 1.78 18.82
C ILE A 265 22.90 1.12 19.61
N ALA A 266 23.51 0.07 19.07
CA ALA A 266 24.63 -0.55 19.74
C ALA A 266 25.79 0.44 19.90
N PHE A 267 26.12 1.15 18.83
CA PHE A 267 27.18 2.14 18.89
C PHE A 267 26.71 3.48 19.47
N GLY A 268 25.41 3.68 19.63
CA GLY A 268 24.92 4.92 20.19
C GLY A 268 25.27 6.14 19.37
N GLY A 269 25.18 6.03 18.05
CA GLY A 269 25.45 7.16 17.19
C GLY A 269 24.21 8.01 16.94
N GLN A 270 23.30 8.03 17.92
CA GLN A 270 22.03 8.71 17.72
C GLN A 270 22.23 10.18 17.36
N LYS A 271 23.17 10.85 18.03
CA LYS A 271 23.35 12.27 17.80
C LYS A 271 23.72 12.55 16.35
N LYS A 272 24.65 11.78 15.80
CA LYS A 272 25.10 12.03 14.43
C LYS A 272 23.96 11.85 13.43
N GLU A 273 23.21 10.76 13.58
CA GLU A 273 22.09 10.52 12.67
C GLU A 273 21.05 11.62 12.79
N LEU A 274 20.74 12.03 14.02
CA LEU A 274 19.77 13.09 14.21
C LEU A 274 20.24 14.39 13.57
N GLU A 275 21.52 14.72 13.73
CA GLU A 275 22.04 15.94 13.12
C GLU A 275 21.96 15.88 11.60
N ARG A 276 22.32 14.74 11.01
CA ARG A 276 22.22 14.62 9.55
C ARG A 276 20.78 14.76 9.08
N TYR A 277 19.85 14.13 9.80
CA TYR A 277 18.45 14.22 9.42
C TYR A 277 17.95 15.65 9.51
N ASN A 278 18.35 16.38 10.55
CA ASN A 278 17.97 17.79 10.64
C ASN A 278 18.56 18.59 9.47
N LYS A 279 19.82 18.30 9.12
CA LYS A 279 20.44 18.98 8.01
C LYS A 279 19.60 18.82 6.74
N ASN A 280 19.16 17.60 6.48
CA ASN A 280 18.32 17.38 5.30
C ASN A 280 16.96 18.07 5.45
N LEU A 281 16.38 18.00 6.65
CA LEU A 281 15.06 18.57 6.87
C LEU A 281 15.06 20.07 6.63
N GLU A 282 16.20 20.74 6.82
CA GLU A 282 16.24 22.18 6.57
C GLU A 282 15.89 22.49 5.12
N GLU A 283 16.57 21.84 4.17
CA GLU A 283 16.26 22.04 2.77
C GLU A 283 14.85 21.56 2.45
N ALA A 284 14.44 20.46 3.05
CA ALA A 284 13.08 19.99 2.86
C ALA A 284 12.07 21.09 3.19
N LYS A 285 12.25 21.73 4.34
CA LYS A 285 11.34 22.79 4.77
C LYS A 285 11.40 23.98 3.84
N ARG A 286 12.61 24.36 3.40
CA ARG A 286 12.72 25.50 2.49
C ARG A 286 11.88 25.26 1.23
N ILE A 287 12.06 24.11 0.60
CA ILE A 287 11.33 23.87 -0.65
C ILE A 287 9.85 23.71 -0.38
N GLY A 288 9.47 23.12 0.75
CA GLY A 288 8.05 23.02 1.08
C GLY A 288 7.41 24.39 1.23
N ILE A 289 8.11 25.32 1.88
CA ILE A 289 7.61 26.68 2.00
C ILE A 289 7.44 27.31 0.63
N LYS A 290 8.44 27.11 -0.25
CA LYS A 290 8.32 27.64 -1.60
C LYS A 290 7.08 27.09 -2.30
N LYS A 291 6.85 25.78 -2.18
CA LYS A 291 5.71 25.16 -2.83
C LYS A 291 4.40 25.74 -2.31
N ALA A 292 4.26 25.86 -0.99
CA ALA A 292 3.03 26.38 -0.42
C ALA A 292 2.80 27.82 -0.87
N ILE A 293 3.85 28.63 -0.87
CA ILE A 293 3.73 30.00 -1.34
C ILE A 293 3.23 30.03 -2.78
N THR A 294 3.82 29.19 -3.63
CA THR A 294 3.43 29.19 -5.04
C THR A 294 1.97 28.77 -5.20
N ALA A 295 1.52 27.78 -4.43
CA ALA A 295 0.13 27.34 -4.52
C ALA A 295 -0.82 28.46 -4.13
N ASN A 296 -0.55 29.11 -3.00
CA ASN A 296 -1.42 30.19 -2.57
C ASN A 296 -1.40 31.35 -3.55
N ILE A 297 -0.23 31.66 -4.13
CA ILE A 297 -0.16 32.74 -5.09
C ILE A 297 -0.91 32.39 -6.36
N SER A 298 -0.90 31.12 -6.76
CA SER A 298 -1.71 30.71 -7.90
C SER A 298 -3.19 30.92 -7.61
N ILE A 299 -3.63 30.54 -6.41
CA ILE A 299 -5.02 30.75 -6.03
C ILE A 299 -5.36 32.24 -6.10
N GLY A 300 -4.48 33.07 -5.55
CA GLY A 300 -4.73 34.51 -5.57
C GLY A 300 -4.78 35.07 -6.97
N ALA A 301 -3.91 34.58 -7.86
CA ALA A 301 -3.93 35.03 -9.24
C ALA A 301 -5.23 34.65 -9.92
N ALA A 302 -5.72 33.43 -9.65
CA ALA A 302 -7.00 33.04 -10.21
C ALA A 302 -8.10 33.97 -9.74
N PHE A 303 -8.14 34.27 -8.44
CA PHE A 303 -9.12 35.22 -7.93
C PHE A 303 -9.00 36.57 -8.63
N LEU A 304 -7.77 37.06 -8.76
CA LEU A 304 -7.56 38.38 -9.32
C LEU A 304 -8.05 38.44 -10.76
N LEU A 305 -7.70 37.43 -11.56
CA LEU A 305 -8.16 37.41 -12.94
C LEU A 305 -9.68 37.34 -13.02
N ILE A 306 -10.29 36.53 -12.15
CA ILE A 306 -11.75 36.40 -12.19
C ILE A 306 -12.42 37.74 -11.88
N TYR A 307 -11.95 38.42 -10.84
CA TYR A 307 -12.59 39.68 -10.48
C TYR A 307 -12.26 40.77 -11.48
N ALA A 308 -11.09 40.74 -12.11
CA ALA A 308 -10.80 41.67 -13.18
C ALA A 308 -11.75 41.45 -14.35
N SER A 309 -12.04 40.20 -14.67
CA SER A 309 -13.02 39.91 -15.71
C SER A 309 -14.38 40.47 -15.32
N TYR A 310 -14.80 40.27 -14.07
CA TYR A 310 -16.06 40.84 -13.61
C TYR A 310 -16.07 42.35 -13.82
N ALA A 311 -15.03 43.03 -13.35
CA ALA A 311 -14.98 44.48 -13.44
C ALA A 311 -15.06 44.94 -14.89
N LEU A 312 -14.25 44.35 -15.75
CA LEU A 312 -14.22 44.76 -17.15
C LEU A 312 -15.56 44.51 -17.82
N ALA A 313 -16.14 43.34 -17.58
CA ALA A 313 -17.41 43.01 -18.22
C ALA A 313 -18.51 43.96 -17.79
N PHE A 314 -18.60 44.25 -16.48
CA PHE A 314 -19.62 45.18 -16.02
C PHE A 314 -19.36 46.58 -16.53
N TRP A 315 -18.09 46.99 -16.59
CA TRP A 315 -17.75 48.29 -17.14
C TRP A 315 -18.26 48.44 -18.56
N TYR A 316 -17.91 47.47 -19.42
CA TYR A 316 -18.31 47.55 -20.82
C TYR A 316 -19.82 47.44 -20.98
N GLY A 317 -20.45 46.56 -20.20
CA GLY A 317 -21.89 46.41 -20.30
C GLY A 317 -22.63 47.65 -19.83
N THR A 318 -22.16 48.28 -18.76
CA THR A 318 -22.74 49.54 -18.31
C THR A 318 -22.58 50.60 -19.39
N THR A 319 -21.40 50.69 -20.00
CA THR A 319 -21.22 51.63 -21.10
C THR A 319 -22.26 51.40 -22.18
N LEU A 320 -22.38 50.15 -22.64
CA LEU A 320 -23.30 49.87 -23.73
C LEU A 320 -24.74 50.18 -23.35
N VAL A 321 -25.18 49.69 -22.18
CA VAL A 321 -26.57 49.88 -21.79
C VAL A 321 -26.88 51.37 -21.62
N LEU A 322 -25.95 52.12 -21.04
CA LEU A 322 -26.11 53.57 -21.02
C LEU A 322 -26.18 54.14 -22.42
N SER A 323 -25.56 53.46 -23.38
CA SER A 323 -25.63 53.86 -24.78
C SER A 323 -26.92 53.43 -25.45
N GLY A 324 -27.95 53.09 -24.68
CA GLY A 324 -29.20 52.63 -25.26
C GLY A 324 -29.17 51.20 -25.75
N GLU A 325 -28.09 50.46 -25.47
CA GLU A 325 -28.00 49.09 -25.92
C GLU A 325 -28.92 48.19 -25.09
N TYR A 326 -28.82 46.90 -25.33
CA TYR A 326 -29.66 45.93 -24.64
C TYR A 326 -29.67 46.19 -23.14
N SER A 327 -30.81 45.89 -22.52
CA SER A 327 -31.04 46.25 -21.14
C SER A 327 -30.04 45.57 -20.22
N ILE A 328 -30.02 46.00 -18.97
CA ILE A 328 -29.07 45.48 -18.00
C ILE A 328 -29.27 43.99 -17.81
N GLY A 329 -30.52 43.53 -17.84
CA GLY A 329 -30.77 42.10 -17.72
C GLY A 329 -30.06 41.31 -18.80
N GLN A 330 -30.04 41.84 -20.02
CA GLN A 330 -29.31 41.18 -21.10
C GLN A 330 -27.84 41.05 -20.75
N VAL A 331 -27.25 42.10 -20.17
CA VAL A 331 -25.85 42.03 -19.76
C VAL A 331 -25.66 40.96 -18.70
N LEU A 332 -26.57 40.93 -17.72
CA LEU A 332 -26.47 39.93 -16.66
C LEU A 332 -26.47 38.52 -17.24
N THR A 333 -27.46 38.22 -18.09
CA THR A 333 -27.58 36.87 -18.63
C THR A 333 -26.37 36.52 -19.48
N VAL A 334 -25.97 37.41 -20.39
CA VAL A 334 -24.86 37.08 -21.27
C VAL A 334 -23.59 36.84 -20.48
N PHE A 335 -23.29 37.74 -19.53
CA PHE A 335 -22.06 37.61 -18.76
C PHE A 335 -22.08 36.33 -17.93
N PHE A 336 -23.17 36.10 -17.18
CA PHE A 336 -23.23 34.91 -16.35
C PHE A 336 -23.11 33.64 -17.18
N SER A 337 -23.89 33.55 -18.25
CA SER A 337 -23.89 32.33 -19.04
C SER A 337 -22.52 32.08 -19.65
N VAL A 338 -21.91 33.11 -20.25
CA VAL A 338 -20.64 32.90 -20.92
C VAL A 338 -19.58 32.49 -19.90
N LEU A 339 -19.53 33.15 -18.75
CA LEU A 339 -18.51 32.80 -17.77
C LEU A 339 -18.75 31.40 -17.22
N ILE A 340 -20.01 31.04 -16.97
CA ILE A 340 -20.30 29.73 -16.43
C ILE A 340 -19.88 28.65 -17.42
N GLY A 341 -20.12 28.87 -18.71
CA GLY A 341 -19.67 27.91 -19.70
C GLY A 341 -18.15 27.84 -19.76
N ALA A 342 -17.51 29.00 -19.79
CA ALA A 342 -16.05 29.06 -19.89
C ALA A 342 -15.35 28.53 -18.65
N PHE A 343 -16.07 28.31 -17.56
CA PHE A 343 -15.50 27.62 -16.42
C PHE A 343 -15.97 26.18 -16.28
N SER A 344 -17.13 25.83 -16.83
CA SER A 344 -17.48 24.41 -16.92
C SER A 344 -16.50 23.69 -17.82
N VAL A 345 -15.97 24.38 -18.84
CA VAL A 345 -14.99 23.76 -19.72
C VAL A 345 -13.83 23.21 -18.91
N GLY A 346 -13.33 24.00 -17.95
CA GLY A 346 -12.27 23.52 -17.08
C GLY A 346 -12.76 22.56 -16.02
N GLN A 347 -14.00 22.73 -15.55
CA GLN A 347 -14.56 21.80 -14.58
C GLN A 347 -14.65 20.39 -15.13
N ALA A 348 -14.67 20.24 -16.46
CA ALA A 348 -14.77 18.91 -17.05
C ALA A 348 -13.52 18.07 -16.85
N SER A 349 -12.35 18.70 -16.70
CA SER A 349 -11.08 17.99 -16.83
C SER A 349 -10.92 16.77 -15.93
N PRO A 350 -11.33 16.78 -14.66
CA PRO A 350 -11.11 15.59 -13.83
C PRO A 350 -11.68 14.34 -14.43
N SER A 351 -12.82 14.44 -15.12
CA SER A 351 -13.42 13.27 -15.75
C SER A 351 -12.52 12.71 -16.83
N ILE A 352 -11.95 13.57 -17.68
CA ILE A 352 -11.09 13.06 -18.72
C ILE A 352 -9.82 12.48 -18.12
N GLU A 353 -9.32 13.07 -17.03
CA GLU A 353 -8.17 12.47 -16.36
C GLU A 353 -8.49 11.08 -15.86
N ALA A 354 -9.66 10.90 -15.25
CA ALA A 354 -10.06 9.58 -14.76
C ALA A 354 -10.21 8.59 -15.91
N PHE A 355 -10.80 9.03 -17.02
CA PHE A 355 -10.96 8.14 -18.16
C PHE A 355 -9.61 7.72 -18.73
N ALA A 356 -8.67 8.66 -18.84
CA ALA A 356 -7.35 8.31 -19.30
C ALA A 356 -6.70 7.29 -18.36
N ASN A 357 -6.84 7.51 -17.04
CA ASN A 357 -6.33 6.53 -16.09
C ASN A 357 -6.92 5.15 -16.36
N ALA A 358 -8.25 5.08 -16.47
CA ALA A 358 -8.90 3.80 -16.68
C ALA A 358 -8.52 3.17 -18.01
N ARG A 359 -8.08 3.97 -18.98
CA ARG A 359 -7.70 3.40 -20.27
C ARG A 359 -6.56 2.41 -20.11
N GLY A 360 -5.55 2.74 -19.31
CA GLY A 360 -4.43 1.83 -19.14
C GLY A 360 -4.82 0.54 -18.44
N ALA A 361 -5.62 0.65 -17.38
CA ALA A 361 -6.10 -0.54 -16.70
C ALA A 361 -6.88 -1.42 -17.65
N ALA A 362 -7.75 -0.83 -18.46
CA ALA A 362 -8.50 -1.62 -19.43
C ALA A 362 -7.56 -2.27 -20.43
N TYR A 363 -6.56 -1.53 -20.91
CA TYR A 363 -5.61 -2.11 -21.85
C TYR A 363 -4.97 -3.36 -21.27
N GLU A 364 -4.43 -3.25 -20.06
CA GLU A 364 -3.75 -4.39 -19.45
C GLU A 364 -4.71 -5.56 -19.23
N ILE A 365 -5.90 -5.28 -18.69
CA ILE A 365 -6.83 -6.35 -18.35
C ILE A 365 -7.29 -7.07 -19.61
N PHE A 366 -7.62 -6.31 -20.65
CA PHE A 366 -8.07 -6.93 -21.89
C PHE A 366 -6.92 -7.68 -22.56
N LYS A 367 -5.69 -7.17 -22.44
CA LYS A 367 -4.55 -7.92 -22.97
C LYS A 367 -4.45 -9.28 -22.31
N ILE A 368 -4.61 -9.33 -20.99
CA ILE A 368 -4.63 -10.62 -20.30
C ILE A 368 -5.78 -11.48 -20.81
N ILE A 369 -6.98 -10.90 -20.88
CA ILE A 369 -8.16 -11.68 -21.18
C ILE A 369 -8.06 -12.32 -22.56
N ASP A 370 -7.65 -11.54 -23.55
CA ASP A 370 -7.57 -12.05 -24.92
C ASP A 370 -6.47 -13.09 -25.09
N ASN A 371 -5.54 -13.20 -24.14
CA ASN A 371 -4.45 -14.14 -24.27
C ASN A 371 -4.99 -15.56 -24.45
N LYS A 372 -4.45 -16.28 -25.42
CA LYS A 372 -4.86 -17.65 -25.70
C LYS A 372 -3.78 -18.61 -25.26
N PRO A 373 -4.01 -19.48 -24.28
CA PRO A 373 -2.97 -20.43 -23.88
C PRO A 373 -3.03 -21.71 -24.70
N SER A 374 -1.85 -22.24 -25.02
CA SER A 374 -1.77 -23.45 -25.82
C SER A 374 -2.43 -24.63 -25.11
N ILE A 375 -2.16 -24.78 -23.82
CA ILE A 375 -2.75 -25.88 -23.04
C ILE A 375 -4.08 -25.37 -22.52
N ASP A 376 -5.12 -25.53 -23.36
CA ASP A 376 -6.44 -25.00 -23.06
C ASP A 376 -7.08 -25.86 -21.98
N SER A 377 -6.97 -25.40 -20.73
CA SER A 377 -7.52 -26.14 -19.61
C SER A 377 -9.04 -26.26 -19.68
N TYR A 378 -9.70 -25.42 -20.48
CA TYR A 378 -11.15 -25.42 -20.58
C TYR A 378 -11.67 -26.00 -21.88
N SER A 379 -10.84 -26.13 -22.91
CA SER A 379 -11.31 -26.63 -24.19
C SER A 379 -11.93 -28.01 -24.01
N LYS A 380 -13.11 -28.20 -24.59
CA LYS A 380 -13.84 -29.46 -24.53
C LYS A 380 -13.71 -30.28 -25.80
N SER A 381 -12.83 -29.87 -26.72
CA SER A 381 -12.69 -30.56 -28.00
C SER A 381 -11.72 -31.74 -27.93
N GLY A 382 -10.95 -31.88 -26.86
CA GLY A 382 -10.00 -32.97 -26.77
C GLY A 382 -10.68 -34.31 -26.59
N HIS A 383 -9.94 -35.36 -26.93
CA HIS A 383 -10.46 -36.72 -26.78
C HIS A 383 -10.65 -37.05 -25.30
N LYS A 384 -11.64 -37.89 -25.03
CA LYS A 384 -12.00 -38.27 -23.66
C LYS A 384 -12.05 -39.78 -23.56
N PRO A 385 -10.89 -40.44 -23.54
CA PRO A 385 -10.87 -41.90 -23.39
C PRO A 385 -11.49 -42.33 -22.07
N ASP A 386 -12.19 -43.47 -22.11
CA ASP A 386 -12.86 -44.03 -20.95
C ASP A 386 -12.17 -45.28 -20.42
N ASN A 387 -11.89 -46.25 -21.28
CA ASN A 387 -11.22 -47.48 -20.87
C ASN A 387 -9.73 -47.20 -20.80
N ILE A 388 -9.32 -46.52 -19.74
CA ILE A 388 -7.94 -46.06 -19.58
C ILE A 388 -7.21 -47.15 -18.79
N LYS A 389 -6.53 -48.03 -19.52
CA LYS A 389 -5.66 -49.01 -18.89
C LYS A 389 -4.37 -48.32 -18.45
N GLY A 390 -4.00 -48.51 -17.18
CA GLY A 390 -2.82 -47.86 -16.63
C GLY A 390 -1.58 -48.13 -17.45
N ASN A 391 -1.11 -47.11 -18.17
CA ASN A 391 0.07 -47.26 -19.01
C ASN A 391 0.61 -45.89 -19.34
N LEU A 392 1.83 -45.59 -18.92
CA LEU A 392 2.51 -44.36 -19.25
C LEU A 392 3.69 -44.67 -20.16
N GLU A 393 3.92 -43.81 -21.15
CA GLU A 393 5.00 -44.01 -22.12
C GLU A 393 5.59 -42.66 -22.47
N PHE A 394 6.80 -42.39 -21.99
CA PHE A 394 7.56 -41.20 -22.35
C PHE A 394 8.68 -41.61 -23.29
N ARG A 395 8.78 -40.91 -24.43
CA ARG A 395 9.78 -41.21 -25.44
C ARG A 395 10.59 -39.95 -25.71
N ASN A 396 11.90 -40.02 -25.44
CA ASN A 396 12.83 -38.93 -25.72
C ASN A 396 12.29 -37.61 -25.18
N VAL A 397 11.76 -37.64 -23.97
CA VAL A 397 11.11 -36.48 -23.38
C VAL A 397 12.18 -35.48 -22.95
N HIS A 398 12.23 -34.34 -23.61
CA HIS A 398 13.11 -33.24 -23.25
C HIS A 398 12.27 -32.05 -22.81
N PHE A 399 12.74 -31.35 -21.77
CA PHE A 399 11.97 -30.27 -21.20
C PHE A 399 12.91 -29.17 -20.72
N SER A 400 12.39 -27.94 -20.72
CA SER A 400 13.10 -26.79 -20.19
C SER A 400 12.06 -25.81 -19.65
N TYR A 401 12.26 -25.36 -18.42
CA TYR A 401 11.29 -24.47 -17.79
C TYR A 401 11.13 -23.21 -18.63
N PRO A 402 9.89 -22.78 -18.91
CA PRO A 402 9.72 -21.55 -19.71
C PRO A 402 10.37 -20.33 -19.09
N SER A 403 10.41 -20.24 -17.76
CA SER A 403 11.05 -19.09 -17.13
C SER A 403 12.51 -18.98 -17.52
N ARG A 404 13.20 -20.13 -17.65
CA ARG A 404 14.59 -20.18 -18.08
C ARG A 404 14.67 -21.15 -19.27
N LYS A 405 14.45 -20.62 -20.47
CA LYS A 405 14.45 -21.46 -21.66
C LYS A 405 15.86 -21.94 -22.00
N GLU A 406 16.88 -21.15 -21.67
CA GLU A 406 18.25 -21.56 -21.97
C GLU A 406 18.63 -22.82 -21.22
N VAL A 407 18.28 -22.90 -19.94
CA VAL A 407 18.63 -24.05 -19.11
C VAL A 407 17.70 -25.21 -19.48
N LYS A 408 18.29 -26.33 -19.87
CA LYS A 408 17.54 -27.54 -20.20
C LYS A 408 17.68 -28.54 -19.07
N ILE A 409 16.56 -29.04 -18.57
CA ILE A 409 16.57 -29.95 -17.43
C ILE A 409 16.61 -31.40 -17.87
N LEU A 410 15.73 -31.79 -18.79
CA LEU A 410 15.72 -33.14 -19.33
C LEU A 410 16.49 -33.15 -20.63
N LYS A 411 17.41 -34.11 -20.76
CA LYS A 411 18.24 -34.27 -21.95
C LYS A 411 17.80 -35.50 -22.74
N GLY A 412 16.48 -35.70 -22.84
CA GLY A 412 15.93 -36.88 -23.47
C GLY A 412 15.69 -37.97 -22.46
N LEU A 413 14.56 -38.66 -22.56
CA LEU A 413 14.23 -39.70 -21.59
C LEU A 413 13.27 -40.68 -22.23
N ASN A 414 13.50 -41.97 -21.98
CA ASN A 414 12.61 -43.03 -22.44
C ASN A 414 12.21 -43.87 -21.23
N LEU A 415 10.91 -44.13 -21.09
CA LEU A 415 10.41 -44.90 -19.95
C LEU A 415 8.98 -45.35 -20.19
N LYS A 416 8.73 -46.64 -20.04
CA LYS A 416 7.40 -47.22 -20.16
C LYS A 416 7.02 -47.88 -18.85
N VAL A 417 5.86 -47.51 -18.32
CA VAL A 417 5.32 -48.06 -17.08
C VAL A 417 3.98 -48.70 -17.39
N GLN A 418 3.83 -49.97 -17.02
CA GLN A 418 2.61 -50.73 -17.29
C GLN A 418 1.64 -50.62 -16.11
N SER A 419 0.44 -51.13 -16.31
CA SER A 419 -0.60 -51.05 -15.29
C SER A 419 -0.19 -51.81 -14.03
N GLY A 420 -0.58 -51.27 -12.88
CA GLY A 420 -0.29 -51.92 -11.62
C GLY A 420 1.19 -52.05 -11.33
N GLN A 421 1.97 -51.03 -11.62
CA GLN A 421 3.41 -51.03 -11.39
C GLN A 421 3.78 -49.89 -10.46
N THR A 422 4.66 -50.18 -9.50
CA THR A 422 5.14 -49.19 -8.55
C THR A 422 6.50 -48.70 -9.03
N VAL A 423 6.49 -47.62 -9.79
CA VAL A 423 7.71 -47.01 -10.30
C VAL A 423 8.15 -45.92 -9.35
N ALA A 424 9.46 -45.70 -9.27
CA ALA A 424 10.01 -44.66 -8.43
C ALA A 424 11.21 -44.03 -9.11
N LEU A 425 11.52 -42.79 -8.72
CA LEU A 425 12.63 -42.05 -9.27
C LEU A 425 13.63 -41.72 -8.17
N VAL A 426 14.91 -41.88 -8.48
CA VAL A 426 15.99 -41.58 -7.54
C VAL A 426 17.08 -40.82 -8.29
N GLY A 427 17.67 -39.84 -7.62
CA GLY A 427 18.75 -39.08 -8.21
C GLY A 427 19.35 -38.14 -7.20
N ASN A 428 20.42 -37.46 -7.61
CA ASN A 428 21.05 -36.47 -6.76
C ASN A 428 20.19 -35.21 -6.71
N SER A 429 20.68 -34.20 -6.01
CA SER A 429 19.96 -32.94 -5.94
C SER A 429 19.80 -32.36 -7.34
N GLY A 430 18.62 -31.81 -7.61
CA GLY A 430 18.33 -31.30 -8.93
C GLY A 430 18.14 -32.38 -9.98
N CYS A 431 17.79 -33.60 -9.56
CA CYS A 431 17.64 -34.71 -10.50
C CYS A 431 16.45 -34.51 -11.43
N GLY A 432 15.57 -33.54 -11.18
CA GLY A 432 14.45 -33.28 -12.03
C GLY A 432 13.23 -34.14 -11.78
N LYS A 433 13.25 -34.99 -10.76
CA LYS A 433 12.08 -35.81 -10.46
C LYS A 433 10.83 -34.95 -10.32
N SER A 434 10.94 -33.84 -9.60
CA SER A 434 9.79 -32.97 -9.42
C SER A 434 9.28 -32.47 -10.77
N THR A 435 10.18 -32.03 -11.64
CA THR A 435 9.76 -31.60 -12.96
C THR A 435 9.19 -32.76 -13.75
N THR A 436 9.75 -33.96 -13.57
CA THR A 436 9.21 -35.14 -14.24
C THR A 436 7.74 -35.33 -13.90
N VAL A 437 7.43 -35.32 -12.60
CA VAL A 437 6.04 -35.52 -12.19
C VAL A 437 5.17 -34.36 -12.67
N GLN A 438 5.68 -33.13 -12.56
CA GLN A 438 4.91 -31.99 -13.04
C GLN A 438 4.49 -32.18 -14.49
N LEU A 439 5.45 -32.49 -15.36
CA LEU A 439 5.12 -32.74 -16.75
C LEU A 439 4.26 -33.98 -16.91
N MET A 440 4.30 -34.91 -15.95
CA MET A 440 3.49 -36.11 -16.04
C MET A 440 2.01 -35.77 -16.08
N GLN A 441 1.57 -34.82 -15.26
CA GLN A 441 0.16 -34.47 -15.17
C GLN A 441 -0.31 -33.57 -16.31
N ARG A 442 0.53 -33.34 -17.31
CA ARG A 442 0.22 -32.50 -18.46
C ARG A 442 0.17 -31.01 -18.10
N LEU A 443 0.66 -30.63 -16.92
CA LEU A 443 0.68 -29.22 -16.57
C LEU A 443 1.50 -28.42 -17.58
N TYR A 444 2.62 -28.97 -18.02
CA TYR A 444 3.43 -28.42 -19.07
C TYR A 444 3.26 -29.25 -20.34
N ASP A 445 4.06 -28.94 -21.36
CA ASP A 445 4.13 -29.73 -22.56
C ASP A 445 5.59 -30.10 -22.83
N PRO A 446 5.83 -31.22 -23.51
CA PRO A 446 7.23 -31.66 -23.71
C PRO A 446 7.94 -30.81 -24.74
N THR A 447 9.08 -30.25 -24.36
CA THR A 447 9.85 -29.42 -25.27
C THR A 447 10.23 -30.20 -26.52
N GLU A 448 10.85 -31.38 -26.34
CA GLU A 448 11.27 -32.21 -27.46
C GLU A 448 11.11 -33.66 -27.01
N GLY A 449 10.09 -34.33 -27.51
CA GLY A 449 9.81 -35.70 -27.15
C GLY A 449 8.32 -35.98 -27.31
N MET A 450 7.87 -37.00 -26.57
CA MET A 450 6.45 -37.35 -26.60
C MET A 450 6.09 -38.04 -25.29
N VAL A 451 4.84 -37.85 -24.87
CA VAL A 451 4.29 -38.50 -23.68
C VAL A 451 2.90 -39.00 -24.02
N SER A 452 2.62 -40.26 -23.69
CA SER A 452 1.33 -40.87 -23.98
C SER A 452 0.85 -41.66 -22.78
N VAL A 453 -0.47 -41.75 -22.64
CA VAL A 453 -1.10 -42.51 -21.57
C VAL A 453 -1.97 -43.59 -22.22
N ASP A 454 -1.79 -44.83 -21.76
CA ASP A 454 -2.51 -45.97 -22.31
C ASP A 454 -2.29 -46.09 -23.82
N GLY A 455 -1.10 -45.74 -24.28
CA GLY A 455 -0.78 -45.82 -25.70
C GLY A 455 -1.21 -44.64 -26.53
N GLN A 456 -1.90 -43.66 -25.94
CA GLN A 456 -2.40 -42.50 -26.66
C GLN A 456 -1.67 -41.26 -26.18
N ASP A 457 -1.36 -40.35 -27.12
CA ASP A 457 -0.63 -39.15 -26.78
C ASP A 457 -1.37 -38.36 -25.72
N ILE A 458 -0.62 -37.82 -24.75
CA ILE A 458 -1.23 -37.06 -23.67
C ILE A 458 -1.98 -35.86 -24.22
N ARG A 459 -1.39 -35.15 -25.17
CA ARG A 459 -2.02 -33.95 -25.71
C ARG A 459 -3.36 -34.27 -26.35
N THR A 460 -3.45 -35.40 -27.05
CA THR A 460 -4.68 -35.72 -27.77
C THR A 460 -5.88 -35.77 -26.83
N ILE A 461 -5.71 -36.35 -25.65
CA ILE A 461 -6.82 -36.43 -24.71
C ILE A 461 -7.14 -35.04 -24.16
N ASN A 462 -8.39 -34.88 -23.74
CA ASN A 462 -8.81 -33.62 -23.15
C ASN A 462 -8.00 -33.34 -21.89
N VAL A 463 -7.56 -32.09 -21.75
CA VAL A 463 -6.73 -31.73 -20.60
C VAL A 463 -7.49 -31.99 -19.31
N ARG A 464 -8.75 -31.56 -19.26
CA ARG A 464 -9.55 -31.77 -18.05
C ARG A 464 -9.76 -33.24 -17.79
N PHE A 465 -10.07 -34.02 -18.84
CA PHE A 465 -10.30 -35.45 -18.64
C PHE A 465 -9.06 -36.14 -18.10
N LEU A 466 -7.89 -35.84 -18.66
CA LEU A 466 -6.66 -36.45 -18.17
C LEU A 466 -6.35 -36.01 -16.74
N ARG A 467 -6.52 -34.71 -16.45
CA ARG A 467 -6.19 -34.23 -15.11
C ARG A 467 -7.09 -34.86 -14.07
N GLU A 468 -8.38 -35.02 -14.38
CA GLU A 468 -9.32 -35.57 -13.41
C GLU A 468 -9.02 -37.01 -13.04
N ILE A 469 -8.17 -37.70 -13.80
CA ILE A 469 -7.90 -39.11 -13.55
C ILE A 469 -6.47 -39.30 -13.06
N ILE A 470 -5.91 -38.26 -12.43
CA ILE A 470 -4.54 -38.31 -11.92
C ILE A 470 -4.53 -37.71 -10.52
N GLY A 471 -4.11 -38.50 -9.54
CA GLY A 471 -3.94 -38.02 -8.18
C GLY A 471 -2.50 -37.57 -7.98
N VAL A 472 -2.32 -36.39 -7.42
CA VAL A 472 -1.00 -35.80 -7.20
C VAL A 472 -0.90 -35.34 -5.76
N VAL A 473 0.15 -35.75 -5.07
CA VAL A 473 0.42 -35.35 -3.69
C VAL A 473 1.81 -34.73 -3.67
N SER A 474 1.88 -33.44 -3.31
CA SER A 474 3.14 -32.73 -3.32
C SER A 474 3.89 -32.95 -2.01
N GLN A 475 5.07 -32.36 -1.92
CA GLN A 475 5.91 -32.49 -0.74
C GLN A 475 5.53 -31.53 0.37
N GLU A 476 4.60 -30.61 0.12
CA GLU A 476 4.17 -29.65 1.12
C GLU A 476 2.73 -29.24 0.85
N PRO A 477 1.78 -30.18 0.92
CA PRO A 477 0.38 -29.83 0.66
C PRO A 477 -0.15 -28.87 1.71
N VAL A 478 -1.06 -28.01 1.27
CA VAL A 478 -1.76 -27.08 2.15
C VAL A 478 -3.24 -27.17 1.86
N LEU A 479 -4.06 -27.15 2.91
CA LEU A 479 -5.50 -27.30 2.77
C LEU A 479 -6.17 -25.93 2.64
N PHE A 480 -7.32 -25.93 1.97
CA PHE A 480 -8.08 -24.71 1.80
C PHE A 480 -8.71 -24.30 3.13
N ALA A 481 -8.76 -22.99 3.38
CA ALA A 481 -9.24 -22.46 4.65
C ALA A 481 -10.75 -22.60 4.72
N THR A 482 -11.20 -23.82 4.96
CA THR A 482 -12.62 -24.13 5.11
C THR A 482 -12.75 -25.41 5.93
N THR A 483 -13.94 -25.98 5.92
CA THR A 483 -14.18 -27.22 6.66
C THR A 483 -13.43 -28.39 6.03
N ILE A 484 -13.00 -29.31 6.89
CA ILE A 484 -12.27 -30.48 6.40
C ILE A 484 -13.11 -31.25 5.41
N ALA A 485 -14.42 -31.36 5.67
CA ALA A 485 -15.31 -32.02 4.73
C ALA A 485 -15.29 -31.33 3.38
N GLU A 486 -15.31 -29.99 3.37
CA GLU A 486 -15.23 -29.26 2.11
C GLU A 486 -13.89 -29.50 1.41
N ASN A 487 -12.80 -29.51 2.18
CA ASN A 487 -11.49 -29.74 1.58
C ASN A 487 -11.46 -31.10 0.90
N ILE A 488 -11.96 -32.14 1.57
CA ILE A 488 -11.98 -33.46 0.95
C ILE A 488 -12.93 -33.49 -0.23
N ARG A 489 -14.05 -32.77 -0.14
CA ARG A 489 -15.00 -32.74 -1.25
C ARG A 489 -14.37 -32.09 -2.48
N TYR A 490 -13.43 -31.16 -2.27
CA TYR A 490 -12.78 -30.52 -3.41
C TYR A 490 -12.08 -31.53 -4.31
N GLY A 491 -11.76 -32.71 -3.79
CA GLY A 491 -11.22 -33.76 -4.65
C GLY A 491 -12.18 -34.16 -5.75
N ARG A 492 -13.46 -34.31 -5.41
CA ARG A 492 -14.46 -34.72 -6.38
C ARG A 492 -15.81 -34.15 -5.99
N GLU A 493 -16.58 -33.72 -6.99
CA GLU A 493 -17.88 -33.11 -6.72
C GLU A 493 -18.89 -34.17 -6.29
N ASN A 494 -19.11 -35.18 -7.12
CA ASN A 494 -20.09 -36.22 -6.81
C ASN A 494 -19.54 -37.17 -5.76
N VAL A 495 -19.31 -36.67 -4.55
CA VAL A 495 -18.78 -37.46 -3.45
C VAL A 495 -19.71 -37.30 -2.25
N THR A 496 -20.09 -38.42 -1.65
CA THR A 496 -21.01 -38.42 -0.51
C THR A 496 -20.23 -38.58 0.79
N MET A 497 -20.91 -38.25 1.90
CA MET A 497 -20.27 -38.34 3.21
C MET A 497 -19.81 -39.76 3.51
N ASP A 498 -20.50 -40.77 2.97
CA ASP A 498 -20.04 -42.14 3.12
C ASP A 498 -18.71 -42.34 2.40
N GLU A 499 -18.57 -41.78 1.21
CA GLU A 499 -17.29 -41.83 0.51
C GLU A 499 -16.20 -41.14 1.33
N ILE A 500 -16.55 -40.01 1.96
CA ILE A 500 -15.58 -39.31 2.79
C ILE A 500 -15.15 -40.18 3.97
N GLU A 501 -16.11 -40.85 4.60
CA GLU A 501 -15.79 -41.73 5.71
C GLU A 501 -14.87 -42.87 5.27
N LYS A 502 -15.18 -43.47 4.12
CA LYS A 502 -14.33 -44.54 3.61
C LYS A 502 -12.92 -44.03 3.32
N ALA A 503 -12.81 -42.85 2.70
CA ALA A 503 -11.51 -42.31 2.36
C ALA A 503 -10.70 -42.00 3.61
N VAL A 504 -11.32 -41.36 4.61
CA VAL A 504 -10.60 -41.02 5.82
C VAL A 504 -10.19 -42.27 6.58
N LYS A 505 -11.03 -43.31 6.56
CA LYS A 505 -10.63 -44.58 7.15
C LYS A 505 -9.42 -45.14 6.42
N GLU A 506 -9.42 -45.07 5.09
CA GLU A 506 -8.29 -45.58 4.31
C GLU A 506 -7.02 -44.81 4.64
N ALA A 507 -7.11 -43.49 4.75
CA ALA A 507 -5.93 -42.66 5.02
C ALA A 507 -5.44 -42.80 6.45
N ASN A 508 -6.15 -43.51 7.32
CA ASN A 508 -5.74 -43.70 8.70
C ASN A 508 -5.63 -42.36 9.43
N ALA A 509 -6.77 -41.66 9.48
CA ALA A 509 -6.86 -40.41 10.22
C ALA A 509 -8.18 -40.29 10.99
N TYR A 510 -8.98 -41.35 11.05
CA TYR A 510 -10.27 -41.28 11.73
C TYR A 510 -10.10 -40.81 13.16
N ASP A 511 -9.03 -41.24 13.83
CA ASP A 511 -8.78 -40.80 15.19
C ASP A 511 -8.54 -39.31 15.25
N PHE A 512 -7.74 -38.78 14.32
CA PHE A 512 -7.48 -37.34 14.30
C PHE A 512 -8.76 -36.56 14.08
N ILE A 513 -9.59 -37.00 13.15
CA ILE A 513 -10.84 -36.30 12.86
C ILE A 513 -11.76 -36.35 14.07
N MET A 514 -11.93 -37.53 14.67
CA MET A 514 -12.85 -37.70 15.77
C MET A 514 -12.35 -37.09 17.08
N LYS A 515 -11.05 -36.78 17.17
CA LYS A 515 -10.54 -36.11 18.36
C LYS A 515 -10.91 -34.63 18.36
N LEU A 516 -10.73 -33.97 17.23
CA LEU A 516 -11.05 -32.55 17.15
C LEU A 516 -12.57 -32.35 17.11
N PRO A 517 -13.10 -31.37 17.85
CA PRO A 517 -14.53 -31.08 17.73
C PRO A 517 -14.88 -30.60 16.34
N HIS A 518 -16.14 -30.84 15.95
CA HIS A 518 -16.60 -30.52 14.60
C HIS A 518 -15.81 -31.34 13.57
N LYS A 519 -15.94 -32.67 13.69
CA LYS A 519 -15.21 -33.59 12.84
C LYS A 519 -15.26 -33.15 11.37
N PHE A 520 -16.46 -33.02 10.82
CA PHE A 520 -16.65 -32.54 9.45
C PHE A 520 -17.03 -31.07 9.41
N ASP A 521 -16.58 -30.29 10.40
CA ASP A 521 -16.88 -28.86 10.45
C ASP A 521 -15.70 -27.98 10.80
N THR A 522 -14.60 -28.52 11.30
CA THR A 522 -13.45 -27.69 11.67
C THR A 522 -12.92 -26.95 10.45
N LEU A 523 -12.93 -25.62 10.51
CA LEU A 523 -12.42 -24.80 9.43
C LEU A 523 -10.89 -24.86 9.40
N VAL A 524 -10.32 -24.38 8.29
CA VAL A 524 -8.88 -24.43 8.08
C VAL A 524 -8.31 -23.03 7.95
N GLY A 525 -8.91 -22.08 8.66
CA GLY A 525 -8.47 -20.69 8.64
C GLY A 525 -7.43 -20.40 9.68
N GLU A 526 -7.42 -19.15 10.16
CA GLU A 526 -6.51 -18.75 11.21
C GLU A 526 -6.79 -19.54 12.48
N ARG A 527 -5.87 -20.41 12.86
CA ARG A 527 -6.04 -21.28 14.02
C ARG A 527 -7.01 -22.42 13.72
N GLY A 528 -7.64 -22.38 12.56
CA GLY A 528 -8.47 -23.49 12.10
C GLY A 528 -7.61 -24.54 11.44
N ALA A 529 -6.70 -24.10 10.58
CA ALA A 529 -5.74 -25.00 9.93
C ALA A 529 -4.50 -25.20 10.80
N GLN A 530 -4.72 -25.59 12.05
CA GLN A 530 -3.65 -25.89 12.98
C GLN A 530 -3.24 -27.35 12.93
N LEU A 531 -3.81 -28.14 12.02
CA LEU A 531 -3.49 -29.55 11.95
C LEU A 531 -1.99 -29.75 11.77
N SER A 532 -1.53 -30.95 12.12
CA SER A 532 -0.11 -31.27 12.05
C SER A 532 0.29 -31.55 10.61
N GLY A 533 1.60 -31.48 10.36
CA GLY A 533 2.10 -31.80 9.04
C GLY A 533 1.70 -33.19 8.59
N GLY A 534 1.82 -34.16 9.49
CA GLY A 534 1.34 -35.50 9.19
C GLY A 534 -0.15 -35.53 8.97
N GLN A 535 -0.90 -34.80 9.79
CA GLN A 535 -2.34 -34.71 9.59
C GLN A 535 -2.67 -34.08 8.25
N LYS A 536 -1.93 -33.03 7.87
CA LYS A 536 -2.16 -32.41 6.58
C LYS A 536 -1.87 -33.39 5.44
N GLN A 537 -0.78 -34.15 5.55
CA GLN A 537 -0.47 -35.14 4.53
C GLN A 537 -1.56 -36.21 4.44
N ARG A 538 -2.06 -36.65 5.59
CA ARG A 538 -3.14 -37.62 5.58
C ARG A 538 -4.39 -37.04 4.92
N ILE A 539 -4.71 -35.78 5.22
CA ILE A 539 -5.87 -35.14 4.62
C ILE A 539 -5.71 -35.07 3.11
N ALA A 540 -4.52 -34.68 2.64
CA ALA A 540 -4.28 -34.60 1.21
C ALA A 540 -4.38 -35.99 0.57
N ILE A 541 -3.84 -37.01 1.22
CA ILE A 541 -3.94 -38.37 0.70
C ILE A 541 -5.40 -38.78 0.59
N ALA A 542 -6.19 -38.44 1.60
CA ALA A 542 -7.62 -38.74 1.53
C ALA A 542 -8.29 -38.00 0.38
N ARG A 543 -7.90 -36.75 0.16
CA ARG A 543 -8.44 -35.99 -0.96
C ARG A 543 -8.12 -36.68 -2.28
N ALA A 544 -6.87 -37.13 -2.43
CA ALA A 544 -6.48 -37.84 -3.64
C ALA A 544 -7.28 -39.11 -3.81
N LEU A 545 -7.43 -39.88 -2.73
CA LEU A 545 -8.17 -41.14 -2.80
C LEU A 545 -9.62 -40.89 -3.19
N VAL A 546 -10.24 -39.86 -2.63
CA VAL A 546 -11.61 -39.53 -2.98
C VAL A 546 -11.72 -39.26 -4.48
N ARG A 547 -10.63 -38.79 -5.09
CA ARG A 547 -10.63 -38.55 -6.52
C ARG A 547 -10.80 -39.82 -7.33
N ASN A 548 -10.66 -40.99 -6.71
CA ASN A 548 -10.70 -42.27 -7.40
C ASN A 548 -9.77 -42.25 -8.61
N PRO A 549 -8.50 -41.90 -8.43
CA PRO A 549 -7.59 -41.75 -9.56
C PRO A 549 -7.09 -43.09 -10.06
N LYS A 550 -6.57 -43.06 -11.29
CA LYS A 550 -5.90 -44.22 -11.87
C LYS A 550 -4.41 -44.18 -11.59
N ILE A 551 -3.76 -43.05 -11.84
CA ILE A 551 -2.32 -42.88 -11.65
C ILE A 551 -2.11 -41.95 -10.48
N LEU A 552 -1.38 -42.41 -9.47
CA LEU A 552 -1.10 -41.66 -8.27
C LEU A 552 0.39 -41.34 -8.18
N LEU A 553 0.71 -40.06 -8.02
CA LEU A 553 2.08 -39.60 -7.91
C LEU A 553 2.27 -38.88 -6.58
N LEU A 554 3.37 -39.19 -5.90
CA LEU A 554 3.65 -38.61 -4.59
C LEU A 554 5.14 -38.25 -4.51
N ASP A 555 5.43 -37.23 -3.71
CA ASP A 555 6.81 -36.80 -3.49
C ASP A 555 6.94 -36.28 -2.06
N GLU A 556 7.99 -36.72 -1.37
CA GLU A 556 8.24 -36.36 0.02
C GLU A 556 6.97 -36.54 0.85
N ALA A 557 6.42 -37.74 0.76
CA ALA A 557 5.09 -38.03 1.31
C ALA A 557 4.98 -37.66 2.78
N THR A 558 5.76 -38.32 3.64
CA THR A 558 5.61 -38.22 5.09
C THR A 558 6.92 -37.81 5.74
N SER A 559 7.56 -36.79 5.19
CA SER A 559 8.79 -36.27 5.79
C SER A 559 8.52 -35.85 7.23
N ALA A 560 9.42 -36.26 8.13
CA ALA A 560 9.28 -35.94 9.55
C ALA A 560 8.07 -36.63 10.15
N LEU A 561 7.92 -36.54 11.48
CA LEU A 561 6.79 -37.13 12.18
C LEU A 561 6.93 -38.65 12.29
N ASP A 562 6.02 -39.27 13.02
CA ASP A 562 6.10 -40.71 13.25
C ASP A 562 5.95 -41.48 11.95
N THR A 563 6.76 -42.54 11.81
CA THR A 563 6.69 -43.39 10.63
C THR A 563 5.45 -44.30 10.63
N GLU A 564 4.82 -44.50 11.78
CA GLU A 564 3.62 -45.31 11.83
C GLU A 564 2.52 -44.71 10.96
N SER A 565 2.35 -43.40 11.02
CA SER A 565 1.49 -42.73 10.05
C SER A 565 2.03 -42.93 8.65
N GLU A 566 3.36 -42.82 8.48
CA GLU A 566 3.98 -43.15 7.21
C GLU A 566 3.74 -44.61 6.84
N ALA A 567 3.75 -45.50 7.83
CA ALA A 567 3.52 -46.92 7.55
C ALA A 567 2.11 -47.14 6.99
N VAL A 568 1.11 -46.55 7.64
CA VAL A 568 -0.26 -46.69 7.16
C VAL A 568 -0.42 -46.03 5.80
N VAL A 569 0.22 -44.88 5.59
CA VAL A 569 0.14 -44.21 4.29
C VAL A 569 0.71 -45.10 3.21
N GLN A 570 1.86 -45.71 3.47
CA GLN A 570 2.49 -46.59 2.49
C GLN A 570 1.62 -47.83 2.24
N VAL A 571 1.01 -48.37 3.29
CA VAL A 571 0.15 -49.53 3.12
C VAL A 571 -1.04 -49.19 2.24
N ALA A 572 -1.66 -48.02 2.50
CA ALA A 572 -2.79 -47.60 1.67
C ALA A 572 -2.37 -47.34 0.23
N LEU A 573 -1.20 -46.74 0.04
CA LEU A 573 -0.70 -46.49 -1.30
C LEU A 573 -0.47 -47.80 -2.03
N ASP A 574 0.07 -48.80 -1.34
CA ASP A 574 0.25 -50.12 -1.95
C ASP A 574 -1.09 -50.75 -2.28
N LYS A 575 -2.07 -50.64 -1.38
CA LYS A 575 -3.39 -51.19 -1.65
C LYS A 575 -4.00 -50.57 -2.90
N ALA A 576 -3.87 -49.25 -3.03
CA ALA A 576 -4.29 -48.59 -4.27
C ALA A 576 -3.45 -49.05 -5.45
N ARG A 577 -2.19 -49.42 -5.20
CA ARG A 577 -1.32 -49.89 -6.27
C ARG A 577 -1.84 -51.15 -6.92
N LYS A 578 -2.70 -51.90 -6.22
CA LYS A 578 -3.22 -53.14 -6.80
C LYS A 578 -3.88 -52.89 -8.14
N GLY A 579 -4.48 -51.72 -8.32
CA GLY A 579 -5.13 -51.38 -9.57
C GLY A 579 -4.65 -50.07 -10.17
N ARG A 580 -3.97 -49.25 -9.37
CA ARG A 580 -3.55 -47.92 -9.78
C ARG A 580 -2.04 -47.88 -9.97
N THR A 581 -1.59 -47.39 -11.12
CA THR A 581 -0.18 -47.13 -11.32
C THR A 581 0.28 -46.04 -10.36
N THR A 582 1.53 -46.15 -9.92
CA THR A 582 2.04 -45.24 -8.90
C THR A 582 3.44 -44.77 -9.27
N ILE A 583 3.75 -43.54 -8.86
CA ILE A 583 5.08 -42.97 -8.97
C ILE A 583 5.40 -42.29 -7.63
N VAL A 584 6.60 -42.54 -7.13
CA VAL A 584 6.97 -42.11 -5.78
C VAL A 584 8.35 -41.47 -5.82
N ILE A 585 8.48 -40.32 -5.19
CA ILE A 585 9.77 -39.65 -4.98
C ILE A 585 9.98 -39.60 -3.48
N ALA A 586 10.65 -40.61 -2.93
CA ALA A 586 10.83 -40.75 -1.50
C ALA A 586 12.29 -41.01 -1.18
N HIS A 587 12.77 -40.37 -0.12
CA HIS A 587 14.17 -40.51 0.29
C HIS A 587 14.40 -41.69 1.23
N ARG A 588 13.36 -42.15 1.92
CA ARG A 588 13.51 -43.27 2.84
C ARG A 588 13.92 -44.53 2.09
N LEU A 589 14.83 -45.30 2.69
CA LEU A 589 15.28 -46.54 2.06
C LEU A 589 14.14 -47.53 1.93
N SER A 590 13.31 -47.66 2.97
CA SER A 590 12.19 -48.60 2.91
C SER A 590 11.28 -48.30 1.73
N THR A 591 11.12 -47.04 1.37
CA THR A 591 10.27 -46.68 0.24
C THR A 591 10.71 -47.41 -1.03
N VAL A 592 12.02 -47.42 -1.28
CA VAL A 592 12.54 -48.13 -2.45
C VAL A 592 12.76 -49.61 -2.18
N ARG A 593 12.70 -50.05 -0.93
CA ARG A 593 12.97 -51.45 -0.61
C ARG A 593 12.00 -52.37 -1.32
N ASN A 594 10.70 -52.02 -1.32
CA ASN A 594 9.68 -52.82 -1.99
C ASN A 594 9.24 -52.23 -3.32
N ALA A 595 9.93 -51.19 -3.80
CA ALA A 595 9.51 -50.53 -5.03
C ALA A 595 9.56 -51.51 -6.21
N ASP A 596 8.50 -51.49 -7.02
CA ASP A 596 8.44 -52.37 -8.18
C ASP A 596 9.50 -52.04 -9.21
N VAL A 597 9.98 -50.80 -9.25
CA VAL A 597 11.06 -50.42 -10.13
C VAL A 597 11.61 -49.07 -9.69
N ILE A 598 12.91 -48.86 -9.86
CA ILE A 598 13.56 -47.60 -9.52
C ILE A 598 14.37 -47.14 -10.73
N ALA A 599 14.25 -45.86 -11.07
CA ALA A 599 14.94 -45.28 -12.21
C ALA A 599 15.85 -44.16 -11.74
N GLY A 600 17.07 -44.15 -12.25
CA GLY A 600 18.07 -43.17 -11.84
C GLY A 600 18.18 -41.99 -12.78
N PHE A 601 17.70 -40.84 -12.34
CA PHE A 601 17.74 -39.61 -13.13
C PHE A 601 18.88 -38.74 -12.64
N ASP A 602 19.94 -38.66 -13.45
CA ASP A 602 21.10 -37.84 -13.13
C ASP A 602 21.43 -36.96 -14.34
N ASP A 603 21.60 -35.66 -14.10
CA ASP A 603 21.93 -34.71 -15.15
C ASP A 603 20.91 -34.77 -16.30
N GLY A 604 19.65 -34.98 -15.95
CA GLY A 604 18.61 -35.07 -16.96
C GLY A 604 18.68 -36.30 -17.82
N VAL A 605 19.32 -37.38 -17.34
CA VAL A 605 19.45 -38.62 -18.08
C VAL A 605 18.98 -39.75 -17.18
N ILE A 606 18.08 -40.59 -17.69
CA ILE A 606 17.60 -41.76 -16.97
C ILE A 606 18.49 -42.93 -17.36
N VAL A 607 19.27 -43.43 -16.41
CA VAL A 607 20.25 -44.48 -16.66
C VAL A 607 19.85 -45.78 -15.96
N GLU A 608 19.74 -45.76 -14.63
CA GLU A 608 19.41 -46.97 -13.90
C GLU A 608 18.04 -47.48 -14.32
N LYS A 609 17.94 -48.80 -14.52
CA LYS A 609 16.68 -49.42 -14.96
C LYS A 609 16.64 -50.83 -14.39
N GLY A 610 15.73 -51.07 -13.46
CA GLY A 610 15.57 -52.38 -12.88
C GLY A 610 15.11 -52.27 -11.45
N ASN A 611 14.97 -53.43 -10.82
CA ASN A 611 14.58 -53.48 -9.42
C ASN A 611 15.74 -53.04 -8.54
N HIS A 612 15.49 -52.99 -7.22
CA HIS A 612 16.55 -52.62 -6.29
C HIS A 612 17.70 -53.60 -6.35
N ASP A 613 17.40 -54.90 -6.39
CA ASP A 613 18.45 -55.91 -6.49
C ASP A 613 19.22 -55.78 -7.80
N GLU A 614 18.49 -55.60 -8.91
CA GLU A 614 19.15 -55.49 -10.20
C GLU A 614 20.06 -54.28 -10.26
N LEU A 615 19.58 -53.13 -9.79
CA LEU A 615 20.41 -51.93 -9.77
C LEU A 615 21.61 -52.09 -8.87
N MET A 616 21.42 -52.71 -7.69
CA MET A 616 22.53 -52.93 -6.78
C MET A 616 23.60 -53.80 -7.43
N LYS A 617 23.17 -54.87 -8.13
CA LYS A 617 24.12 -55.76 -8.77
C LYS A 617 24.94 -55.05 -9.85
N GLU A 618 24.49 -53.89 -10.32
CA GLU A 618 25.25 -53.08 -11.28
C GLU A 618 26.11 -52.02 -10.59
N LYS A 619 26.03 -51.92 -9.27
CA LYS A 619 26.86 -50.97 -8.51
C LYS A 619 26.73 -49.56 -9.08
N GLY A 620 25.50 -49.19 -9.44
CA GLY A 620 25.21 -47.88 -9.99
C GLY A 620 24.96 -46.85 -8.89
N ILE A 621 24.41 -45.71 -9.31
CA ILE A 621 24.11 -44.64 -8.37
C ILE A 621 23.09 -45.09 -7.33
N TYR A 622 22.26 -46.07 -7.66
CA TYR A 622 21.29 -46.56 -6.68
C TYR A 622 21.97 -47.18 -5.48
N PHE A 623 22.95 -48.05 -5.74
CA PHE A 623 23.70 -48.67 -4.63
C PHE A 623 24.47 -47.64 -3.84
N LYS A 624 25.09 -46.67 -4.53
CA LYS A 624 25.83 -45.63 -3.84
C LYS A 624 24.92 -44.81 -2.94
N LEU A 625 23.75 -44.43 -3.44
CA LEU A 625 22.81 -43.67 -2.63
C LEU A 625 22.32 -44.48 -1.44
N VAL A 626 22.02 -45.77 -1.66
CA VAL A 626 21.56 -46.61 -0.56
C VAL A 626 22.63 -46.70 0.52
N THR A 627 23.88 -46.94 0.12
CA THR A 627 24.96 -47.04 1.09
C THR A 627 25.16 -45.72 1.83
N MET A 628 25.13 -44.60 1.10
CA MET A 628 25.27 -43.30 1.75
C MET A 628 24.13 -43.03 2.72
N GLN A 629 22.97 -43.63 2.48
CA GLN A 629 21.86 -43.50 3.42
C GLN A 629 22.23 -44.04 4.79
N THR A 630 22.83 -45.23 4.83
CA THR A 630 23.29 -45.84 6.07
C THR A 630 22.21 -45.84 7.13
N ILE A 692 -6.59 2.83 16.63
CA ILE A 692 -7.46 3.99 16.49
C ILE A 692 -7.32 4.91 17.70
N PRO A 693 -6.13 5.48 17.88
CA PRO A 693 -5.92 6.36 19.04
C PRO A 693 -6.88 7.53 19.03
N PRO A 694 -7.38 7.92 20.20
CA PRO A 694 -8.22 9.13 20.26
C PRO A 694 -7.39 10.39 20.18
N VAL A 695 -7.90 11.37 19.43
CA VAL A 695 -7.25 12.66 19.25
C VAL A 695 -8.25 13.76 19.59
N SER A 696 -7.75 15.00 19.59
CA SER A 696 -8.60 16.14 19.89
C SER A 696 -7.88 17.41 19.47
N PHE A 697 -8.63 18.35 18.89
CA PHE A 697 -8.03 19.58 18.40
C PHE A 697 -7.37 20.35 19.53
N TRP A 698 -8.03 20.41 20.70
CA TRP A 698 -7.46 21.14 21.82
C TRP A 698 -6.10 20.58 22.22
N ARG A 699 -6.01 19.25 22.30
CA ARG A 699 -4.74 18.60 22.63
C ARG A 699 -3.79 18.49 21.45
N ILE A 700 -4.26 18.79 20.23
CA ILE A 700 -3.47 18.59 19.03
C ILE A 700 -2.83 19.86 18.52
N MET A 701 -2.92 20.96 19.28
CA MET A 701 -2.35 22.23 18.86
C MET A 701 -0.93 22.40 19.37
N LYS A 702 -0.07 21.43 19.09
CA LYS A 702 1.31 21.46 19.57
C LYS A 702 2.16 22.47 18.83
N LEU A 703 1.68 23.04 17.73
CA LEU A 703 2.47 23.98 16.94
C LEU A 703 2.35 25.41 17.44
N ASN A 704 1.49 25.68 18.42
CA ASN A 704 1.29 27.06 18.86
C ASN A 704 2.60 27.69 19.29
N LEU A 705 3.55 26.89 19.77
CA LEU A 705 4.85 27.43 20.16
C LEU A 705 5.45 28.28 19.04
N THR A 706 5.43 27.74 17.82
CA THR A 706 5.95 28.43 16.65
C THR A 706 4.85 29.01 15.78
N GLU A 707 3.68 29.29 16.36
CA GLU A 707 2.53 29.77 15.60
C GLU A 707 1.95 31.07 16.12
N TRP A 708 2.35 31.54 17.29
CA TRP A 708 1.81 32.78 17.83
C TRP A 708 1.91 33.94 16.86
N PRO A 709 3.05 34.20 16.22
CA PRO A 709 3.11 35.31 15.27
C PRO A 709 2.72 34.89 13.86
N TYR A 710 2.12 33.72 13.73
CA TYR A 710 1.68 33.21 12.43
C TYR A 710 0.18 33.00 12.37
N PHE A 711 -0.41 32.33 13.36
CA PHE A 711 -1.84 32.08 13.32
C PHE A 711 -2.64 33.37 13.41
N VAL A 712 -2.11 34.39 14.08
CA VAL A 712 -2.84 35.66 14.16
C VAL A 712 -2.98 36.26 12.76
N VAL A 713 -1.89 36.30 12.00
CA VAL A 713 -1.96 36.81 10.64
C VAL A 713 -2.83 35.90 9.79
N GLY A 714 -2.75 34.60 10.01
CA GLY A 714 -3.58 33.67 9.25
C GLY A 714 -5.05 33.93 9.45
N VAL A 715 -5.48 34.08 10.70
CA VAL A 715 -6.89 34.30 10.99
C VAL A 715 -7.30 35.68 10.48
N PHE A 716 -6.42 36.67 10.57
CA PHE A 716 -6.74 37.99 10.04
C PHE A 716 -7.02 37.93 8.55
N CYS A 717 -6.11 37.31 7.79
CA CYS A 717 -6.29 37.19 6.35
C CYS A 717 -7.53 36.36 6.03
N ALA A 718 -7.77 35.30 6.79
CA ALA A 718 -8.95 34.48 6.56
C ALA A 718 -10.23 35.27 6.78
N ILE A 719 -10.26 36.09 7.82
CA ILE A 719 -11.43 36.93 8.06
C ILE A 719 -11.65 37.87 6.89
N ILE A 720 -10.56 38.50 6.41
CA ILE A 720 -10.69 39.40 5.28
C ILE A 720 -11.26 38.68 4.07
N ASN A 721 -10.69 37.52 3.74
CA ASN A 721 -11.15 36.78 2.58
C ASN A 721 -12.62 36.40 2.74
N GLY A 722 -12.99 35.88 3.90
CA GLY A 722 -14.38 35.51 4.12
C GLY A 722 -15.32 36.67 3.92
N GLY A 723 -14.98 37.83 4.50
CA GLY A 723 -15.79 39.00 4.28
C GLY A 723 -15.78 39.48 2.85
N LEU A 724 -14.80 39.04 2.06
CA LEU A 724 -14.72 39.50 0.69
C LEU A 724 -15.98 39.15 -0.10
N GLN A 725 -16.49 37.93 0.05
CA GLN A 725 -17.67 37.54 -0.71
C GLN A 725 -18.88 38.40 -0.41
N PRO A 726 -19.28 38.62 0.84
CA PRO A 726 -20.41 39.54 1.09
C PRO A 726 -20.14 40.93 0.55
N ALA A 727 -18.89 41.39 0.56
CA ALA A 727 -18.57 42.65 -0.09
C ALA A 727 -18.89 42.59 -1.57
N PHE A 728 -18.55 41.48 -2.22
CA PHE A 728 -18.90 41.32 -3.62
C PHE A 728 -20.40 41.35 -3.83
N ALA A 729 -21.15 40.72 -2.93
CA ALA A 729 -22.61 40.78 -3.01
C ALA A 729 -23.09 42.22 -2.89
N ILE A 730 -22.52 42.98 -1.96
CA ILE A 730 -22.91 44.38 -1.80
C ILE A 730 -22.69 45.13 -3.10
N ILE A 731 -21.51 44.98 -3.68
CA ILE A 731 -21.19 45.74 -4.89
C ILE A 731 -22.09 45.32 -6.04
N PHE A 732 -22.33 44.01 -6.17
CA PHE A 732 -23.18 43.52 -7.26
C PHE A 732 -24.59 44.07 -7.14
N SER A 733 -25.16 44.00 -5.93
CA SER A 733 -26.51 44.51 -5.71
C SER A 733 -26.55 46.01 -5.96
N LYS A 734 -25.52 46.74 -5.53
CA LYS A 734 -25.50 48.18 -5.77
C LYS A 734 -25.49 48.48 -7.26
N ILE A 735 -24.62 47.80 -8.01
CA ILE A 735 -24.53 48.04 -9.44
C ILE A 735 -25.87 47.79 -10.10
N ILE A 736 -26.51 46.66 -9.79
CA ILE A 736 -27.82 46.39 -10.37
C ILE A 736 -28.81 47.47 -9.95
N GLY A 737 -28.72 47.92 -8.71
CA GLY A 737 -29.62 48.97 -8.24
C GLY A 737 -29.36 50.32 -8.86
N VAL A 738 -28.16 50.55 -9.41
CA VAL A 738 -27.88 51.79 -10.09
C VAL A 738 -28.73 51.98 -11.33
N PHE A 739 -29.41 50.94 -11.79
CA PHE A 739 -30.28 51.03 -12.95
C PHE A 739 -31.75 50.87 -12.61
N THR A 740 -32.08 50.42 -11.40
CA THR A 740 -33.48 50.39 -10.98
C THR A 740 -33.94 51.74 -10.46
N ARG A 741 -33.02 52.64 -10.14
CA ARG A 741 -33.40 53.98 -9.71
C ARG A 741 -33.85 54.80 -10.90
N ILE A 742 -34.97 55.53 -10.72
CA ILE A 742 -35.60 56.24 -11.82
C ILE A 742 -34.96 57.58 -12.13
N ASP A 743 -34.09 58.08 -11.25
CA ASP A 743 -33.48 59.38 -11.48
C ASP A 743 -32.79 59.43 -12.84
N ASP A 744 -31.92 58.47 -13.10
CA ASP A 744 -31.27 58.32 -14.39
C ASP A 744 -30.63 59.63 -14.89
N PRO A 745 -29.74 60.24 -14.11
CA PRO A 745 -28.94 61.34 -14.64
C PRO A 745 -27.70 60.84 -15.38
N GLU A 746 -26.84 61.75 -15.83
CA GLU A 746 -25.57 61.31 -16.41
C GLU A 746 -24.66 60.69 -15.36
N THR A 747 -24.81 61.10 -14.09
CA THR A 747 -23.94 60.60 -13.04
C THR A 747 -23.98 59.08 -12.97
N LYS A 748 -25.09 58.47 -13.38
CA LYS A 748 -25.16 57.01 -13.44
C LYS A 748 -23.90 56.45 -14.06
N ARG A 749 -23.53 56.95 -15.24
CA ARG A 749 -22.29 56.51 -15.86
C ARG A 749 -21.15 56.51 -14.84
N GLN A 750 -20.82 57.69 -14.31
CA GLN A 750 -19.77 57.76 -13.30
C GLN A 750 -20.03 56.76 -12.20
N ASN A 751 -21.26 56.75 -11.66
CA ASN A 751 -21.61 55.78 -10.63
C ASN A 751 -21.15 54.39 -11.06
N SER A 752 -21.67 53.90 -12.18
CA SER A 752 -21.29 52.57 -12.64
C SER A 752 -19.77 52.46 -12.70
N ASN A 753 -19.13 53.41 -13.37
CA ASN A 753 -17.67 53.37 -13.50
C ASN A 753 -17.04 53.19 -12.13
N LEU A 754 -17.45 54.00 -11.16
CA LEU A 754 -16.88 53.89 -9.83
C LEU A 754 -16.99 52.47 -9.31
N PHE A 755 -18.22 51.92 -9.33
CA PHE A 755 -18.40 50.57 -8.83
C PHE A 755 -17.50 49.60 -9.56
N SER A 756 -17.37 49.76 -10.88
CA SER A 756 -16.52 48.87 -11.65
C SER A 756 -15.12 48.86 -11.05
N LEU A 757 -14.53 50.04 -10.83
CA LEU A 757 -13.18 50.08 -10.30
C LEU A 757 -13.09 49.35 -8.98
N LEU A 758 -14.15 49.41 -8.16
CA LEU A 758 -14.12 48.76 -6.87
C LEU A 758 -13.89 47.26 -7.03
N PHE A 759 -14.53 46.65 -8.02
CA PHE A 759 -14.27 45.23 -8.28
C PHE A 759 -12.78 44.97 -8.36
N LEU A 760 -12.07 45.78 -9.16
CA LEU A 760 -10.64 45.59 -9.29
C LEU A 760 -9.97 45.58 -7.92
N ALA A 761 -10.29 46.59 -7.09
CA ALA A 761 -9.79 46.58 -5.73
C ALA A 761 -10.23 45.33 -5.00
N LEU A 762 -11.53 45.02 -5.07
CA LEU A 762 -12.04 43.80 -4.46
C LEU A 762 -11.31 42.58 -5.00
N GLY A 763 -10.79 42.67 -6.21
CA GLY A 763 -9.94 41.62 -6.72
C GLY A 763 -8.54 41.74 -6.17
N ILE A 764 -7.94 42.93 -6.29
CA ILE A 764 -6.53 43.08 -5.94
C ILE A 764 -6.30 42.65 -4.50
N ILE A 765 -7.11 43.17 -3.58
CA ILE A 765 -6.92 42.85 -2.18
C ILE A 765 -6.94 41.34 -2.00
N SER A 766 -7.87 40.66 -2.68
CA SER A 766 -7.96 39.21 -2.56
C SER A 766 -6.61 38.57 -2.80
N PHE A 767 -5.90 38.98 -3.86
CA PHE A 767 -4.58 38.43 -4.10
C PHE A 767 -3.65 38.73 -2.95
N ILE A 768 -3.55 40.00 -2.56
CA ILE A 768 -2.58 40.40 -1.54
C ILE A 768 -2.74 39.56 -0.30
N THR A 769 -3.94 39.59 0.31
CA THR A 769 -4.18 38.81 1.50
C THR A 769 -3.80 37.35 1.29
N PHE A 770 -4.17 36.78 0.14
CA PHE A 770 -3.84 35.39 -0.13
C PHE A 770 -2.34 35.18 -0.09
N PHE A 771 -1.58 36.07 -0.75
CA PHE A 771 -0.13 35.96 -0.68
C PHE A 771 0.35 35.95 0.76
N LEU A 772 -0.25 36.78 1.61
CA LEU A 772 0.07 36.71 3.03
C LEU A 772 -0.59 35.50 3.68
N GLN A 773 -1.85 35.21 3.30
CA GLN A 773 -2.58 34.15 3.98
C GLN A 773 -1.84 32.83 3.87
N GLY A 774 -1.33 32.51 2.69
CA GLY A 774 -0.49 31.33 2.56
C GLY A 774 0.80 31.46 3.34
N PHE A 775 1.47 32.61 3.22
CA PHE A 775 2.82 32.75 3.77
C PHE A 775 2.83 32.49 5.26
N THR A 776 1.81 32.95 5.98
CA THR A 776 1.72 32.64 7.40
C THR A 776 1.29 31.20 7.64
N PHE A 777 0.35 30.70 6.85
CA PHE A 777 -0.11 29.32 7.02
C PHE A 777 0.87 28.35 6.38
N GLY A 778 1.12 28.49 5.08
CA GLY A 778 2.02 27.57 4.41
C GLY A 778 3.33 27.44 5.15
N LYS A 779 3.93 28.56 5.54
CA LYS A 779 5.15 28.50 6.32
C LYS A 779 4.91 27.79 7.64
N ALA A 780 3.89 28.22 8.39
CA ALA A 780 3.60 27.61 9.68
C ALA A 780 3.62 26.10 9.58
N GLY A 781 2.75 25.55 8.74
CA GLY A 781 2.72 24.11 8.58
C GLY A 781 4.08 23.53 8.27
N GLU A 782 4.77 24.12 7.29
CA GLU A 782 6.12 23.65 6.97
C GLU A 782 6.99 23.65 8.22
N ILE A 783 6.95 24.74 8.97
CA ILE A 783 7.73 24.80 10.21
C ILE A 783 7.38 23.62 11.09
N LEU A 784 6.09 23.37 11.29
CA LEU A 784 5.67 22.26 12.12
C LEU A 784 6.32 20.97 11.66
N THR A 785 6.35 20.74 10.35
CA THR A 785 7.00 19.54 9.83
C THR A 785 8.44 19.46 10.34
N LYS A 786 9.21 20.53 10.15
CA LYS A 786 10.60 20.51 10.56
C LYS A 786 10.74 20.19 12.04
N ARG A 787 9.71 20.48 12.84
CA ARG A 787 9.70 20.04 14.22
C ARG A 787 9.25 18.60 14.33
N LEU A 788 8.06 18.30 13.80
CA LEU A 788 7.42 17.02 14.09
C LEU A 788 8.33 15.87 13.68
N ARG A 789 8.81 15.88 12.44
CA ARG A 789 9.75 14.85 12.01
C ARG A 789 10.95 14.80 12.95
N TYR A 790 11.59 15.95 13.17
CA TYR A 790 12.76 15.98 14.05
C TYR A 790 12.40 15.55 15.46
N MET A 791 11.13 15.69 15.83
CA MET A 791 10.67 15.10 17.09
C MET A 791 10.42 13.60 16.91
N VAL A 792 9.62 13.24 15.92
CA VAL A 792 9.26 11.83 15.71
C VAL A 792 10.53 10.99 15.64
N PHE A 793 11.42 11.35 14.70
CA PHE A 793 12.67 10.63 14.58
C PHE A 793 13.42 10.61 15.90
N ARG A 794 13.51 11.77 16.55
CA ARG A 794 14.23 11.82 17.83
C ARG A 794 13.60 10.89 18.85
N SER A 795 12.29 10.69 18.79
CA SER A 795 11.65 9.76 19.70
C SER A 795 11.93 8.31 19.31
N MET A 796 12.02 8.05 18.00
CA MET A 796 12.19 6.66 17.55
C MET A 796 13.48 6.07 18.09
N LEU A 797 14.58 6.84 18.05
CA LEU A 797 15.85 6.31 18.52
C LEU A 797 15.79 5.98 20.00
N ARG A 798 15.28 6.90 20.82
CA ARG A 798 15.18 6.67 22.26
C ARG A 798 14.05 5.68 22.49
N GLN A 799 14.35 4.41 22.22
CA GLN A 799 13.34 3.36 22.29
C GLN A 799 14.05 2.02 22.43
N ASP A 800 13.27 0.99 22.74
CA ASP A 800 13.79 -0.37 22.88
C ASP A 800 13.69 -1.11 21.55
N VAL A 801 14.72 -1.91 21.25
CA VAL A 801 14.76 -2.61 19.97
C VAL A 801 13.59 -3.56 19.83
N SER A 802 13.06 -4.06 20.95
CA SER A 802 11.89 -4.92 20.89
C SER A 802 10.79 -4.27 20.07
N TRP A 803 10.54 -2.99 20.31
CA TRP A 803 9.54 -2.26 19.54
C TRP A 803 9.81 -2.35 18.05
N PHE A 804 11.08 -2.23 17.65
CA PHE A 804 11.43 -2.36 16.25
C PHE A 804 11.15 -3.77 15.74
N ASP A 805 11.43 -4.79 16.55
CA ASP A 805 11.21 -6.16 16.13
C ASP A 805 9.76 -6.44 15.77
N ASP A 806 8.82 -5.67 16.33
CA ASP A 806 7.41 -5.90 16.06
C ASP A 806 7.10 -5.64 14.58
N PRO A 807 6.17 -6.40 14.01
CA PRO A 807 5.82 -6.19 12.60
C PRO A 807 5.21 -4.82 12.34
N LYS A 808 4.64 -4.18 13.35
CA LYS A 808 4.03 -2.87 13.13
C LYS A 808 5.07 -1.84 12.70
N ASN A 809 6.25 -1.88 13.29
CA ASN A 809 7.31 -0.92 12.99
C ASN A 809 8.24 -1.43 11.92
N THR A 810 7.70 -1.82 10.78
CA THR A 810 8.54 -2.20 9.65
C THR A 810 9.19 -0.97 9.06
N THR A 811 10.41 -1.14 8.56
CA THR A 811 11.18 -0.01 8.04
C THR A 811 10.36 0.81 7.06
N GLY A 812 9.68 0.13 6.14
CA GLY A 812 8.80 0.82 5.22
C GLY A 812 7.71 1.59 5.94
N ALA A 813 7.11 0.97 6.96
CA ALA A 813 6.06 1.66 7.71
C ALA A 813 6.61 2.90 8.41
N LEU A 814 7.79 2.78 9.02
CA LEU A 814 8.37 3.93 9.71
C LEU A 814 8.70 5.05 8.73
N THR A 815 9.28 4.72 7.58
CA THR A 815 9.60 5.77 6.62
C THR A 815 8.34 6.40 6.04
N THR A 816 7.29 5.61 5.83
CA THR A 816 6.03 6.18 5.37
C THR A 816 5.44 7.12 6.41
N ARG A 817 5.45 6.71 7.68
CA ARG A 817 4.92 7.57 8.73
C ARG A 817 5.75 8.84 8.87
N LEU A 818 7.06 8.73 8.69
CA LEU A 818 7.97 9.86 8.83
C LEU A 818 8.02 10.74 7.59
N ALA A 819 7.50 10.27 6.47
CA ALA A 819 7.51 11.02 5.21
C ALA A 819 6.14 11.50 4.81
N ASN A 820 5.15 10.62 4.79
CA ASN A 820 3.79 11.02 4.43
C ASN A 820 3.05 11.52 5.66
N ASP A 821 3.65 12.47 6.38
CA ASP A 821 3.07 13.04 7.62
C ASP A 821 2.95 14.56 7.51
N ALA A 822 3.96 15.25 6.98
CA ALA A 822 3.96 16.70 6.91
C ALA A 822 2.62 17.26 6.42
N ALA A 823 2.23 16.87 5.21
CA ALA A 823 1.00 17.40 4.64
C ALA A 823 -0.20 17.03 5.51
N GLN A 824 -0.22 15.81 6.04
CA GLN A 824 -1.36 15.37 6.85
C GLN A 824 -1.59 16.32 8.02
N VAL A 825 -0.61 16.42 8.92
CA VAL A 825 -0.79 17.23 10.13
C VAL A 825 -0.92 18.71 9.77
N LYS A 826 -0.12 19.19 8.81
CA LYS A 826 -0.24 20.56 8.38
C LYS A 826 -1.68 20.88 8.00
N GLY A 827 -2.29 20.03 7.18
CA GLY A 827 -3.69 20.19 6.87
C GLY A 827 -4.50 20.20 8.15
N ALA A 828 -4.44 19.10 8.90
CA ALA A 828 -5.36 18.89 10.02
C ALA A 828 -5.42 20.10 10.94
N ILE A 829 -4.29 20.76 11.17
CA ILE A 829 -4.31 21.92 12.07
C ILE A 829 -4.53 23.19 11.27
N GLY A 830 -3.56 23.56 10.42
CA GLY A 830 -3.60 24.87 9.81
C GLY A 830 -4.75 25.04 8.84
N SER A 831 -4.92 24.08 7.93
CA SER A 831 -5.95 24.22 6.92
C SER A 831 -7.33 24.16 7.56
N ARG A 832 -7.52 23.31 8.56
CA ARG A 832 -8.78 23.29 9.29
C ARG A 832 -9.07 24.66 9.88
N LEU A 833 -8.10 25.24 10.58
CA LEU A 833 -8.32 26.53 11.20
C LEU A 833 -8.65 27.59 10.15
N ALA A 834 -7.89 27.61 9.06
CA ALA A 834 -8.09 28.64 8.03
C ALA A 834 -9.45 28.49 7.35
N VAL A 835 -9.80 27.26 6.98
CA VAL A 835 -11.07 27.03 6.29
C VAL A 835 -12.24 27.35 7.21
N ILE A 836 -12.15 26.93 8.48
CA ILE A 836 -13.23 27.24 9.42
C ILE A 836 -13.35 28.75 9.59
N THR A 837 -12.22 29.44 9.74
CA THR A 837 -12.26 30.89 9.88
C THR A 837 -12.94 31.54 8.67
N GLN A 838 -12.48 31.19 7.47
CA GLN A 838 -13.06 31.80 6.28
C GLN A 838 -14.54 31.48 6.16
N ASN A 839 -14.92 30.24 6.44
CA ASN A 839 -16.32 29.84 6.34
C ASN A 839 -17.18 30.66 7.29
N ILE A 840 -16.80 30.70 8.56
CA ILE A 840 -17.59 31.41 9.55
C ILE A 840 -17.67 32.89 9.19
N ALA A 841 -16.53 33.49 8.88
CA ALA A 841 -16.54 34.90 8.51
C ALA A 841 -17.50 35.15 7.36
N ASN A 842 -17.35 34.41 6.26
CA ASN A 842 -18.15 34.66 5.07
C ASN A 842 -19.63 34.49 5.36
N LEU A 843 -20.01 33.33 5.91
CA LEU A 843 -21.44 33.05 6.05
C LEU A 843 -22.07 33.94 7.12
N GLY A 844 -21.40 34.11 8.26
CA GLY A 844 -21.96 34.97 9.30
C GLY A 844 -22.12 36.40 8.84
N THR A 845 -21.10 36.94 8.16
CA THR A 845 -21.21 38.30 7.65
C THR A 845 -22.35 38.40 6.63
N GLY A 846 -22.46 37.41 5.74
CA GLY A 846 -23.55 37.43 4.78
C GLY A 846 -24.90 37.45 5.47
N ILE A 847 -25.08 36.58 6.47
CA ILE A 847 -26.37 36.49 7.15
C ILE A 847 -26.68 37.80 7.87
N ILE A 848 -25.70 38.34 8.58
CA ILE A 848 -25.93 39.57 9.33
C ILE A 848 -26.28 40.71 8.40
N ILE A 849 -25.50 40.88 7.33
CA ILE A 849 -25.74 42.00 6.42
C ILE A 849 -27.05 41.82 5.67
N SER A 850 -27.45 40.57 5.41
CA SER A 850 -28.76 40.33 4.82
C SER A 850 -29.87 40.72 5.79
N PHE A 851 -29.71 40.36 7.06
CA PHE A 851 -30.72 40.74 8.05
C PHE A 851 -30.85 42.26 8.14
N ILE A 852 -29.72 42.97 8.14
CA ILE A 852 -29.78 44.43 8.20
C ILE A 852 -30.62 44.97 7.05
N TYR A 853 -30.39 44.46 5.85
CA TYR A 853 -31.16 44.86 4.66
C TYR A 853 -32.21 43.79 4.40
N GLY A 854 -33.37 43.95 5.02
CA GLY A 854 -34.45 43.01 4.83
C GLY A 854 -34.46 41.88 5.84
N TRP A 855 -35.65 41.46 6.26
CA TRP A 855 -35.81 40.44 7.28
C TRP A 855 -36.45 39.17 6.75
N GLN A 856 -37.63 39.27 6.13
CA GLN A 856 -38.35 38.07 5.71
C GLN A 856 -37.55 37.27 4.68
N LEU A 857 -37.06 37.94 3.64
CA LEU A 857 -36.27 37.24 2.63
C LEU A 857 -35.03 36.62 3.25
N THR A 858 -34.40 37.33 4.20
CA THR A 858 -33.24 36.78 4.88
C THR A 858 -33.61 35.51 5.62
N LEU A 859 -34.76 35.50 6.29
CA LEU A 859 -35.19 34.30 7.00
C LEU A 859 -35.41 33.14 6.04
N LEU A 860 -36.08 33.41 4.90
CA LEU A 860 -36.35 32.34 3.95
C LEU A 860 -35.05 31.76 3.40
N LEU A 861 -34.13 32.63 3.00
CA LEU A 861 -32.86 32.14 2.47
C LEU A 861 -32.05 31.42 3.54
N LEU A 862 -32.13 31.86 4.80
CA LEU A 862 -31.47 31.13 5.88
C LEU A 862 -32.07 29.74 6.03
N ALA A 863 -33.39 29.63 5.85
CA ALA A 863 -34.01 28.32 5.88
C ALA A 863 -33.51 27.44 4.73
N ILE A 864 -33.23 28.04 3.58
CA ILE A 864 -32.82 27.26 2.41
C ILE A 864 -31.33 26.95 2.37
N VAL A 865 -30.49 27.70 3.09
CA VAL A 865 -29.04 27.57 2.94
C VAL A 865 -28.56 26.13 3.14
N PRO A 866 -28.94 25.41 4.20
CA PRO A 866 -28.32 24.10 4.43
C PRO A 866 -28.44 23.16 3.25
N ILE A 867 -29.57 23.21 2.53
CA ILE A 867 -29.72 22.37 1.35
C ILE A 867 -28.69 22.76 0.30
N ILE A 868 -28.46 24.06 0.11
CA ILE A 868 -27.48 24.50 -0.88
C ILE A 868 -26.09 24.02 -0.49
N ALA A 869 -25.74 24.13 0.79
CA ALA A 869 -24.42 23.68 1.24
C ALA A 869 -24.25 22.18 1.05
N ILE A 870 -25.27 21.41 1.42
CA ILE A 870 -25.22 19.96 1.24
C ILE A 870 -25.04 19.62 -0.23
N ALA A 871 -25.78 20.31 -1.10
CA ALA A 871 -25.66 20.08 -2.53
C ALA A 871 -24.24 20.39 -3.02
N GLY A 872 -23.67 21.48 -2.55
CA GLY A 872 -22.33 21.83 -2.98
C GLY A 872 -21.31 20.79 -2.57
N VAL A 873 -21.38 20.35 -1.31
CA VAL A 873 -20.42 19.35 -0.84
C VAL A 873 -20.59 18.04 -1.60
N VAL A 874 -21.84 17.63 -1.85
CA VAL A 874 -22.07 16.37 -2.55
C VAL A 874 -21.56 16.46 -3.99
N GLU A 875 -21.79 17.60 -4.65
CA GLU A 875 -21.27 17.76 -6.00
C GLU A 875 -19.75 17.70 -6.01
N MET A 876 -19.11 18.38 -5.05
CA MET A 876 -17.65 18.36 -5.00
C MET A 876 -17.13 16.94 -4.77
N LYS A 877 -17.81 16.17 -3.93
CA LYS A 877 -17.39 14.79 -3.67
C LYS A 877 -17.78 13.84 -4.78
N MET A 878 -18.68 14.24 -5.68
CA MET A 878 -19.12 13.32 -6.73
C MET A 878 -17.96 12.83 -7.58
N LEU A 879 -17.09 13.75 -8.01
CA LEU A 879 -15.98 13.40 -8.88
C LEU A 879 -14.76 12.89 -8.13
N SER A 880 -14.72 13.05 -6.80
CA SER A 880 -13.56 12.64 -6.03
C SER A 880 -13.74 11.25 -5.39
N GLY A 881 -14.76 11.11 -4.53
CA GLY A 881 -14.84 9.97 -3.63
C GLY A 881 -15.93 8.97 -3.95
N GLN A 882 -16.09 8.62 -5.22
CA GLN A 882 -17.16 7.71 -5.61
C GLN A 882 -17.05 6.36 -4.92
N ALA A 883 -15.84 5.81 -4.84
CA ALA A 883 -15.60 4.47 -4.28
C ALA A 883 -14.75 4.59 -3.02
N LEU A 884 -15.39 4.56 -1.87
CA LEU A 884 -14.70 4.56 -0.59
C LEU A 884 -14.96 3.29 0.21
N LYS A 885 -16.22 2.93 0.44
CA LYS A 885 -16.57 1.75 1.21
C LYS A 885 -16.75 0.51 0.35
N ASP A 886 -16.73 0.65 -0.98
CA ASP A 886 -16.84 -0.53 -1.83
C ASP A 886 -15.66 -1.46 -1.63
N LYS A 887 -14.47 -0.92 -1.37
CA LYS A 887 -13.29 -1.74 -1.17
C LYS A 887 -13.51 -2.77 -0.07
N LYS A 888 -14.31 -2.44 0.94
CA LYS A 888 -14.60 -3.41 2.00
C LYS A 888 -15.26 -4.65 1.43
N GLU A 889 -16.35 -4.46 0.66
CA GLU A 889 -17.04 -5.60 0.06
C GLU A 889 -16.14 -6.33 -0.93
N LEU A 890 -15.36 -5.58 -1.71
CA LEU A 890 -14.48 -6.20 -2.68
C LEU A 890 -13.48 -7.12 -1.98
N GLU A 891 -12.87 -6.66 -0.89
CA GLU A 891 -11.96 -7.50 -0.14
C GLU A 891 -12.67 -8.69 0.48
N GLY A 892 -13.88 -8.46 1.00
CA GLY A 892 -14.63 -9.57 1.57
C GLY A 892 -14.87 -10.67 0.57
N SER A 893 -15.15 -10.30 -0.68
CA SER A 893 -15.36 -11.30 -1.72
C SER A 893 -14.05 -11.83 -2.30
N GLY A 894 -12.95 -11.09 -2.17
CA GLY A 894 -11.69 -11.47 -2.77
C GLY A 894 -10.88 -12.48 -2.01
N LYS A 895 -11.37 -12.98 -0.86
CA LYS A 895 -10.68 -14.09 -0.21
C LYS A 895 -10.60 -15.28 -1.15
N ILE A 896 -11.67 -15.52 -1.92
CA ILE A 896 -11.66 -16.61 -2.88
C ILE A 896 -10.60 -16.37 -3.95
N ALA A 897 -10.50 -15.14 -4.44
CA ALA A 897 -9.50 -14.83 -5.45
C ALA A 897 -8.09 -15.03 -4.91
N THR A 898 -7.84 -14.57 -3.70
CA THR A 898 -6.52 -14.78 -3.11
C THR A 898 -6.23 -16.26 -2.94
N GLU A 899 -7.21 -17.03 -2.48
CA GLU A 899 -7.02 -18.46 -2.35
C GLU A 899 -6.63 -19.09 -3.68
N ALA A 900 -7.42 -18.83 -4.72
CA ALA A 900 -7.20 -19.50 -6.00
C ALA A 900 -5.89 -19.06 -6.63
N ILE A 901 -5.58 -17.76 -6.57
CA ILE A 901 -4.37 -17.27 -7.22
C ILE A 901 -3.13 -17.74 -6.48
N GLU A 902 -3.13 -17.65 -5.14
CA GLU A 902 -1.97 -18.08 -4.37
C GLU A 902 -1.77 -19.58 -4.48
N ASN A 903 -2.83 -20.36 -4.28
CA ASN A 903 -2.76 -21.81 -4.28
C ASN A 903 -3.13 -22.41 -5.64
N PHE A 904 -2.86 -21.68 -6.73
CA PHE A 904 -3.32 -22.13 -8.03
C PHE A 904 -2.76 -23.50 -8.40
N ARG A 905 -1.57 -23.84 -7.92
CA ARG A 905 -0.94 -25.09 -8.32
C ARG A 905 -1.83 -26.27 -7.95
N THR A 906 -2.24 -26.37 -6.69
CA THR A 906 -3.09 -27.48 -6.29
C THR A 906 -4.45 -27.41 -6.98
N VAL A 907 -4.97 -26.20 -7.17
CA VAL A 907 -6.28 -26.05 -7.80
C VAL A 907 -6.26 -26.68 -9.19
N VAL A 908 -5.27 -26.33 -9.99
CA VAL A 908 -5.17 -26.93 -11.32
C VAL A 908 -4.84 -28.41 -11.20
N SER A 909 -4.07 -28.80 -10.19
CA SER A 909 -3.69 -30.20 -10.04
C SER A 909 -4.92 -31.08 -9.88
N LEU A 910 -5.87 -30.65 -9.05
CA LEU A 910 -7.07 -31.44 -8.77
C LEU A 910 -8.31 -30.86 -9.45
N THR A 911 -8.12 -30.02 -10.47
CA THR A 911 -9.20 -29.51 -11.32
C THR A 911 -10.45 -29.16 -10.51
N GLN A 912 -10.26 -28.23 -9.56
CA GLN A 912 -11.37 -27.65 -8.82
C GLN A 912 -11.67 -26.22 -9.25
N GLU A 913 -11.21 -25.82 -10.44
CA GLU A 913 -11.30 -24.42 -10.85
C GLU A 913 -12.76 -23.97 -10.97
N GLN A 914 -13.62 -24.82 -11.53
CA GLN A 914 -14.99 -24.41 -11.77
C GLN A 914 -15.69 -24.06 -10.46
N LYS A 915 -15.50 -24.88 -9.42
CA LYS A 915 -16.14 -24.58 -8.14
C LYS A 915 -15.65 -23.26 -7.58
N PHE A 916 -14.35 -22.99 -7.71
CA PHE A 916 -13.82 -21.72 -7.23
C PHE A 916 -14.42 -20.55 -8.00
N GLU A 917 -14.54 -20.69 -9.32
CA GLU A 917 -15.13 -19.61 -10.11
C GLU A 917 -16.58 -19.36 -9.71
N HIS A 918 -17.34 -20.44 -9.49
CA HIS A 918 -18.74 -20.27 -9.08
C HIS A 918 -18.81 -19.62 -7.70
N MET A 919 -17.93 -20.02 -6.79
CA MET A 919 -17.91 -19.39 -5.47
C MET A 919 -17.60 -17.90 -5.58
N TYR A 920 -16.64 -17.56 -6.44
CA TYR A 920 -16.33 -16.14 -6.65
C TYR A 920 -17.53 -15.40 -7.22
N ALA A 921 -18.23 -16.04 -8.16
CA ALA A 921 -19.40 -15.40 -8.75
C ALA A 921 -20.46 -15.11 -7.68
N GLN A 922 -20.71 -16.07 -6.80
CA GLN A 922 -21.67 -15.83 -5.73
C GLN A 922 -21.20 -14.71 -4.80
N SER A 923 -19.96 -14.81 -4.34
CA SER A 923 -19.43 -13.80 -3.43
C SER A 923 -19.49 -12.41 -4.04
N LEU A 924 -19.35 -12.33 -5.36
CA LEU A 924 -19.40 -11.03 -6.03
C LEU A 924 -20.85 -10.59 -6.27
N GLN A 925 -21.77 -11.54 -6.44
CA GLN A 925 -23.18 -11.17 -6.54
C GLN A 925 -23.73 -10.69 -5.21
N VAL A 926 -23.06 -11.02 -4.10
CA VAL A 926 -23.50 -10.52 -2.81
C VAL A 926 -23.54 -9.00 -2.77
N PRO A 927 -22.50 -8.28 -3.19
CA PRO A 927 -22.57 -6.81 -3.24
C PRO A 927 -23.08 -6.22 -4.55
N TYR A 928 -23.23 -7.03 -5.60
CA TYR A 928 -23.62 -6.49 -6.90
C TYR A 928 -24.93 -5.70 -6.81
N ARG A 929 -25.97 -6.33 -6.23
CA ARG A 929 -27.22 -5.60 -6.03
C ARG A 929 -27.01 -4.41 -5.12
N ASN A 930 -26.14 -4.55 -4.12
CA ASN A 930 -25.82 -3.42 -3.26
C ASN A 930 -25.20 -2.29 -4.06
N SER A 931 -24.32 -2.62 -5.02
CA SER A 931 -23.72 -1.59 -5.87
C SER A 931 -24.78 -0.89 -6.70
N LEU A 932 -25.71 -1.66 -7.27
CA LEU A 932 -26.77 -1.04 -8.06
C LEU A 932 -27.63 -0.10 -7.19
N ARG A 933 -27.95 -0.54 -5.98
CA ARG A 933 -28.72 0.31 -5.07
C ARG A 933 -27.94 1.57 -4.73
N LYS A 934 -26.63 1.45 -4.52
CA LYS A 934 -25.81 2.63 -4.27
C LYS A 934 -25.85 3.58 -5.44
N ALA A 935 -25.79 3.05 -6.66
CA ALA A 935 -25.90 3.89 -7.85
C ALA A 935 -27.20 4.69 -7.83
N HIS A 936 -28.33 4.00 -7.62
CA HIS A 936 -29.61 4.70 -7.60
C HIS A 936 -29.66 5.74 -6.50
N ILE A 937 -29.16 5.40 -5.31
CA ILE A 937 -29.20 6.33 -4.19
C ILE A 937 -28.40 7.59 -4.52
N PHE A 938 -27.20 7.41 -5.08
CA PHE A 938 -26.39 8.56 -5.41
C PHE A 938 -27.07 9.44 -6.46
N GLY A 939 -27.68 8.80 -7.47
CA GLY A 939 -28.39 9.58 -8.46
C GLY A 939 -29.50 10.41 -7.87
N ILE A 940 -30.31 9.79 -7.01
CA ILE A 940 -31.41 10.53 -6.38
C ILE A 940 -30.86 11.69 -5.55
N THR A 941 -29.80 11.44 -4.78
CA THR A 941 -29.24 12.50 -3.95
C THR A 941 -28.80 13.68 -4.80
N PHE A 942 -28.02 13.42 -5.84
CA PHE A 942 -27.51 14.50 -6.67
C PHE A 942 -28.64 15.27 -7.33
N SER A 943 -29.61 14.54 -7.88
CA SER A 943 -30.72 15.21 -8.57
C SER A 943 -31.52 16.07 -7.62
N PHE A 944 -31.82 15.56 -6.42
CA PHE A 944 -32.57 16.35 -5.46
C PHE A 944 -31.79 17.60 -5.06
N THR A 945 -30.48 17.47 -4.92
CA THR A 945 -29.66 18.65 -4.60
C THR A 945 -29.78 19.71 -5.69
N GLN A 946 -29.60 19.31 -6.95
CA GLN A 946 -29.68 20.28 -8.03
C GLN A 946 -31.05 20.94 -8.06
N ALA A 947 -32.11 20.13 -7.95
CA ALA A 947 -33.46 20.68 -8.01
C ALA A 947 -33.72 21.62 -6.85
N MET A 948 -33.19 21.31 -5.66
CA MET A 948 -33.36 22.20 -4.52
C MET A 948 -32.70 23.53 -4.78
N MET A 949 -31.51 23.53 -5.37
CA MET A 949 -30.89 24.81 -5.71
C MET A 949 -31.78 25.58 -6.69
N TYR A 950 -32.29 24.90 -7.72
CA TYR A 950 -33.09 25.62 -8.71
C TYR A 950 -34.36 26.19 -8.09
N PHE A 951 -35.01 25.43 -7.21
CA PHE A 951 -36.19 25.92 -6.53
C PHE A 951 -35.87 27.05 -5.56
N SER A 952 -34.63 27.13 -5.07
CA SER A 952 -34.25 28.26 -4.25
C SER A 952 -34.48 29.57 -4.99
N TYR A 953 -34.04 29.65 -6.24
CA TYR A 953 -34.26 30.85 -7.03
C TYR A 953 -35.74 31.21 -7.07
N ALA A 954 -36.59 30.25 -7.45
CA ALA A 954 -38.00 30.53 -7.61
C ALA A 954 -38.62 31.02 -6.32
N GLY A 955 -38.41 30.27 -5.23
CA GLY A 955 -39.02 30.66 -3.97
C GLY A 955 -38.54 32.01 -3.50
N CYS A 956 -37.22 32.22 -3.52
CA CYS A 956 -36.67 33.47 -3.02
C CYS A 956 -37.19 34.66 -3.81
N PHE A 957 -37.19 34.56 -5.15
CA PHE A 957 -37.60 35.71 -5.93
C PHE A 957 -39.11 35.92 -5.93
N ARG A 958 -39.90 34.85 -5.78
CA ARG A 958 -41.34 35.05 -5.62
C ARG A 958 -41.63 35.78 -4.31
N PHE A 959 -40.97 35.37 -3.23
CA PHE A 959 -41.17 36.06 -1.96
C PHE A 959 -40.68 37.51 -2.06
N GLY A 960 -39.57 37.72 -2.78
CA GLY A 960 -39.09 39.08 -2.97
C GLY A 960 -40.07 39.93 -3.78
N ALA A 961 -40.71 39.33 -4.79
CA ALA A 961 -41.73 40.04 -5.52
C ALA A 961 -42.89 40.42 -4.61
N TYR A 962 -43.31 39.50 -3.76
CA TYR A 962 -44.35 39.82 -2.79
C TYR A 962 -43.93 40.99 -1.91
N LEU A 963 -42.69 40.95 -1.41
CA LEU A 963 -42.23 42.00 -0.50
C LEU A 963 -42.19 43.36 -1.20
N VAL A 964 -41.58 43.41 -2.39
CA VAL A 964 -41.44 44.69 -3.08
C VAL A 964 -42.80 45.22 -3.48
N ALA A 965 -43.69 44.35 -3.95
CA ALA A 965 -45.01 44.82 -4.38
C ALA A 965 -45.73 45.55 -3.27
N HIS A 966 -45.42 45.21 -2.01
CA HIS A 966 -45.96 45.92 -0.85
C HIS A 966 -44.95 46.90 -0.26
N LYS A 967 -43.97 47.32 -1.05
CA LYS A 967 -42.98 48.30 -0.60
C LYS A 967 -42.25 47.83 0.65
N LEU A 968 -42.06 46.52 0.78
CA LEU A 968 -41.31 45.98 1.91
C LEU A 968 -39.81 46.16 1.73
N MET A 969 -39.34 46.39 0.51
CA MET A 969 -37.93 46.56 0.24
C MET A 969 -37.76 46.90 -1.23
N SER A 970 -36.60 47.45 -1.57
CA SER A 970 -36.28 47.76 -2.95
C SER A 970 -35.65 46.55 -3.62
N PHE A 971 -35.90 46.41 -4.93
CA PHE A 971 -35.38 45.26 -5.64
C PHE A 971 -33.87 45.13 -5.42
N GLU A 972 -33.18 46.25 -5.31
CA GLU A 972 -31.78 46.19 -4.93
C GLU A 972 -31.60 45.43 -3.62
N ASP A 973 -32.46 45.69 -2.64
CA ASP A 973 -32.31 45.05 -1.33
C ASP A 973 -32.53 43.55 -1.42
N VAL A 974 -33.59 43.12 -2.09
CA VAL A 974 -33.87 41.69 -2.17
C VAL A 974 -32.79 40.99 -2.97
N LEU A 975 -32.34 41.60 -4.06
CA LEU A 975 -31.23 41.04 -4.81
C LEU A 975 -29.98 40.94 -3.95
N LEU A 976 -29.74 41.96 -3.12
CA LEU A 976 -28.59 41.94 -2.23
C LEU A 976 -28.67 40.74 -1.30
N VAL A 977 -29.79 40.57 -0.60
CA VAL A 977 -29.91 39.47 0.34
C VAL A 977 -29.75 38.15 -0.38
N PHE A 978 -30.42 38.00 -1.52
CA PHE A 978 -30.37 36.75 -2.26
C PHE A 978 -28.95 36.41 -2.66
N SER A 979 -28.26 37.36 -3.32
CA SER A 979 -26.90 37.11 -3.74
C SER A 979 -26.01 36.80 -2.54
N ALA A 980 -26.05 37.67 -1.53
CA ALA A 980 -25.25 37.44 -0.33
C ALA A 980 -25.40 36.01 0.16
N VAL A 981 -26.62 35.62 0.50
CA VAL A 981 -26.82 34.33 1.15
C VAL A 981 -26.45 33.19 0.21
N VAL A 982 -26.95 33.22 -1.03
CA VAL A 982 -26.76 32.09 -1.93
C VAL A 982 -25.29 31.92 -2.26
N PHE A 983 -24.63 33.00 -2.69
CA PHE A 983 -23.23 32.90 -3.05
C PHE A 983 -22.36 32.62 -1.84
N GLY A 984 -22.73 33.11 -0.66
CA GLY A 984 -21.98 32.76 0.53
C GLY A 984 -22.05 31.28 0.83
N ALA A 985 -23.24 30.69 0.75
CA ALA A 985 -23.38 29.27 0.98
C ALA A 985 -22.57 28.47 -0.05
N MET A 986 -22.66 28.88 -1.32
CA MET A 986 -21.96 28.13 -2.36
C MET A 986 -20.44 28.25 -2.20
N ALA A 987 -19.94 29.44 -1.88
CA ALA A 987 -18.51 29.63 -1.71
C ALA A 987 -17.99 28.93 -0.47
N VAL A 988 -18.77 28.93 0.62
CA VAL A 988 -18.33 28.23 1.81
C VAL A 988 -18.27 26.73 1.55
N GLY A 989 -19.26 26.20 0.83
CA GLY A 989 -19.16 24.80 0.43
C GLY A 989 -17.92 24.54 -0.40
N GLN A 990 -17.66 25.39 -1.39
CA GLN A 990 -16.50 25.18 -2.26
C GLN A 990 -15.20 25.19 -1.46
N VAL A 991 -15.00 26.22 -0.63
CA VAL A 991 -13.75 26.33 0.10
C VAL A 991 -13.62 25.22 1.13
N SER A 992 -14.72 24.81 1.75
CA SER A 992 -14.66 23.68 2.69
C SER A 992 -14.23 22.42 1.98
N SER A 993 -14.75 22.17 0.78
CA SER A 993 -14.40 20.96 0.05
C SER A 993 -13.03 21.05 -0.62
N PHE A 994 -12.46 22.25 -0.75
CA PHE A 994 -11.13 22.37 -1.33
C PHE A 994 -10.01 21.99 -0.36
N ALA A 995 -10.27 22.02 0.94
CA ALA A 995 -9.22 21.74 1.90
C ALA A 995 -8.80 20.27 1.82
N PRO A 996 -7.56 19.95 2.19
CA PRO A 996 -7.17 18.54 2.24
C PRO A 996 -8.02 17.78 3.25
N ASP A 997 -8.26 16.50 2.96
CA ASP A 997 -9.16 15.70 3.78
C ASP A 997 -8.71 15.74 5.24
N TYR A 998 -9.67 15.93 6.13
CA TYR A 998 -9.39 16.17 7.53
C TYR A 998 -9.32 14.87 8.34
N ALA A 999 -10.26 13.96 8.13
CA ALA A 999 -10.34 12.77 8.96
C ALA A 999 -9.05 11.96 8.88
N LYS A 1000 -8.57 11.69 7.68
CA LYS A 1000 -7.30 10.98 7.53
C LYS A 1000 -6.17 11.76 8.18
N ALA A 1001 -6.16 13.08 8.01
CA ALA A 1001 -5.13 13.90 8.61
C ALA A 1001 -5.20 13.84 10.13
N LYS A 1002 -6.40 13.90 10.70
CA LYS A 1002 -6.52 13.80 12.15
C LYS A 1002 -6.05 12.44 12.65
N ILE A 1003 -6.38 11.38 11.92
CA ILE A 1003 -5.93 10.05 12.32
C ILE A 1003 -4.41 9.97 12.32
N SER A 1004 -3.79 10.48 11.25
CA SER A 1004 -2.34 10.45 11.17
C SER A 1004 -1.70 11.28 12.28
N ALA A 1005 -2.28 12.44 12.57
CA ALA A 1005 -1.76 13.28 13.64
C ALA A 1005 -1.85 12.56 14.98
N ALA A 1006 -2.96 11.88 15.23
CA ALA A 1006 -3.09 11.11 16.48
C ALA A 1006 -2.05 10.00 16.53
N HIS A 1007 -1.84 9.30 15.42
CA HIS A 1007 -0.85 8.23 15.39
C HIS A 1007 0.54 8.76 15.73
N ILE A 1008 0.90 9.89 15.13
CA ILE A 1008 2.23 10.44 15.38
C ILE A 1008 2.31 11.01 16.80
N ILE A 1009 1.18 11.46 17.35
CA ILE A 1009 1.17 11.85 18.76
C ILE A 1009 1.48 10.65 19.63
N MET A 1010 0.90 9.50 19.30
CA MET A 1010 1.20 8.28 20.04
C MET A 1010 2.68 7.93 19.91
N ILE A 1011 3.24 8.06 18.71
CA ILE A 1011 4.65 7.72 18.51
C ILE A 1011 5.55 8.65 19.31
N ILE A 1012 5.35 9.95 19.20
CA ILE A 1012 6.22 10.91 19.87
C ILE A 1012 6.09 10.77 21.38
N GLU A 1013 4.86 10.64 21.88
CA GLU A 1013 4.65 10.55 23.31
C GLU A 1013 5.17 9.23 23.88
N LYS A 1014 5.41 8.24 23.04
CA LYS A 1014 5.84 6.94 23.54
C LYS A 1014 7.15 7.08 24.31
N THR A 1015 7.23 6.42 25.46
CA THR A 1015 8.42 6.44 26.31
C THR A 1015 8.95 5.02 26.47
N PRO A 1016 10.23 4.79 26.19
CA PRO A 1016 10.76 3.42 26.26
C PRO A 1016 10.97 2.96 27.69
N LEU A 1017 10.95 1.64 27.86
CA LEU A 1017 11.32 1.06 29.15
C LEU A 1017 12.80 1.22 29.42
N ILE A 1018 13.63 1.00 28.40
CA ILE A 1018 15.08 1.18 28.50
C ILE A 1018 15.35 2.59 27.98
N ASP A 1019 15.34 3.56 28.89
CA ASP A 1019 15.48 4.97 28.52
C ASP A 1019 16.94 5.24 28.17
N SER A 1020 17.34 4.80 26.97
CA SER A 1020 18.69 5.06 26.51
C SER A 1020 19.00 6.54 26.53
N TYR A 1021 18.00 7.39 26.30
CA TYR A 1021 18.20 8.83 26.44
C TYR A 1021 18.43 9.25 27.88
N SER A 1022 18.06 8.39 28.84
CA SER A 1022 18.27 8.70 30.25
C SER A 1022 19.73 8.51 30.62
N THR A 1023 20.29 9.47 31.35
CA THR A 1023 21.66 9.42 31.82
C THR A 1023 21.78 8.84 33.23
N GLU A 1024 20.69 8.30 33.78
CA GLU A 1024 20.70 7.75 35.13
C GLU A 1024 21.26 6.34 35.09
N GLY A 1025 22.47 6.17 35.63
CA GLY A 1025 23.08 4.84 35.71
C GLY A 1025 24.46 4.88 36.33
N LEU A 1026 24.75 3.91 37.19
CA LEU A 1026 26.04 3.87 37.87
C LEU A 1026 27.18 3.79 36.87
N MET A 1027 28.19 4.64 37.07
CA MET A 1027 29.33 4.73 36.16
C MET A 1027 30.61 4.68 36.97
N PRO A 1028 30.95 3.52 37.53
CA PRO A 1028 32.20 3.39 38.26
C PRO A 1028 33.41 3.53 37.34
N ASN A 1029 34.49 4.09 37.89
CA ASN A 1029 35.70 4.29 37.11
C ASN A 1029 36.27 2.95 36.67
N THR A 1030 36.52 2.83 35.37
CA THR A 1030 37.04 1.58 34.81
C THR A 1030 36.06 0.44 35.06
N LEU A 1031 36.54 -0.79 35.03
CA LEU A 1031 35.69 -1.95 35.26
C LEU A 1031 36.55 -3.18 35.42
N GLU A 1032 36.23 -4.00 36.41
CA GLU A 1032 36.97 -5.25 36.61
C GLU A 1032 36.82 -6.17 35.41
N GLY A 1033 35.62 -6.26 34.86
CA GLY A 1033 35.39 -7.06 33.68
C GLY A 1033 34.90 -8.47 33.94
N ASN A 1034 34.25 -8.70 35.09
CA ASN A 1034 33.69 -10.00 35.42
C ASN A 1034 32.22 -10.01 35.05
N VAL A 1035 31.85 -10.86 34.08
CA VAL A 1035 30.50 -10.93 33.56
C VAL A 1035 29.85 -12.20 34.10
N THR A 1036 28.76 -12.04 34.84
CA THR A 1036 28.08 -13.15 35.47
C THR A 1036 26.63 -13.18 35.01
N PHE A 1037 26.22 -14.31 34.45
CA PHE A 1037 24.82 -14.59 34.11
C PHE A 1037 24.38 -15.77 34.95
N GLY A 1038 23.43 -15.55 35.85
CA GLY A 1038 22.96 -16.58 36.74
C GLY A 1038 21.48 -16.85 36.60
N GLU A 1039 21.12 -18.06 36.20
CA GLU A 1039 19.73 -18.43 35.96
C GLU A 1039 19.08 -17.50 34.94
N VAL A 1040 19.87 -17.00 34.01
CA VAL A 1040 19.39 -16.08 32.99
C VAL A 1040 18.34 -16.79 32.15
N VAL A 1041 17.10 -16.31 32.23
CA VAL A 1041 15.98 -16.84 31.46
C VAL A 1041 15.25 -15.68 30.82
N PHE A 1042 15.01 -15.80 29.51
CA PHE A 1042 14.33 -14.73 28.77
C PHE A 1042 13.82 -15.30 27.46
N ASN A 1043 12.78 -14.67 26.93
CA ASN A 1043 12.20 -15.05 25.65
C ASN A 1043 11.97 -13.79 24.82
N TYR A 1044 11.93 -13.97 23.52
CA TYR A 1044 11.72 -12.84 22.62
C TYR A 1044 10.36 -12.20 22.91
N PRO A 1045 10.28 -10.87 23.03
CA PRO A 1045 8.96 -10.25 23.24
C PRO A 1045 7.98 -10.55 22.12
N THR A 1046 8.47 -10.83 20.90
CA THR A 1046 7.57 -11.20 19.82
C THR A 1046 6.84 -12.50 20.14
N ARG A 1047 7.57 -13.50 20.64
CA ARG A 1047 7.01 -14.79 21.00
C ARG A 1047 7.50 -15.17 22.39
N PRO A 1048 7.04 -14.44 23.42
CA PRO A 1048 7.53 -14.71 24.78
C PRO A 1048 7.25 -16.11 25.28
N ASP A 1049 6.13 -16.71 24.85
CA ASP A 1049 5.79 -18.04 25.32
C ASP A 1049 6.87 -19.05 24.93
N ILE A 1050 7.38 -18.96 23.72
CA ILE A 1050 8.47 -19.84 23.30
C ILE A 1050 9.76 -19.41 24.00
N PRO A 1051 10.44 -20.29 24.73
CA PRO A 1051 11.64 -19.86 25.46
C PRO A 1051 12.89 -19.87 24.60
N VAL A 1052 13.69 -18.81 24.78
CA VAL A 1052 15.01 -18.74 24.19
C VAL A 1052 16.11 -18.93 25.22
N LEU A 1053 15.87 -18.57 26.48
CA LEU A 1053 16.77 -18.86 27.58
C LEU A 1053 16.04 -19.74 28.58
N GLN A 1054 16.73 -20.75 29.09
CA GLN A 1054 16.14 -21.73 29.98
C GLN A 1054 16.93 -21.80 31.28
N GLY A 1055 17.18 -20.64 31.89
CA GLY A 1055 18.02 -20.58 33.07
C GLY A 1055 19.47 -20.88 32.76
N LEU A 1056 19.98 -20.36 31.66
CA LEU A 1056 21.39 -20.57 31.32
C LEU A 1056 22.27 -19.74 32.24
N SER A 1057 23.55 -20.10 32.29
CA SER A 1057 24.50 -19.41 33.16
C SER A 1057 25.82 -19.28 32.45
N LEU A 1058 26.60 -18.26 32.85
CA LEU A 1058 27.91 -18.05 32.26
C LEU A 1058 28.72 -17.14 33.17
N GLU A 1059 29.86 -17.62 33.64
CA GLU A 1059 30.78 -16.82 34.45
C GLU A 1059 32.04 -16.57 33.64
N VAL A 1060 32.39 -15.30 33.45
CA VAL A 1060 33.53 -14.91 32.65
C VAL A 1060 34.39 -13.95 33.47
N LYS A 1061 35.69 -14.24 33.54
CA LYS A 1061 36.63 -13.41 34.25
C LYS A 1061 37.24 -12.37 33.32
N LYS A 1062 37.97 -11.43 33.91
CA LYS A 1062 38.57 -10.34 33.13
C LYS A 1062 39.53 -10.90 32.09
N GLY A 1063 39.38 -10.44 30.85
CA GLY A 1063 40.27 -10.87 29.79
C GLY A 1063 40.26 -12.36 29.55
N GLN A 1064 39.10 -12.99 29.65
CA GLN A 1064 38.97 -14.44 29.50
C GLN A 1064 38.40 -14.74 28.12
N THR A 1065 39.14 -15.54 27.35
CA THR A 1065 38.71 -15.93 26.01
C THR A 1065 37.63 -17.00 26.15
N LEU A 1066 36.37 -16.59 26.12
CA LEU A 1066 35.25 -17.50 26.30
C LEU A 1066 34.66 -17.85 24.95
N ALA A 1067 34.44 -19.14 24.71
CA ALA A 1067 33.88 -19.63 23.48
C ALA A 1067 32.50 -20.23 23.74
N LEU A 1068 31.57 -19.98 22.83
CA LEU A 1068 30.22 -20.51 22.91
C LEU A 1068 29.95 -21.39 21.70
N VAL A 1069 29.37 -22.57 21.96
CA VAL A 1069 29.08 -23.55 20.92
C VAL A 1069 27.64 -24.04 21.12
N GLY A 1070 27.13 -24.69 20.09
CA GLY A 1070 25.80 -25.25 20.14
C GLY A 1070 25.27 -25.52 18.75
N SER A 1071 24.03 -26.01 18.72
CA SER A 1071 23.36 -26.25 17.45
C SER A 1071 23.08 -24.94 16.75
N SER A 1072 23.29 -24.90 15.44
CA SER A 1072 23.04 -23.70 14.67
C SER A 1072 21.59 -23.26 14.86
N GLY A 1073 21.39 -21.99 15.19
CA GLY A 1073 20.08 -21.48 15.50
C GLY A 1073 19.64 -21.68 16.93
N CYS A 1074 20.52 -22.18 17.81
CA CYS A 1074 20.13 -22.45 19.19
C CYS A 1074 19.79 -21.18 19.95
N GLY A 1075 20.26 -20.02 19.49
CA GLY A 1075 20.04 -18.78 20.21
C GLY A 1075 21.34 -18.17 20.68
N LYS A 1076 22.44 -18.53 20.03
CA LYS A 1076 23.74 -18.01 20.41
C LYS A 1076 23.75 -16.48 20.40
N SER A 1077 23.28 -15.88 19.30
CA SER A 1077 23.23 -14.43 19.22
C SER A 1077 22.33 -13.82 20.29
N THR A 1078 21.42 -14.61 20.86
CA THR A 1078 20.52 -14.08 21.88
C THR A 1078 21.29 -13.60 23.10
N VAL A 1079 22.31 -14.35 23.51
CA VAL A 1079 23.12 -13.93 24.66
C VAL A 1079 23.80 -12.60 24.37
N VAL A 1080 24.35 -12.46 23.16
CA VAL A 1080 25.01 -11.20 22.80
C VAL A 1080 24.03 -10.06 22.81
N GLN A 1081 22.83 -10.28 22.25
CA GLN A 1081 21.82 -9.23 22.24
C GLN A 1081 21.45 -8.84 23.66
N LEU A 1082 21.31 -9.81 24.56
CA LEU A 1082 21.01 -9.51 25.95
C LEU A 1082 22.15 -8.71 26.58
N LEU A 1083 23.40 -9.01 26.20
CA LEU A 1083 24.53 -8.27 26.74
C LEU A 1083 24.38 -6.77 26.51
N GLU A 1084 23.71 -6.39 25.42
CA GLU A 1084 23.43 -5.00 25.12
C GLU A 1084 22.12 -4.52 25.73
N ARG A 1085 21.47 -5.37 26.55
CA ARG A 1085 20.21 -5.02 27.17
C ARG A 1085 19.17 -4.62 26.13
N PHE A 1086 19.32 -5.13 24.91
CA PHE A 1086 18.31 -4.88 23.89
C PHE A 1086 16.96 -5.45 24.31
N TYR A 1087 16.95 -6.64 24.89
CA TYR A 1087 15.77 -7.25 25.47
C TYR A 1087 16.04 -7.54 26.94
N ASP A 1088 15.06 -7.24 27.79
CA ASP A 1088 15.25 -7.48 29.22
C ASP A 1088 15.24 -8.98 29.51
N PRO A 1089 15.92 -9.40 30.58
CA PRO A 1089 15.89 -10.81 30.96
C PRO A 1089 14.72 -11.14 31.87
N LEU A 1090 13.94 -12.17 31.53
CA LEU A 1090 12.79 -12.51 32.35
C LEU A 1090 13.20 -12.96 33.74
N ALA A 1091 14.25 -13.78 33.84
CA ALA A 1091 14.71 -14.28 35.13
C ALA A 1091 16.23 -14.41 35.08
N GLY A 1092 16.83 -14.41 36.26
CA GLY A 1092 18.27 -14.47 36.39
C GLY A 1092 18.90 -13.11 36.47
N LYS A 1093 20.14 -13.08 36.97
CA LYS A 1093 20.87 -11.85 37.19
C LYS A 1093 22.02 -11.75 36.20
N VAL A 1094 22.14 -10.60 35.54
CA VAL A 1094 23.25 -10.28 34.66
C VAL A 1094 24.03 -9.15 35.32
N LEU A 1095 25.27 -9.43 35.72
CA LEU A 1095 26.08 -8.48 36.46
C LEU A 1095 27.43 -8.32 35.81
N LEU A 1096 27.91 -7.07 35.76
CA LEU A 1096 29.24 -6.75 35.29
C LEU A 1096 30.05 -6.22 36.46
N ASP A 1097 31.23 -6.79 36.67
CA ASP A 1097 32.05 -6.44 37.82
C ASP A 1097 31.27 -6.59 39.12
N GLY A 1098 30.40 -7.59 39.16
CA GLY A 1098 29.58 -7.82 40.34
C GLY A 1098 28.68 -6.65 40.68
N LYS A 1099 28.04 -6.07 39.67
CA LYS A 1099 27.17 -4.91 39.86
C LYS A 1099 25.88 -5.12 39.08
N GLU A 1100 24.82 -4.44 39.53
CA GLU A 1100 23.53 -4.50 38.86
C GLU A 1100 23.66 -3.92 37.45
N ILE A 1101 23.49 -4.77 36.44
CA ILE A 1101 23.64 -4.31 35.06
C ILE A 1101 22.59 -3.26 34.74
N LYS A 1102 21.33 -3.53 35.08
CA LYS A 1102 20.27 -2.55 34.85
C LYS A 1102 20.53 -1.26 35.63
N ARG A 1103 21.19 -1.36 36.78
CA ARG A 1103 21.51 -0.18 37.57
C ARG A 1103 22.63 0.65 36.96
N LEU A 1104 23.30 0.16 35.94
CA LEU A 1104 24.39 0.88 35.29
C LEU A 1104 23.85 1.83 34.23
N ASN A 1105 24.75 2.63 33.68
CA ASN A 1105 24.39 3.54 32.60
C ASN A 1105 24.21 2.75 31.31
N VAL A 1106 22.99 2.73 30.79
CA VAL A 1106 22.71 1.96 29.57
C VAL A 1106 23.59 2.46 28.43
N GLN A 1107 23.65 3.77 28.24
CA GLN A 1107 24.52 4.31 27.19
C GLN A 1107 25.98 4.04 27.50
N TRP A 1108 26.39 4.24 28.76
CA TRP A 1108 27.77 3.99 29.14
C TRP A 1108 28.14 2.53 28.86
N LEU A 1109 27.27 1.60 29.25
CA LEU A 1109 27.53 0.19 28.99
C LEU A 1109 27.62 -0.08 27.50
N ARG A 1110 26.60 0.35 26.75
CA ARG A 1110 26.60 0.10 25.30
C ARG A 1110 27.84 0.66 24.65
N ALA A 1111 28.40 1.75 25.19
CA ALA A 1111 29.64 2.27 24.65
C ALA A 1111 30.84 1.44 25.07
N HIS A 1112 30.83 0.92 26.31
CA HIS A 1112 31.96 0.15 26.80
C HIS A 1112 32.14 -1.14 26.00
N LEU A 1113 31.06 -1.90 25.82
CA LEU A 1113 31.14 -3.18 25.13
C LEU A 1113 31.30 -2.96 23.63
N GLY A 1114 31.63 -4.04 22.94
CA GLY A 1114 31.73 -4.02 21.49
C GLY A 1114 31.26 -5.32 20.88
N ILE A 1115 30.46 -5.24 19.83
CA ILE A 1115 29.83 -6.41 19.24
C ILE A 1115 29.90 -6.32 17.72
N VAL A 1116 30.23 -7.43 17.09
CA VAL A 1116 30.24 -7.55 15.64
C VAL A 1116 29.14 -8.54 15.26
N SER A 1117 28.12 -8.05 14.57
CA SER A 1117 26.97 -8.89 14.24
C SER A 1117 27.38 -10.01 13.30
N GLN A 1118 26.54 -11.04 13.23
CA GLN A 1118 26.75 -12.11 12.27
C GLN A 1118 26.74 -11.57 10.84
N GLU A 1119 26.06 -10.45 10.61
CA GLU A 1119 26.05 -9.77 9.32
C GLU A 1119 26.27 -8.28 9.57
N PRO A 1120 27.53 -7.83 9.66
CA PRO A 1120 27.78 -6.42 9.92
C PRO A 1120 27.22 -5.53 8.81
N ILE A 1121 26.80 -4.33 9.21
CA ILE A 1121 26.17 -3.38 8.31
C ILE A 1121 27.08 -2.16 8.17
N LEU A 1122 27.19 -1.65 6.95
CA LEU A 1122 28.07 -0.53 6.63
C LEU A 1122 27.26 0.58 6.00
N PHE A 1123 27.42 1.79 6.52
CA PHE A 1123 26.68 2.93 6.01
C PHE A 1123 27.40 3.54 4.80
N ASP A 1124 26.62 4.26 3.99
CA ASP A 1124 27.14 4.89 2.77
C ASP A 1124 27.90 6.15 3.16
N CYS A 1125 29.20 5.98 3.41
CA CYS A 1125 30.06 7.10 3.77
C CYS A 1125 31.49 6.71 3.47
N SER A 1126 32.41 7.65 3.70
CA SER A 1126 33.83 7.38 3.49
C SER A 1126 34.31 6.34 4.50
N ILE A 1127 35.27 5.53 4.08
CA ILE A 1127 35.77 4.45 4.93
C ILE A 1127 36.27 5.01 6.26
N ALA A 1128 36.98 6.14 6.21
CA ALA A 1128 37.50 6.73 7.44
C ALA A 1128 36.37 7.12 8.37
N GLU A 1129 35.34 7.80 7.85
CA GLU A 1129 34.21 8.20 8.68
C GLU A 1129 33.48 6.99 9.23
N ASN A 1130 33.28 5.97 8.40
CA ASN A 1130 32.59 4.77 8.85
C ASN A 1130 33.36 4.11 9.99
N ILE A 1131 34.69 4.00 9.86
CA ILE A 1131 35.48 3.40 10.93
C ILE A 1131 35.40 4.25 12.19
N ALA A 1132 35.55 5.56 12.06
CA ALA A 1132 35.49 6.44 13.22
C ALA A 1132 34.13 6.43 13.88
N TYR A 1133 33.09 6.02 13.15
CA TYR A 1133 31.75 6.00 13.72
C TYR A 1133 31.64 5.09 14.93
N GLY A 1134 32.60 4.18 15.11
CA GLY A 1134 32.51 3.24 16.21
C GLY A 1134 32.44 3.91 17.57
N ASP A 1135 33.34 4.88 17.79
CA ASP A 1135 33.43 5.58 19.07
C ASP A 1135 32.89 7.00 18.89
N ASN A 1136 31.69 7.23 19.40
CA ASN A 1136 31.06 8.54 19.32
C ASN A 1136 31.52 9.38 20.52
N SER A 1137 30.94 10.57 20.67
CA SER A 1137 31.21 11.51 21.75
C SER A 1137 32.58 12.15 21.64
N ARG A 1138 33.42 11.75 20.69
CA ARG A 1138 34.73 12.34 20.53
C ARG A 1138 35.34 11.93 19.19
N VAL A 1139 35.79 12.90 18.40
CA VAL A 1139 36.42 12.58 17.13
C VAL A 1139 37.65 11.73 17.39
N VAL A 1140 37.83 10.70 16.57
CA VAL A 1140 38.98 9.81 16.66
C VAL A 1140 40.00 10.27 15.63
N SER A 1141 41.19 10.63 16.09
CA SER A 1141 42.20 11.18 15.21
C SER A 1141 42.62 10.15 14.15
N GLN A 1142 43.05 10.66 13.00
CA GLN A 1142 43.46 9.79 11.91
C GLN A 1142 44.55 8.81 12.35
N GLU A 1143 45.41 9.23 13.28
CA GLU A 1143 46.43 8.31 13.79
C GLU A 1143 45.80 7.11 14.46
N GLU A 1144 44.78 7.33 15.30
CA GLU A 1144 44.12 6.23 15.98
C GLU A 1144 43.43 5.31 14.97
N ILE A 1145 42.78 5.88 13.96
CA ILE A 1145 42.13 5.06 12.95
C ILE A 1145 43.15 4.22 12.20
N VAL A 1146 44.29 4.83 11.84
CA VAL A 1146 45.33 4.09 11.14
C VAL A 1146 45.86 2.96 12.02
N ARG A 1147 46.08 3.23 13.30
CA ARG A 1147 46.57 2.20 14.20
C ARG A 1147 45.58 1.06 14.31
N ALA A 1148 44.28 1.38 14.42
CA ALA A 1148 43.28 0.33 14.51
C ALA A 1148 43.24 -0.49 13.23
N ALA A 1149 43.30 0.16 12.07
CA ALA A 1149 43.29 -0.56 10.80
C ALA A 1149 44.49 -1.49 10.71
N LYS A 1150 45.68 -1.01 11.10
CA LYS A 1150 46.86 -1.87 11.11
C LYS A 1150 46.67 -3.05 12.05
N GLU A 1151 46.08 -2.80 13.22
CA GLU A 1151 45.82 -3.89 14.16
C GLU A 1151 44.92 -4.95 13.53
N ALA A 1152 43.88 -4.51 12.82
CA ALA A 1152 43.01 -5.43 12.10
C ALA A 1152 43.61 -5.89 10.78
N ASN A 1153 44.69 -5.25 10.34
CA ASN A 1153 45.38 -5.63 9.10
C ASN A 1153 44.46 -5.44 7.88
N ILE A 1154 44.00 -4.19 7.71
CA ILE A 1154 43.24 -3.81 6.52
C ILE A 1154 43.80 -2.51 5.97
N HIS A 1155 44.74 -1.89 6.70
CA HIS A 1155 45.27 -0.61 6.28
C HIS A 1155 45.83 -0.68 4.87
N ALA A 1156 46.59 -1.74 4.58
CA ALA A 1156 47.13 -1.90 3.23
C ALA A 1156 46.01 -2.04 2.20
N PHE A 1157 44.96 -2.79 2.55
CA PHE A 1157 43.86 -3.00 1.61
C PHE A 1157 43.20 -1.67 1.26
N ILE A 1158 42.96 -0.81 2.24
CA ILE A 1158 42.32 0.47 1.97
C ILE A 1158 43.27 1.38 1.21
N GLU A 1159 44.55 1.42 1.60
CA GLU A 1159 45.50 2.27 0.90
C GLU A 1159 45.64 1.87 -0.55
N SER A 1160 45.50 0.57 -0.84
CA SER A 1160 45.61 0.11 -2.22
C SER A 1160 44.51 0.70 -3.10
N LEU A 1161 43.29 0.76 -2.58
CA LEU A 1161 42.17 1.18 -3.39
C LEU A 1161 42.33 2.63 -3.84
N PRO A 1162 41.77 3.00 -4.99
CA PRO A 1162 41.86 4.38 -5.44
C PRO A 1162 41.26 5.34 -4.43
N ASN A 1163 41.88 6.51 -4.27
CA ASN A 1163 41.53 7.51 -3.28
C ASN A 1163 41.80 7.03 -1.86
N LYS A 1164 42.39 5.86 -1.69
CA LYS A 1164 42.68 5.32 -0.35
C LYS A 1164 41.33 5.13 0.36
N TYR A 1165 41.23 5.50 1.63
CA TYR A 1165 39.97 5.40 2.36
C TYR A 1165 38.90 6.33 1.82
N SER A 1166 39.26 7.31 0.99
CA SER A 1166 38.31 8.32 0.53
C SER A 1166 37.24 7.78 -0.41
N THR A 1167 37.23 6.48 -0.71
CA THR A 1167 36.23 5.94 -1.61
C THR A 1167 34.85 6.02 -0.99
N LYS A 1168 33.85 6.25 -1.84
CA LYS A 1168 32.45 6.27 -1.42
C LYS A 1168 31.88 4.87 -1.52
N VAL A 1169 31.32 4.37 -0.41
CA VAL A 1169 30.82 3.01 -0.37
C VAL A 1169 29.64 2.88 -1.33
N GLY A 1170 29.69 1.89 -2.21
CA GLY A 1170 28.57 1.61 -3.07
C GLY A 1170 27.37 1.10 -2.31
N ASP A 1171 26.21 1.17 -2.95
CA ASP A 1171 24.97 0.76 -2.29
C ASP A 1171 25.08 -0.68 -1.80
N LYS A 1172 24.68 -0.91 -0.55
CA LYS A 1172 24.75 -2.24 0.05
C LYS A 1172 26.15 -2.82 -0.05
N GLY A 1173 27.15 -1.98 0.23
CA GLY A 1173 28.54 -2.41 0.12
C GLY A 1173 28.93 -2.81 -1.29
N THR A 1174 28.44 -2.08 -2.29
CA THR A 1174 28.76 -2.41 -3.68
C THR A 1174 30.25 -2.25 -3.95
N GLN A 1175 30.84 -1.15 -3.48
CA GLN A 1175 32.25 -0.88 -3.78
C GLN A 1175 33.16 -1.93 -3.16
N LEU A 1176 32.89 -2.33 -1.92
CA LEU A 1176 33.76 -3.22 -1.17
C LEU A 1176 33.20 -4.63 -1.14
N SER A 1177 34.09 -5.61 -1.22
CA SER A 1177 33.69 -7.01 -1.11
C SER A 1177 33.36 -7.36 0.33
N GLY A 1178 32.50 -8.36 0.50
CA GLY A 1178 32.13 -8.79 1.84
C GLY A 1178 33.31 -9.26 2.66
N GLY A 1179 34.27 -9.93 2.01
CA GLY A 1179 35.45 -10.38 2.73
C GLY A 1179 36.19 -9.23 3.39
N GLN A 1180 36.38 -8.15 2.64
CA GLN A 1180 36.98 -6.96 3.23
C GLN A 1180 36.00 -6.22 4.12
N LYS A 1181 34.70 -6.35 3.86
CA LYS A 1181 33.71 -5.68 4.68
C LYS A 1181 33.73 -6.21 6.12
N GLN A 1182 33.87 -7.52 6.28
CA GLN A 1182 33.95 -8.10 7.62
C GLN A 1182 35.18 -7.59 8.36
N ARG A 1183 36.32 -7.51 7.67
CA ARG A 1183 37.53 -6.98 8.30
C ARG A 1183 37.35 -5.52 8.67
N ILE A 1184 36.67 -4.75 7.82
CA ILE A 1184 36.41 -3.35 8.14
C ILE A 1184 35.53 -3.25 9.38
N ALA A 1185 34.52 -4.12 9.48
CA ALA A 1185 33.68 -4.14 10.68
C ALA A 1185 34.51 -4.48 11.91
N ILE A 1186 35.42 -5.45 11.79
CA ILE A 1186 36.26 -5.81 12.92
C ILE A 1186 37.12 -4.62 13.34
N ALA A 1187 37.68 -3.91 12.37
CA ALA A 1187 38.46 -2.73 12.68
C ALA A 1187 37.61 -1.67 13.38
N ARG A 1188 36.38 -1.47 12.90
CA ARG A 1188 35.51 -0.48 13.54
C ARG A 1188 35.23 -0.86 14.98
N ALA A 1189 34.94 -2.14 15.23
CA ALA A 1189 34.70 -2.58 16.59
C ALA A 1189 35.93 -2.36 17.46
N LEU A 1190 37.11 -2.76 16.96
CA LEU A 1190 38.33 -2.62 17.74
C LEU A 1190 38.71 -1.16 17.97
N VAL A 1191 38.25 -0.24 17.12
CA VAL A 1191 38.65 1.15 17.25
C VAL A 1191 38.28 1.68 18.64
N ARG A 1192 37.11 1.32 19.14
CA ARG A 1192 36.68 1.79 20.45
C ARG A 1192 37.51 1.19 21.58
N GLN A 1193 38.26 0.13 21.32
CA GLN A 1193 39.01 -0.56 22.35
C GLN A 1193 38.06 -0.96 23.48
N PRO A 1194 37.04 -1.76 23.18
CA PRO A 1194 36.02 -2.04 24.19
C PRO A 1194 36.57 -2.87 25.35
N HIS A 1195 35.92 -2.72 26.50
CA HIS A 1195 36.26 -3.55 27.65
C HIS A 1195 35.94 -5.01 27.37
N ILE A 1196 34.81 -5.28 26.73
CA ILE A 1196 34.39 -6.63 26.39
C ILE A 1196 34.00 -6.65 24.92
N LEU A 1197 34.55 -7.61 24.18
CA LEU A 1197 34.28 -7.77 22.76
C LEU A 1197 33.40 -8.99 22.53
N LEU A 1198 32.48 -8.88 21.58
CA LEU A 1198 31.60 -9.97 21.21
C LEU A 1198 31.69 -10.20 19.71
N LEU A 1199 32.10 -11.40 19.32
CA LEU A 1199 32.23 -11.80 17.92
C LEU A 1199 31.28 -12.96 17.67
N ASP A 1200 30.39 -12.81 16.69
CA ASP A 1200 29.42 -13.83 16.34
C ASP A 1200 29.65 -14.23 14.89
N GLU A 1201 30.25 -15.40 14.69
CA GLU A 1201 30.57 -15.90 13.36
C GLU A 1201 31.45 -14.90 12.61
N ALA A 1202 32.42 -14.32 13.32
CA ALA A 1202 33.29 -13.30 12.71
C ALA A 1202 33.98 -13.83 11.47
N THR A 1203 34.27 -15.13 11.41
CA THR A 1203 34.91 -15.69 10.23
C THR A 1203 34.00 -15.60 9.02
N SER A 1204 32.72 -15.96 9.18
CA SER A 1204 31.76 -15.93 8.08
C SER A 1204 32.34 -16.62 6.84
N ALA A 1205 32.13 -16.04 5.66
CA ALA A 1205 32.63 -16.59 4.41
C ALA A 1205 33.78 -15.70 3.95
N LEU A 1206 35.01 -16.15 4.19
CA LEU A 1206 36.20 -15.38 3.84
C LEU A 1206 37.39 -16.33 3.78
N ASP A 1207 38.56 -15.78 3.48
CA ASP A 1207 39.78 -16.56 3.44
C ASP A 1207 40.20 -16.94 4.86
N THR A 1208 40.69 -18.17 5.01
CA THR A 1208 41.13 -18.63 6.33
C THR A 1208 42.24 -17.76 6.88
N GLU A 1209 43.11 -17.22 6.02
CA GLU A 1209 44.16 -16.33 6.48
C GLU A 1209 43.57 -15.05 7.08
N SER A 1210 42.46 -14.56 6.54
CA SER A 1210 41.82 -13.39 7.12
C SER A 1210 41.33 -13.68 8.53
N GLU A 1211 40.72 -14.84 8.73
CA GLU A 1211 40.30 -15.24 10.08
C GLU A 1211 41.51 -15.38 11.00
N LYS A 1212 42.60 -15.93 10.49
CA LYS A 1212 43.81 -16.06 11.30
C LYS A 1212 44.32 -14.69 11.71
N VAL A 1213 44.32 -13.72 10.79
CA VAL A 1213 44.80 -12.38 11.11
C VAL A 1213 43.90 -11.74 12.16
N VAL A 1214 42.58 -11.89 12.00
CA VAL A 1214 41.65 -11.30 12.97
C VAL A 1214 41.88 -11.92 14.34
N GLN A 1215 42.05 -13.24 14.40
CA GLN A 1215 42.29 -13.91 15.67
C GLN A 1215 43.61 -13.47 16.28
N GLU A 1216 44.64 -13.28 15.45
CA GLU A 1216 45.92 -12.81 15.96
C GLU A 1216 45.78 -11.41 16.56
N ALA A 1217 45.05 -10.53 15.87
CA ALA A 1217 44.83 -9.19 16.40
C ALA A 1217 44.09 -9.25 17.73
N LEU A 1218 43.03 -10.06 17.81
CA LEU A 1218 42.28 -10.19 19.05
C LEU A 1218 43.17 -10.72 20.17
N ASP A 1219 43.98 -11.74 19.87
CA ASP A 1219 44.86 -12.31 20.88
C ASP A 1219 45.87 -11.28 21.36
N LYS A 1220 46.44 -10.51 20.44
CA LYS A 1220 47.36 -9.44 20.84
C LYS A 1220 46.66 -8.46 21.78
N ALA A 1221 45.43 -8.06 21.43
CA ALA A 1221 44.65 -7.19 22.29
C ALA A 1221 43.79 -7.95 23.29
N ARG A 1222 43.80 -9.29 23.25
CA ARG A 1222 42.92 -10.06 24.12
C ARG A 1222 43.23 -9.82 25.59
N GLU A 1223 44.52 -9.80 25.94
CA GLU A 1223 44.89 -9.57 27.33
C GLU A 1223 44.27 -8.28 27.83
N GLY A 1224 43.65 -8.34 29.01
CA GLY A 1224 42.92 -7.20 29.51
C GLY A 1224 41.72 -6.84 28.66
N ARG A 1225 41.28 -7.74 27.77
CA ARG A 1225 40.13 -7.50 26.91
C ARG A 1225 39.33 -8.79 26.83
N THR A 1226 38.27 -8.88 27.65
CA THR A 1226 37.45 -10.08 27.66
C THR A 1226 36.77 -10.25 26.31
N CYS A 1227 36.62 -11.50 25.89
CA CYS A 1227 36.06 -11.83 24.58
C CYS A 1227 35.02 -12.93 24.72
N ILE A 1228 33.95 -12.79 23.94
CA ILE A 1228 32.96 -13.85 23.74
C ILE A 1228 32.91 -14.16 22.26
N VAL A 1229 33.00 -15.44 21.91
CA VAL A 1229 33.19 -15.87 20.53
C VAL A 1229 32.17 -16.93 20.18
N ILE A 1230 31.57 -16.81 18.99
CA ILE A 1230 30.65 -17.80 18.46
C ILE A 1230 30.98 -18.01 16.99
N ALA A 1231 31.02 -19.27 16.55
CA ALA A 1231 31.32 -19.58 15.17
C ALA A 1231 31.11 -21.07 14.95
N HIS A 1232 31.17 -21.48 13.68
CA HIS A 1232 31.01 -22.88 13.28
C HIS A 1232 32.33 -23.51 12.86
N ARG A 1233 33.46 -22.89 13.20
CA ARG A 1233 34.78 -23.44 12.91
C ARG A 1233 35.40 -23.94 14.22
N LEU A 1234 35.92 -25.17 14.19
CA LEU A 1234 36.48 -25.76 15.40
C LEU A 1234 37.80 -25.13 15.79
N SER A 1235 38.50 -24.48 14.86
CA SER A 1235 39.78 -23.86 15.20
C SER A 1235 39.61 -22.83 16.30
N THR A 1236 38.52 -22.05 16.24
CA THR A 1236 38.27 -21.07 17.30
C THR A 1236 38.15 -21.73 18.66
N ILE A 1237 37.81 -23.00 18.70
CA ILE A 1237 37.68 -23.70 19.98
C ILE A 1237 39.05 -24.13 20.51
N GLN A 1238 40.03 -24.32 19.62
CA GLN A 1238 41.33 -24.81 20.06
C GLN A 1238 42.00 -23.83 21.02
N ASN A 1239 41.96 -22.55 20.69
CA ASN A 1239 42.65 -21.53 21.47
C ASN A 1239 41.76 -20.88 22.53
N ALA A 1240 40.50 -21.29 22.65
CA ALA A 1240 39.60 -20.69 23.61
C ALA A 1240 40.12 -20.89 25.03
N ASP A 1241 40.13 -19.81 25.82
CA ASP A 1241 40.53 -19.92 27.21
C ASP A 1241 39.58 -20.82 27.99
N LEU A 1242 38.28 -20.68 27.74
CA LEU A 1242 37.28 -21.56 28.31
C LEU A 1242 36.17 -21.74 27.29
N ILE A 1243 35.39 -22.80 27.46
CA ILE A 1243 34.35 -23.16 26.51
C ILE A 1243 33.04 -23.36 27.24
N VAL A 1244 31.95 -23.21 26.49
CA VAL A 1244 30.61 -23.49 26.99
C VAL A 1244 29.74 -23.87 25.80
N VAL A 1245 28.80 -24.78 26.04
CA VAL A 1245 27.90 -25.28 24.99
C VAL A 1245 26.47 -25.09 25.47
N PHE A 1246 25.65 -24.47 24.63
CA PHE A 1246 24.25 -24.23 24.95
C PHE A 1246 23.41 -25.41 24.49
N GLN A 1247 22.44 -25.79 25.33
CA GLN A 1247 21.58 -26.93 25.04
C GLN A 1247 20.18 -26.61 25.54
N ASN A 1248 19.26 -26.40 24.60
CA ASN A 1248 17.85 -26.15 24.94
C ASN A 1248 17.72 -25.05 25.98
N GLY A 1249 18.52 -24.01 25.83
CA GLY A 1249 18.53 -22.90 26.77
C GLY A 1249 19.36 -23.15 28.02
N ARG A 1250 19.97 -24.32 28.16
CA ARG A 1250 20.79 -24.66 29.31
C ARG A 1250 22.18 -25.02 28.83
N VAL A 1251 23.19 -24.46 29.51
CA VAL A 1251 24.59 -24.76 29.18
C VAL A 1251 24.92 -26.12 29.76
N LYS A 1252 25.28 -27.07 28.88
CA LYS A 1252 25.50 -28.45 29.28
C LYS A 1252 26.96 -28.76 29.56
N GLU A 1253 27.87 -28.35 28.68
CA GLU A 1253 29.29 -28.61 28.83
C GLU A 1253 30.01 -27.33 29.24
N HIS A 1254 30.80 -27.41 30.31
CA HIS A 1254 31.57 -26.29 30.79
C HIS A 1254 32.97 -26.76 31.16
N GLY A 1255 33.97 -25.95 30.83
CA GLY A 1255 35.35 -26.23 31.11
C GLY A 1255 36.22 -25.94 29.92
N THR A 1256 37.44 -26.47 29.95
CA THR A 1256 38.40 -26.24 28.88
C THR A 1256 38.11 -27.15 27.69
N HIS A 1257 38.72 -26.80 26.56
CA HIS A 1257 38.56 -27.61 25.35
C HIS A 1257 39.15 -28.99 25.54
N GLN A 1258 40.32 -29.09 26.18
CA GLN A 1258 40.93 -30.39 26.42
C GLN A 1258 40.07 -31.23 27.36
N GLN A 1259 39.57 -30.63 28.44
CA GLN A 1259 38.72 -31.37 29.36
C GLN A 1259 37.43 -31.82 28.68
N LEU A 1260 36.83 -30.94 27.87
CA LEU A 1260 35.62 -31.32 27.15
C LEU A 1260 35.88 -32.44 26.16
N LEU A 1261 36.99 -32.37 25.44
CA LEU A 1261 37.33 -33.43 24.50
C LEU A 1261 37.54 -34.75 25.21
N ALA A 1262 38.23 -34.72 26.35
CA ALA A 1262 38.42 -35.95 27.13
C ALA A 1262 37.08 -36.52 27.55
N GLN A 1263 36.17 -35.67 28.01
CA GLN A 1263 34.78 -36.08 28.29
C GLN A 1263 34.03 -36.12 26.97
N LYS A 1264 34.26 -37.20 26.21
CA LYS A 1264 33.68 -37.32 24.88
C LYS A 1264 32.16 -37.19 24.96
N GLY A 1265 31.59 -36.43 24.04
CA GLY A 1265 30.18 -36.14 24.07
C GLY A 1265 29.78 -35.06 23.06
N ILE A 1266 29.03 -34.06 23.53
CA ILE A 1266 28.54 -33.03 22.62
C ILE A 1266 29.69 -32.36 21.89
N TYR A 1267 30.71 -31.91 22.64
CA TYR A 1267 31.85 -31.24 22.02
C TYR A 1267 32.63 -32.21 21.14
N PHE A 1268 32.92 -33.41 21.67
CA PHE A 1268 33.64 -34.41 20.89
C PHE A 1268 32.84 -34.83 19.67
N SER A 1269 31.53 -35.04 19.84
CA SER A 1269 30.70 -35.44 18.70
C SER A 1269 30.68 -34.36 17.62
N MET A 1270 30.54 -33.10 18.03
CA MET A 1270 30.55 -32.01 17.06
C MET A 1270 31.89 -31.94 16.33
N VAL A 1271 32.99 -32.07 17.08
CA VAL A 1271 34.31 -32.02 16.45
C VAL A 1271 34.47 -33.15 15.45
N SER A 1272 34.04 -34.37 15.84
CA SER A 1272 34.16 -35.50 14.93
C SER A 1272 33.31 -35.29 13.68
N VAL A 1273 32.09 -34.77 13.84
CA VAL A 1273 31.22 -34.55 12.69
C VAL A 1273 31.85 -33.53 11.75
N GLN A 1274 32.31 -32.40 12.29
CA GLN A 1274 32.90 -31.37 11.44
C GLN A 1274 34.30 -31.78 10.98
N ALA A 1275 35.11 -32.32 11.88
CA ALA A 1275 36.48 -32.71 11.54
C ALA A 1275 36.49 -34.09 10.89
PG ATP B . 21.34 -18.15 14.23
O1G ATP B . 22.47 -17.29 13.75
O2G ATP B . 20.07 -17.38 14.55
O3G ATP B . 21.01 -19.32 13.30
PB ATP B . 22.67 -18.60 16.88
O1B ATP B . 23.07 -19.85 17.53
O2B ATP B . 23.82 -17.69 16.42
O3B ATP B . 21.74 -18.84 15.61
PA ATP B . 20.64 -16.58 17.60
O1A ATP B . 20.50 -15.76 18.81
O2A ATP B . 21.03 -15.83 16.34
O3A ATP B . 21.72 -17.72 17.80
O5' ATP B . 19.33 -17.42 17.31
C5' ATP B . 18.15 -16.78 16.77
C4' ATP B . 16.94 -17.38 17.43
O4' ATP B . 16.01 -16.30 17.65
C3' ATP B . 16.20 -18.30 16.47
O3' ATP B . 15.23 -18.99 17.24
C2' ATP B . 15.42 -17.29 15.63
O2' ATP B . 14.24 -17.96 15.21
C1' ATP B . 14.95 -16.35 16.72
N9 ATP B . 14.77 -14.98 16.23
C8 ATP B . 15.52 -14.34 15.26
N7 ATP B . 15.13 -13.11 15.01
C5 ATP B . 14.07 -12.92 15.88
C6 ATP B . 13.22 -11.83 16.12
N6 ATP B . 13.33 -10.66 15.48
N1 ATP B . 12.25 -11.96 17.06
C2 ATP B . 12.15 -13.13 17.70
N3 ATP B . 12.89 -14.23 17.57
C4 ATP B . 13.84 -14.07 16.63
H5'1 ATP B . 18.18 -15.82 16.96
H5'2 ATP B . 18.10 -16.92 15.82
H4' ATP B . 17.18 -17.85 18.24
H3' ATP B . 16.78 -18.89 15.95
H2' ATP B . 15.92 -16.89 14.90
HO2' ATP B . 14.15 -17.82 14.38
H1' ATP B . 14.13 -16.66 17.13
H8 ATP B . 16.23 -14.75 14.82
HN61 ATP B . 13.94 -10.54 14.90
HN62 ATP B . 12.76 -10.02 15.64
H2 ATP B . 11.47 -13.18 18.34
MG MG C . 23.35 -16.27 15.13
MG MG D . 12.13 -32.85 -6.12
C71 VLB E . -26.47 21.33 -6.80
C70 VLB E . -25.02 21.76 -6.57
C54 VLB E . -24.74 23.10 -7.28
O72 VLB E . -25.05 22.77 -8.60
C55 VLB E . -25.65 24.16 -6.63
C53 VLB E . -23.27 23.54 -7.16
C52 VLB E . -23.00 25.01 -7.53
C51 VLB E . -22.70 25.14 -9.06
C69 VLB E . -24.07 25.92 -6.97
N56 VLB E . -25.45 25.52 -7.18
C57 VLB E . -25.96 25.50 -8.55
C58 VLB E . -26.08 26.73 -9.33
C59 VLB E . -24.91 27.44 -9.87
C60 VLB E . -25.35 28.67 -10.54
C61 VLB E . -26.61 29.21 -10.68
C62 VLB E . -26.69 30.41 -11.37
C63 VLB E . -25.55 31.03 -11.88
C64 VLB E . -24.29 30.52 -11.74
C65 VLB E . -24.24 29.30 -11.04
N66 VLB E . -23.16 28.53 -10.76
C67 VLB E . -23.52 27.38 -10.02
C68 VLB E . -22.32 26.51 -9.66
C73 VLB E . -21.73 26.35 -11.04
O74 VLB E . -21.10 27.26 -11.58
O75 VLB E . -21.89 25.18 -11.68
C76 VLB E . -21.21 25.11 -12.92
C15 VLB E . -21.26 27.23 -8.79
C14 VLB E . -21.25 28.64 -8.67
C13 VLB E . -20.32 29.28 -7.92
C12 VLB E . -20.09 30.74 -7.64
C19 VLB E . -19.87 31.40 -8.95
C11 VLB E . -21.26 31.46 -7.04
C10 VLB E . -21.14 32.88 -7.62
N9 VLB E . -19.99 32.84 -8.57
C8 VLB E . -20.29 33.57 -9.81
C7 VLB E . -19.16 33.35 -10.69
C6 VLB E . -18.30 32.31 -10.50
C5 VLB E . -18.57 31.17 -9.65
C20 VLB E . -18.66 29.90 -10.58
C21 VLB E . -17.57 29.91 -11.63
C4 VLB E . -17.42 31.00 -8.66
O28 VLB E . -16.21 31.44 -9.19
C29 VLB E . -15.12 30.76 -8.72
C30 VLB E . -13.95 31.54 -8.41
O31 VLB E . -15.21 29.52 -8.56
C3 VLB E . -17.64 31.60 -7.28
C23 VLB E . -16.46 31.59 -6.28
O24 VLB E . -16.27 30.57 -5.61
O25 VLB E . -15.60 32.60 -6.09
C26 VLB E . -16.00 33.61 -5.18
O27 VLB E . -17.96 32.93 -7.52
C2 VLB E . -18.86 30.80 -6.71
N1 VLB E . -18.44 29.36 -6.51
C22 VLB E . -18.74 29.04 -5.09
C18 VLB E . -19.35 28.59 -7.26
C17 VLB E . -19.29 27.21 -7.33
C16 VLB E . -20.23 26.55 -8.11
O32 VLB E . -20.10 25.20 -8.11
C33 VLB E . -19.19 24.79 -9.13
H711 VLB E . -27.13 21.78 -6.05
H712 VLB E . -26.85 21.57 -7.79
H713 VLB E . -26.60 20.25 -6.70
H701 VLB E . -24.79 21.84 -5.48
H702 VLB E . -24.31 21.02 -6.94
H72 VLB E . -24.49 22.04 -8.88
H551 VLB E . -26.72 23.89 -6.70
H552 VLB E . -25.48 24.19 -5.54
H531 VLB E . -22.93 23.30 -6.14
H532 VLB E . -22.64 22.86 -7.78
H52 VLB E . -22.09 25.29 -6.99
H511 VLB E . -21.90 24.43 -9.32
H512 VLB E . -23.50 24.77 -9.70
H691 VLB E . -23.93 26.00 -5.86
H692 VLB E . -23.93 26.96 -7.30
H571 VLB E . -25.43 24.89 -9.26
H572 VLB E . -26.95 24.98 -8.54
H581 VLB E . -26.74 26.50 -10.19
H582 VLB E . -26.67 27.43 -8.70
H61 VLB E . -27.48 28.69 -10.28
H62 VLB E . -27.67 30.85 -11.51
H63 VLB E . -25.65 31.98 -12.41
H64 VLB E . -23.37 30.94 -12.11
H66 VLB E . -22.20 28.79 -11.01
H761 VLB E . -21.25 24.08 -13.28
H762 VLB E . -21.63 25.82 -13.66
H763 VLB E . -20.14 25.38 -12.82
H14 VLB E . -21.98 29.26 -9.16
H19 VLB E . -20.66 31.08 -9.71
H111 VLB E . -22.19 30.97 -7.31
H112 VLB E . -21.25 31.44 -5.92
H101 VLB E . -22.07 33.20 -8.14
H102 VLB E . -20.94 33.66 -6.87
H81 VLB E . -21.22 33.26 -10.34
H82 VLB E . -20.40 34.66 -9.62
H7 VLB E . -19.04 33.93 -11.55
H6 VLB E . -17.31 32.42 -10.89
H201 VLB E . -18.61 29.02 -9.92
H202 VLB E . -19.67 29.82 -11.05
H211 VLB E . -17.32 28.91 -12.01
H212 VLB E . -17.77 30.58 -12.48
H213 VLB E . -16.66 30.33 -11.20
H4 VLB E . -17.36 29.86 -8.53
H301 VLB E . -13.09 31.09 -8.91
H302 VLB E . -14.12 32.56 -8.79
H303 VLB E . -13.84 31.56 -7.32
H261 VLB E . -16.97 34.03 -5.49
H262 VLB E . -16.11 33.26 -4.14
H263 VLB E . -15.28 34.43 -5.15
H27 VLB E . -17.14 33.42 -7.60
H2 VLB E . -19.15 31.26 -5.75
H221 VLB E . -18.32 28.05 -4.90
H222 VLB E . -18.30 29.82 -4.49
H223 VLB E . -19.83 29.03 -4.92
H17 VLB E . -18.50 26.69 -6.79
H331 VLB E . -19.32 23.71 -9.23
H332 VLB E . -19.41 25.32 -10.07
H333 VLB E . -18.13 25.00 -8.90
C71 VLB F . -17.49 23.24 -6.58
C70 VLB F . -16.76 22.65 -7.79
C54 VLB F . -15.41 23.34 -8.00
O72 VLB F . -15.74 24.66 -7.71
C55 VLB F . -14.37 22.69 -7.03
C53 VLB F . -14.92 23.19 -9.44
C52 VLB F . -13.48 23.66 -9.67
C51 VLB F . -13.48 25.21 -9.86
C69 VLB F . -12.55 23.09 -8.59
N56 VLB F . -12.98 23.24 -7.18
C57 VLB F . -13.01 24.59 -6.59
C58 VLB F . -11.81 25.46 -6.49
C59 VLB F . -11.31 26.28 -7.62
C60 VLB F . -10.32 27.27 -7.14
C61 VLB F . -9.83 27.52 -5.85
C62 VLB F . -8.90 28.54 -5.74
C63 VLB F . -8.48 29.27 -6.86
C64 VLB F . -8.94 29.03 -8.12
C65 VLB F . -9.88 28.00 -8.22
N66 VLB F . -10.52 27.54 -9.32
C67 VLB F . -11.41 26.47 -8.99
C68 VLB F . -12.14 25.92 -10.20
C73 VLB F . -12.37 27.21 -10.96
O74 VLB F . -11.85 27.43 -12.05
O75 VLB F . -13.15 28.17 -10.42
C76 VLB F . -14.49 28.14 -10.90
C15 VLB F . -11.29 25.03 -11.08
C14 VLB F . -9.99 24.69 -10.68
C13 VLB F . -9.22 23.89 -11.48
C12 VLB F . -7.82 23.36 -11.33
C19 VLB F . -6.95 24.52 -10.95
C11 VLB F . -7.64 22.37 -10.18
C10 VLB F . -6.35 22.84 -9.47
N9 VLB F . -5.75 23.79 -10.44
C8 VLB F . -4.88 24.77 -9.81
C7 VLB F . -4.40 25.62 -10.90
C6 VLB F . -5.21 25.93 -11.95
C5 VLB F . -6.61 25.51 -12.03
C20 VLB F . -7.48 26.82 -11.90
C21 VLB F . -7.18 27.61 -10.63
C4 VLB F . -6.84 24.95 -13.44
O28 VLB F . -6.22 25.74 -14.42
C29 VLB F . -6.94 25.89 -15.56
C30 VLB F . -8.15 26.69 -15.53
O31 VLB F . -6.49 25.34 -16.60
C3 VLB F . -6.51 23.46 -13.66
C23 VLB F . -6.65 22.91 -15.09
O24 VLB F . -5.77 22.13 -15.50
O25 VLB F . -7.66 23.18 -15.94
C26 VLB F . -7.86 22.26 -17.01
O27 VLB F . -5.19 23.30 -13.29
C2 VLB F . -7.48 22.70 -12.70
N1 VLB F . -8.81 22.59 -13.42
C22 VLB F . -9.31 21.22 -13.25
C18 VLB F . -9.70 23.41 -12.67
C17 VLB F . -10.96 23.71 -13.11
C16 VLB F . -11.75 24.53 -12.30
O32 VLB F . -12.99 24.79 -12.79
C33 VLB F . -12.90 25.60 -13.96
H711 VLB F . -16.85 23.22 -5.69
H712 VLB F . -17.86 24.26 -6.74
H713 VLB F . -18.38 22.66 -6.32
H701 VLB F . -16.64 21.55 -7.67
H702 VLB F . -17.34 22.75 -8.72
H72 VLB F . -15.95 25.09 -8.54
H551 VLB F . -14.68 22.76 -5.97
H552 VLB F . -14.33 21.59 -7.20
H531 VLB F . -15.06 22.14 -9.76
H532 VLB F . -15.62 23.73 -10.11
H52 VLB F . -13.15 23.21 -10.62
H511 VLB F . -14.19 25.46 -10.66
H512 VLB F . -13.88 25.76 -9.00
H691 VLB F . -12.45 21.98 -8.76
H692 VLB F . -11.52 23.43 -8.71
H571 VLB F . -13.71 25.30 -7.02
H572 VLB F . -13.44 24.49 -5.57
H581 VLB F . -12.02 26.17 -5.66
H582 VLB F . -10.99 24.80 -6.11
H61 VLB F . -10.19 26.93 -5.02
H62 VLB F . -8.50 28.76 -4.76
H63 VLB F . -7.75 30.06 -6.74
H64 VLB F . -8.66 29.55 -9.03
H66 VLB F . -10.35 27.92 -10.25
H761 VLB F . -14.83 29.16 -11.01
H762 VLB F . -14.57 27.58 -11.84
H763 VLB F . -15.17 27.65 -10.17
H14 VLB F . -9.56 25.05 -9.74
H19 VLB F . -7.44 25.13 -10.15
H111 VLB F . -8.51 22.37 -9.52
H112 VLB F . -7.57 21.33 -10.53
H101 VLB F . -6.57 23.34 -8.50
H102 VLB F . -5.63 22.04 -9.26
H81 VLB F . -5.34 25.43 -9.04
H82 VLB F . -4.00 24.29 -9.31
H7 VLB F . -3.47 26.08 -10.85
H6 VLB F . -4.90 26.68 -12.62
H201 VLB F . -7.25 27.40 -12.80
H202 VLB F . -8.56 26.57 -12.00
H211 VLB F . -6.13 27.67 -10.35
H212 VLB F . -7.60 28.64 -10.64
H213 VLB F . -7.72 27.17 -9.77
H4 VLB F . -7.98 25.05 -13.58
H301 VLB F . -8.34 27.08 -16.53
H302 VLB F . -8.98 26.04 -15.22
H303 VLB F . -8.01 27.47 -14.79
H261 VLB F . -8.58 22.67 -17.74
H262 VLB F . -6.94 22.00 -17.58
H263 VLB F . -8.28 21.31 -16.64
H27 VLB F . -5.12 22.51 -12.75
H2 VLB F . -7.05 21.68 -12.52
H221 VLB F . -10.15 21.11 -13.94
H222 VLB F . -8.49 20.54 -13.46
H223 VLB F . -9.65 21.04 -12.21
H17 VLB F . -11.30 23.31 -14.07
H331 VLB F . -13.73 26.31 -13.91
H332 VLB F . -11.93 26.12 -14.03
H333 VLB F . -13.00 25.04 -14.90
PG ATP G . 13.92 -30.64 -5.77
O1G ATP G . 15.35 -30.60 -5.38
O2G ATP G . 13.09 -31.68 -5.00
O3G ATP G . 13.22 -29.28 -5.70
PB ATP G . 13.86 -32.38 -8.22
O1B ATP G . 15.20 -33.01 -8.14
O2B ATP G . 12.69 -33.28 -7.86
O3B ATP G . 13.77 -31.08 -7.30
PA ATP G . 13.05 -30.40 -10.25
O1A ATP G . 11.82 -30.60 -11.05
O2A ATP G . 12.90 -29.44 -9.08
O3A ATP G . 13.58 -31.78 -9.66
O5' ATP G . 14.25 -29.91 -11.15
C5' ATP G . 14.14 -28.72 -11.96
C4' ATP G . 15.08 -27.67 -11.41
O4' ATP G . 14.59 -26.35 -11.76
C3' ATP G . 15.23 -27.66 -9.89
O3' ATP G . 16.52 -27.18 -9.52
C2' ATP G . 14.14 -26.70 -9.46
O2' ATP G . 14.44 -26.09 -8.21
C1' ATP G . 14.20 -25.66 -10.59
N9 ATP G . 12.92 -25.00 -10.86
C8 ATP G . 11.76 -25.12 -10.15
N7 ATP G . 10.77 -24.40 -10.61
C5 ATP G . 11.31 -23.76 -11.71
C6 ATP G . 10.78 -22.86 -12.65
N6 ATP G . 9.51 -22.42 -12.62
N1 ATP G . 11.61 -22.40 -13.62
C2 ATP G . 12.87 -22.83 -13.64
N3 ATP G . 13.48 -23.68 -12.83
C4 ATP G . 12.65 -24.11 -11.87
#